data_4BEA
# 
_entry.id   4BEA 
# 
_audit_conform.dict_name       mmcif_pdbx.dic 
_audit_conform.dict_version    5.397 
_audit_conform.dict_location   http://mmcif.pdb.org/dictionaries/ascii/mmcif_pdbx.dic 
# 
loop_
_database_2.database_id 
_database_2.database_code 
_database_2.pdbx_database_accession 
_database_2.pdbx_DOI 
PDB   4BEA         pdb_00004bea 10.2210/pdb4bea/pdb 
PDBE  EBI-55967    ?            ?                   
WWPDB D_1290055967 ?            ?                   
# 
loop_
_pdbx_audit_revision_history.ordinal 
_pdbx_audit_revision_history.data_content_type 
_pdbx_audit_revision_history.major_revision 
_pdbx_audit_revision_history.minor_revision 
_pdbx_audit_revision_history.revision_date 
1 'Structure model' 1 0 2013-12-11 
2 'Structure model' 1 1 2014-01-08 
3 'Structure model' 1 2 2018-04-04 
4 'Structure model' 2 0 2023-03-15 
5 'Structure model' 2 1 2024-02-07 
6 'Structure model' 2 2 2024-10-16 
# 
_pdbx_audit_revision_details.ordinal             1 
_pdbx_audit_revision_details.revision_ordinal    1 
_pdbx_audit_revision_details.data_content_type   'Structure model' 
_pdbx_audit_revision_details.provider            repository 
_pdbx_audit_revision_details.type                'Initial release' 
_pdbx_audit_revision_details.description         ? 
_pdbx_audit_revision_details.details             ? 
# 
loop_
_pdbx_audit_revision_group.ordinal 
_pdbx_audit_revision_group.revision_ordinal 
_pdbx_audit_revision_group.data_content_type 
_pdbx_audit_revision_group.group 
1  2 'Structure model' 'Database references'     
2  3 'Structure model' 'Data collection'         
3  4 'Structure model' 'Atomic model'            
4  4 'Structure model' 'Database references'     
5  4 'Structure model' 'Derived calculations'    
6  4 'Structure model' 'Non-polymer description' 
7  4 'Structure model' Other                     
8  4 'Structure model' 'Polymer sequence'        
9  4 'Structure model' 'Source and taxonomy'     
10 4 'Structure model' 'Structure summary'       
11 5 'Structure model' 'Data collection'         
12 5 'Structure model' 'Refinement description'  
13 6 'Structure model' 'Structure summary'       
# 
loop_
_pdbx_audit_revision_category.ordinal 
_pdbx_audit_revision_category.revision_ordinal 
_pdbx_audit_revision_category.data_content_type 
_pdbx_audit_revision_category.category 
1  3 'Structure model' diffrn_source                 
2  4 'Structure model' atom_site                     
3  4 'Structure model' chem_comp                     
4  4 'Structure model' database_2                    
5  4 'Structure model' entity                        
6  4 'Structure model' entity_name_com               
7  4 'Structure model' entity_poly                   
8  4 'Structure model' entity_poly_seq               
9  4 'Structure model' entity_src_gen                
10 4 'Structure model' pdbx_database_status          
11 4 'Structure model' pdbx_entity_src_syn           
12 4 'Structure model' pdbx_poly_seq_scheme          
13 4 'Structure model' struct_conn                   
14 4 'Structure model' struct_ref                    
15 5 'Structure model' chem_comp_atom                
16 5 'Structure model' chem_comp_bond                
17 5 'Structure model' pdbx_initial_refinement_model 
18 6 'Structure model' pdbx_entry_details            
19 6 'Structure model' pdbx_modification_feature     
# 
loop_
_pdbx_audit_revision_item.ordinal 
_pdbx_audit_revision_item.revision_ordinal 
_pdbx_audit_revision_item.data_content_type 
_pdbx_audit_revision_item.item 
1  3 'Structure model' '_diffrn_source.type'                           
2  4 'Structure model' '_atom_site.auth_comp_id'                       
3  4 'Structure model' '_atom_site.label_comp_id'                      
4  4 'Structure model' '_chem_comp.formula'                            
5  4 'Structure model' '_chem_comp.formula_weight'                     
6  4 'Structure model' '_chem_comp.id'                                 
7  4 'Structure model' '_chem_comp.name'                               
8  4 'Structure model' '_database_2.pdbx_DOI'                          
9  4 'Structure model' '_database_2.pdbx_database_accession'           
10 4 'Structure model' '_entity.formula_weight'                        
11 4 'Structure model' '_entity.pdbx_description'                      
12 4 'Structure model' '_entity_name_com.name'                         
13 4 'Structure model' '_entity_poly.pdbx_seq_one_letter_code'         
14 4 'Structure model' '_entity_poly_seq.mon_id'                       
15 4 'Structure model' '_entity_src_gen.gene_src_common_name'          
16 4 'Structure model' '_entity_src_gen.pdbx_beg_seq_num'              
17 4 'Structure model' '_entity_src_gen.pdbx_end_seq_num'              
18 4 'Structure model' '_entity_src_gen.pdbx_gene_src_gene'            
19 4 'Structure model' '_entity_src_gen.pdbx_gene_src_scientific_name' 
20 4 'Structure model' '_entity_src_gen.pdbx_seq_type'                 
21 4 'Structure model' '_pdbx_database_status.status_code_sf'          
22 4 'Structure model' '_pdbx_entity_src_syn.pdbx_beg_seq_num'         
23 4 'Structure model' '_pdbx_entity_src_syn.pdbx_end_seq_num'         
24 4 'Structure model' '_pdbx_poly_seq_scheme.mon_id'                  
25 4 'Structure model' '_pdbx_poly_seq_scheme.pdb_mon_id'              
26 4 'Structure model' '_struct_conn.pdbx_dist_value'                  
27 4 'Structure model' '_struct_conn.pdbx_leaving_atom_flag'           
28 4 'Structure model' '_struct_conn.ptnr1_auth_comp_id'               
29 4 'Structure model' '_struct_conn.ptnr1_auth_seq_id'                
30 4 'Structure model' '_struct_conn.ptnr1_label_atom_id'              
31 4 'Structure model' '_struct_conn.ptnr1_label_comp_id'              
32 4 'Structure model' '_struct_conn.ptnr1_label_seq_id'               
33 4 'Structure model' '_struct_conn.ptnr2_auth_comp_id'               
34 4 'Structure model' '_struct_conn.ptnr2_auth_seq_id'                
35 4 'Structure model' '_struct_conn.ptnr2_label_atom_id'              
36 4 'Structure model' '_struct_conn.ptnr2_label_comp_id'              
37 4 'Structure model' '_struct_conn.ptnr2_label_seq_id'               
38 4 'Structure model' '_struct_ref.pdbx_align_begin'                  
39 4 'Structure model' '_struct_ref.pdbx_seq_one_letter_code'          
# 
_pdbx_database_status.status_code                     REL 
_pdbx_database_status.entry_id                        4BEA 
_pdbx_database_status.deposit_site                    PDBE 
_pdbx_database_status.process_site                    PDBE 
_pdbx_database_status.SG_entry                        . 
_pdbx_database_status.recvd_initial_deposition_date   2013-03-07 
_pdbx_database_status.pdb_format_compatible           Y 
_pdbx_database_status.status_code_sf                  REL 
_pdbx_database_status.status_code_mr                  ? 
_pdbx_database_status.status_code_cs                  ? 
_pdbx_database_status.methods_development_category    ? 
_pdbx_database_status.status_code_nmr_data            ? 
# 
loop_
_audit_author.name 
_audit_author.pdbx_ordinal 
'Quah, S.T.'  1 
'Lama, D.'    2 
'Verma, C.S.' 3 
'Lane, D.P.'  4 
'Brown, C.J.' 5 
# 
_citation.id                        primary 
_citation.title                     
'Rational Optimization of Conformational Effects Induced by Hydrocarbon Staples in Peptides and Their Binding Interfaces.' 
_citation.journal_abbrev            Sci.Rep. 
_citation.journal_volume            3 
_citation.page_first                3451 
_citation.page_last                 ? 
_citation.year                      2013 
_citation.journal_id_ASTM           ? 
_citation.country                   UK 
_citation.journal_id_ISSN           2045-2322 
_citation.journal_id_CSD            ? 
_citation.book_publisher            ? 
_citation.pdbx_database_id_PubMed   24336354 
_citation.pdbx_database_id_DOI      10.1038/SREP03451 
# 
loop_
_citation_author.citation_id 
_citation_author.name 
_citation_author.ordinal 
_citation_author.identifier_ORCID 
primary 'Lama, D.'             1 ? 
primary 'Quah, S.T.'           2 ? 
primary 'Verma, C.S.'          3 ? 
primary 'Lakshminarayanan, R.' 4 ? 
primary 'Beuerman, R.W.'       5 ? 
primary 'Lane, D.P.'           6 ? 
primary 'Brown, C.J.'          7 ? 
# 
loop_
_entity.id 
_entity.type 
_entity.src_method 
_entity.pdbx_description 
_entity.formula_weight 
_entity.pdbx_number_of_molecules 
_entity.pdbx_ec 
_entity.pdbx_mutation 
_entity.pdbx_fragment 
_entity.details 
1 polymer man 'Eukaryotic translation initiation factor 4E' 25130.242 1  ? ? ? ? 
2 polymer syn 'STAPLED EIF4E INTERACTING PEPTIDE'           1560.992  1  ? ? ? ? 
3 water   nat water                                         18.015    28 ? ? ? ? 
# 
_entity_name_com.entity_id   1 
_entity_name_com.name        'eIF4E,eIF-4F 25 kDa subunit,mRNA cap-binding protein' 
# 
loop_
_entity_poly.entity_id 
_entity_poly.type 
_entity_poly.nstd_linkage 
_entity_poly.nstd_monomer 
_entity_poly.pdbx_seq_one_letter_code 
_entity_poly.pdbx_seq_one_letter_code_can 
_entity_poly.pdbx_strand_id 
_entity_poly.pdbx_target_identifier 
1 'polypeptide(L)' no no  
;MATVEPETTPTPNPPTTEEEKTESNQEVANPEHYIKHPLQNRWALWFFKNDKSKTWQANLRLISKFDTVEDFWALYNHIQ
LSSNLMPGCDYSLFKDGIEPMWEDEKNKRGGRWLITLNKQQRRSDLDRFWLETLLCLIGESFDDYSDDVCGAVVNVRAKG
DKIAIWTTECENREAVTHIGRVYKERLGLPPKIVIGYQSHADTATKSGSTTKNRFVV
;
;MATVEPETTPTPNPPTTEEEKTESNQEVANPEHYIKHPLQNRWALWFFKNDKSKTWQANLRLISKFDTVEDFWALYNHIQ
LSSNLMPGCDYSLFKDGIEPMWEDEKNKRGGRWLITLNKQQRRSDLDRFWLETLLCLIGESFDDYSDDVCGAVVNVRAKG
DKIAIWTTECENREAVTHIGRVYKERLGLPPKIVIGYQSHADTATKSGSTTKNRFVV
;
A ? 
2 'polypeptide(L)' no yes 'KKRYSR(MK8)QLL(MK8)L(NH2)' KKRYSRLQLLLLX B ? 
# 
_pdbx_entity_nonpoly.entity_id   3 
_pdbx_entity_nonpoly.name        water 
_pdbx_entity_nonpoly.comp_id     HOH 
# 
loop_
_entity_poly_seq.entity_id 
_entity_poly_seq.num 
_entity_poly_seq.mon_id 
_entity_poly_seq.hetero 
1 1   MET n 
1 2   ALA n 
1 3   THR n 
1 4   VAL n 
1 5   GLU n 
1 6   PRO n 
1 7   GLU n 
1 8   THR n 
1 9   THR n 
1 10  PRO n 
1 11  THR n 
1 12  PRO n 
1 13  ASN n 
1 14  PRO n 
1 15  PRO n 
1 16  THR n 
1 17  THR n 
1 18  GLU n 
1 19  GLU n 
1 20  GLU n 
1 21  LYS n 
1 22  THR n 
1 23  GLU n 
1 24  SER n 
1 25  ASN n 
1 26  GLN n 
1 27  GLU n 
1 28  VAL n 
1 29  ALA n 
1 30  ASN n 
1 31  PRO n 
1 32  GLU n 
1 33  HIS n 
1 34  TYR n 
1 35  ILE n 
1 36  LYS n 
1 37  HIS n 
1 38  PRO n 
1 39  LEU n 
1 40  GLN n 
1 41  ASN n 
1 42  ARG n 
1 43  TRP n 
1 44  ALA n 
1 45  LEU n 
1 46  TRP n 
1 47  PHE n 
1 48  PHE n 
1 49  LYS n 
1 50  ASN n 
1 51  ASP n 
1 52  LYS n 
1 53  SER n 
1 54  LYS n 
1 55  THR n 
1 56  TRP n 
1 57  GLN n 
1 58  ALA n 
1 59  ASN n 
1 60  LEU n 
1 61  ARG n 
1 62  LEU n 
1 63  ILE n 
1 64  SER n 
1 65  LYS n 
1 66  PHE n 
1 67  ASP n 
1 68  THR n 
1 69  VAL n 
1 70  GLU n 
1 71  ASP n 
1 72  PHE n 
1 73  TRP n 
1 74  ALA n 
1 75  LEU n 
1 76  TYR n 
1 77  ASN n 
1 78  HIS n 
1 79  ILE n 
1 80  GLN n 
1 81  LEU n 
1 82  SER n 
1 83  SER n 
1 84  ASN n 
1 85  LEU n 
1 86  MET n 
1 87  PRO n 
1 88  GLY n 
1 89  CYS n 
1 90  ASP n 
1 91  TYR n 
1 92  SER n 
1 93  LEU n 
1 94  PHE n 
1 95  LYS n 
1 96  ASP n 
1 97  GLY n 
1 98  ILE n 
1 99  GLU n 
1 100 PRO n 
1 101 MET n 
1 102 TRP n 
1 103 GLU n 
1 104 ASP n 
1 105 GLU n 
1 106 LYS n 
1 107 ASN n 
1 108 LYS n 
1 109 ARG n 
1 110 GLY n 
1 111 GLY n 
1 112 ARG n 
1 113 TRP n 
1 114 LEU n 
1 115 ILE n 
1 116 THR n 
1 117 LEU n 
1 118 ASN n 
1 119 LYS n 
1 120 GLN n 
1 121 GLN n 
1 122 ARG n 
1 123 ARG n 
1 124 SER n 
1 125 ASP n 
1 126 LEU n 
1 127 ASP n 
1 128 ARG n 
1 129 PHE n 
1 130 TRP n 
1 131 LEU n 
1 132 GLU n 
1 133 THR n 
1 134 LEU n 
1 135 LEU n 
1 136 CYS n 
1 137 LEU n 
1 138 ILE n 
1 139 GLY n 
1 140 GLU n 
1 141 SER n 
1 142 PHE n 
1 143 ASP n 
1 144 ASP n 
1 145 TYR n 
1 146 SER n 
1 147 ASP n 
1 148 ASP n 
1 149 VAL n 
1 150 CYS n 
1 151 GLY n 
1 152 ALA n 
1 153 VAL n 
1 154 VAL n 
1 155 ASN n 
1 156 VAL n 
1 157 ARG n 
1 158 ALA n 
1 159 LYS n 
1 160 GLY n 
1 161 ASP n 
1 162 LYS n 
1 163 ILE n 
1 164 ALA n 
1 165 ILE n 
1 166 TRP n 
1 167 THR n 
1 168 THR n 
1 169 GLU n 
1 170 CYS n 
1 171 GLU n 
1 172 ASN n 
1 173 ARG n 
1 174 GLU n 
1 175 ALA n 
1 176 VAL n 
1 177 THR n 
1 178 HIS n 
1 179 ILE n 
1 180 GLY n 
1 181 ARG n 
1 182 VAL n 
1 183 TYR n 
1 184 LYS n 
1 185 GLU n 
1 186 ARG n 
1 187 LEU n 
1 188 GLY n 
1 189 LEU n 
1 190 PRO n 
1 191 PRO n 
1 192 LYS n 
1 193 ILE n 
1 194 VAL n 
1 195 ILE n 
1 196 GLY n 
1 197 TYR n 
1 198 GLN n 
1 199 SER n 
1 200 HIS n 
1 201 ALA n 
1 202 ASP n 
1 203 THR n 
1 204 ALA n 
1 205 THR n 
1 206 LYS n 
1 207 SER n 
1 208 GLY n 
1 209 SER n 
1 210 THR n 
1 211 THR n 
1 212 LYS n 
1 213 ASN n 
1 214 ARG n 
1 215 PHE n 
1 216 VAL n 
1 217 VAL n 
2 1   LYS n 
2 2   LYS n 
2 3   ARG n 
2 4   TYR n 
2 5   SER n 
2 6   ARG n 
2 7   MK8 n 
2 8   GLN n 
2 9   LEU n 
2 10  LEU n 
2 11  MK8 n 
2 12  LEU n 
2 13  NH2 n 
# 
_entity_src_gen.entity_id                          1 
_entity_src_gen.pdbx_src_id                        1 
_entity_src_gen.pdbx_alt_source_flag               sample 
_entity_src_gen.pdbx_seq_type                      'Biological sequence' 
_entity_src_gen.pdbx_beg_seq_num                   1 
_entity_src_gen.pdbx_end_seq_num                   217 
_entity_src_gen.gene_src_common_name               human 
_entity_src_gen.gene_src_genus                     ? 
_entity_src_gen.pdbx_gene_src_gene                 'EIF4E, EIF4EL1, EIF4F' 
_entity_src_gen.gene_src_species                   ? 
_entity_src_gen.gene_src_strain                    ? 
_entity_src_gen.gene_src_tissue                    ? 
_entity_src_gen.gene_src_tissue_fraction           ? 
_entity_src_gen.gene_src_details                   ? 
_entity_src_gen.pdbx_gene_src_fragment             ? 
_entity_src_gen.pdbx_gene_src_scientific_name      'Homo sapiens' 
_entity_src_gen.pdbx_gene_src_ncbi_taxonomy_id     9606 
_entity_src_gen.pdbx_gene_src_variant              ? 
_entity_src_gen.pdbx_gene_src_cell_line            ? 
_entity_src_gen.pdbx_gene_src_atcc                 ? 
_entity_src_gen.pdbx_gene_src_organ                ? 
_entity_src_gen.pdbx_gene_src_organelle            ? 
_entity_src_gen.pdbx_gene_src_cell                 ? 
_entity_src_gen.pdbx_gene_src_cellular_location    ? 
_entity_src_gen.host_org_common_name               ? 
_entity_src_gen.pdbx_host_org_scientific_name      'ESCHERICHIA COLI' 
_entity_src_gen.pdbx_host_org_ncbi_taxonomy_id     469008 
_entity_src_gen.host_org_genus                     ? 
_entity_src_gen.pdbx_host_org_gene                 ? 
_entity_src_gen.pdbx_host_org_organ                ? 
_entity_src_gen.host_org_species                   ? 
_entity_src_gen.pdbx_host_org_tissue               ? 
_entity_src_gen.pdbx_host_org_tissue_fraction      ? 
_entity_src_gen.pdbx_host_org_strain               'BL21(DE3)' 
_entity_src_gen.pdbx_host_org_variant              ? 
_entity_src_gen.pdbx_host_org_cell_line            ? 
_entity_src_gen.pdbx_host_org_atcc                 ? 
_entity_src_gen.pdbx_host_org_culture_collection   ? 
_entity_src_gen.pdbx_host_org_cell                 ? 
_entity_src_gen.pdbx_host_org_organelle            ? 
_entity_src_gen.pdbx_host_org_cellular_location    ? 
_entity_src_gen.pdbx_host_org_vector_type          PLASMID 
_entity_src_gen.pdbx_host_org_vector               PET11D 
_entity_src_gen.host_org_details                   ? 
_entity_src_gen.expression_system_id               ? 
_entity_src_gen.plasmid_name                       ? 
_entity_src_gen.plasmid_details                    ? 
_entity_src_gen.pdbx_description                   ? 
# 
_pdbx_entity_src_syn.entity_id              2 
_pdbx_entity_src_syn.pdbx_src_id            1 
_pdbx_entity_src_syn.pdbx_alt_source_flag   sample 
_pdbx_entity_src_syn.pdbx_beg_seq_num       1 
_pdbx_entity_src_syn.pdbx_end_seq_num       13 
_pdbx_entity_src_syn.organism_scientific    'SYNTHETIC CONSTRUCT' 
_pdbx_entity_src_syn.organism_common_name   ? 
_pdbx_entity_src_syn.ncbi_taxonomy_id       32630 
_pdbx_entity_src_syn.details                ? 
# 
loop_
_chem_comp.id 
_chem_comp.type 
_chem_comp.mon_nstd_flag 
_chem_comp.name 
_chem_comp.pdbx_synonyms 
_chem_comp.formula 
_chem_comp.formula_weight 
ALA 'L-peptide linking' y ALANINE               ? 'C3 H7 N O2'     89.093  
ARG 'L-peptide linking' y ARGININE              ? 'C6 H15 N4 O2 1' 175.209 
ASN 'L-peptide linking' y ASPARAGINE            ? 'C4 H8 N2 O3'    132.118 
ASP 'L-peptide linking' y 'ASPARTIC ACID'       ? 'C4 H7 N O4'     133.103 
CYS 'L-peptide linking' y CYSTEINE              ? 'C3 H7 N O2 S'   121.158 
GLN 'L-peptide linking' y GLUTAMINE             ? 'C5 H10 N2 O3'   146.144 
GLU 'L-peptide linking' y 'GLUTAMIC ACID'       ? 'C5 H9 N O4'     147.129 
GLY 'peptide linking'   y GLYCINE               ? 'C2 H5 N O2'     75.067  
HIS 'L-peptide linking' y HISTIDINE             ? 'C6 H10 N3 O2 1' 156.162 
HOH non-polymer         . WATER                 ? 'H2 O'           18.015  
ILE 'L-peptide linking' y ISOLEUCINE            ? 'C6 H13 N O2'    131.173 
LEU 'L-peptide linking' y LEUCINE               ? 'C6 H13 N O2'    131.173 
LYS 'L-peptide linking' y LYSINE                ? 'C6 H15 N2 O2 1' 147.195 
MET 'L-peptide linking' y METHIONINE            ? 'C5 H11 N O2 S'  149.211 
MK8 'L-peptide linking' n 2-methyl-L-norleucine ? 'C7 H15 N O2'    145.199 
NH2 non-polymer         . 'AMINO GROUP'         ? 'H2 N'           16.023  
PHE 'L-peptide linking' y PHENYLALANINE         ? 'C9 H11 N O2'    165.189 
PRO 'L-peptide linking' y PROLINE               ? 'C5 H9 N O2'     115.130 
SER 'L-peptide linking' y SERINE                ? 'C3 H7 N O3'     105.093 
THR 'L-peptide linking' y THREONINE             ? 'C4 H9 N O3'     119.119 
TRP 'L-peptide linking' y TRYPTOPHAN            ? 'C11 H12 N2 O2'  204.225 
TYR 'L-peptide linking' y TYROSINE              ? 'C9 H11 N O3'    181.189 
VAL 'L-peptide linking' y VALINE                ? 'C5 H11 N O2'    117.146 
# 
loop_
_pdbx_poly_seq_scheme.asym_id 
_pdbx_poly_seq_scheme.entity_id 
_pdbx_poly_seq_scheme.seq_id 
_pdbx_poly_seq_scheme.mon_id 
_pdbx_poly_seq_scheme.ndb_seq_num 
_pdbx_poly_seq_scheme.pdb_seq_num 
_pdbx_poly_seq_scheme.auth_seq_num 
_pdbx_poly_seq_scheme.pdb_mon_id 
_pdbx_poly_seq_scheme.auth_mon_id 
_pdbx_poly_seq_scheme.pdb_strand_id 
_pdbx_poly_seq_scheme.pdb_ins_code 
_pdbx_poly_seq_scheme.hetero 
A 1 1   MET 1   1   ?   ?   ?   A . n 
A 1 2   ALA 2   2   ?   ?   ?   A . n 
A 1 3   THR 3   3   ?   ?   ?   A . n 
A 1 4   VAL 4   4   ?   ?   ?   A . n 
A 1 5   GLU 5   5   ?   ?   ?   A . n 
A 1 6   PRO 6   6   ?   ?   ?   A . n 
A 1 7   GLU 7   7   ?   ?   ?   A . n 
A 1 8   THR 8   8   ?   ?   ?   A . n 
A 1 9   THR 9   9   ?   ?   ?   A . n 
A 1 10  PRO 10  10  ?   ?   ?   A . n 
A 1 11  THR 11  11  ?   ?   ?   A . n 
A 1 12  PRO 12  12  ?   ?   ?   A . n 
A 1 13  ASN 13  13  ?   ?   ?   A . n 
A 1 14  PRO 14  14  ?   ?   ?   A . n 
A 1 15  PRO 15  15  ?   ?   ?   A . n 
A 1 16  THR 16  16  ?   ?   ?   A . n 
A 1 17  THR 17  17  ?   ?   ?   A . n 
A 1 18  GLU 18  18  ?   ?   ?   A . n 
A 1 19  GLU 19  19  ?   ?   ?   A . n 
A 1 20  GLU 20  20  ?   ?   ?   A . n 
A 1 21  LYS 21  21  ?   ?   ?   A . n 
A 1 22  THR 22  22  ?   ?   ?   A . n 
A 1 23  GLU 23  23  ?   ?   ?   A . n 
A 1 24  SER 24  24  ?   ?   ?   A . n 
A 1 25  ASN 25  25  ?   ?   ?   A . n 
A 1 26  GLN 26  26  ?   ?   ?   A . n 
A 1 27  GLU 27  27  ?   ?   ?   A . n 
A 1 28  VAL 28  28  ?   ?   ?   A . n 
A 1 29  ALA 29  29  ?   ?   ?   A . n 
A 1 30  ASN 30  30  ?   ?   ?   A . n 
A 1 31  PRO 31  31  31  PRO PRO A . n 
A 1 32  GLU 32  32  32  GLU GLU A . n 
A 1 33  HIS 33  33  33  HIS HIS A . n 
A 1 34  TYR 34  34  34  TYR TYR A . n 
A 1 35  ILE 35  35  35  ILE ILE A . n 
A 1 36  LYS 36  36  36  LYS LYS A . n 
A 1 37  HIS 37  37  37  HIS HIS A . n 
A 1 38  PRO 38  38  38  PRO PRO A . n 
A 1 39  LEU 39  39  39  LEU LEU A . n 
A 1 40  GLN 40  40  40  GLN GLN A . n 
A 1 41  ASN 41  41  41  ASN ASN A . n 
A 1 42  ARG 42  42  42  ARG ARG A . n 
A 1 43  TRP 43  43  43  TRP TRP A . n 
A 1 44  ALA 44  44  44  ALA ALA A . n 
A 1 45  LEU 45  45  45  LEU LEU A . n 
A 1 46  TRP 46  46  46  TRP TRP A . n 
A 1 47  PHE 47  47  47  PHE PHE A . n 
A 1 48  PHE 48  48  48  PHE PHE A . n 
A 1 49  LYS 49  49  49  LYS LYS A . n 
A 1 50  ASN 50  50  50  ASN ASN A . n 
A 1 51  ASP 51  51  51  ASP ASP A . n 
A 1 52  LYS 52  52  52  LYS LYS A . n 
A 1 53  SER 53  53  53  SER SER A . n 
A 1 54  LYS 54  54  54  LYS LYS A . n 
A 1 55  THR 55  55  55  THR THR A . n 
A 1 56  TRP 56  56  56  TRP TRP A . n 
A 1 57  GLN 57  57  57  GLN GLN A . n 
A 1 58  ALA 58  58  58  ALA ALA A . n 
A 1 59  ASN 59  59  59  ASN ASN A . n 
A 1 60  LEU 60  60  60  LEU LEU A . n 
A 1 61  ARG 61  61  61  ARG ARG A . n 
A 1 62  LEU 62  62  62  LEU LEU A . n 
A 1 63  ILE 63  63  63  ILE ILE A . n 
A 1 64  SER 64  64  64  SER SER A . n 
A 1 65  LYS 65  65  65  LYS LYS A . n 
A 1 66  PHE 66  66  66  PHE PHE A . n 
A 1 67  ASP 67  67  67  ASP ASP A . n 
A 1 68  THR 68  68  68  THR THR A . n 
A 1 69  VAL 69  69  69  VAL VAL A . n 
A 1 70  GLU 70  70  70  GLU GLU A . n 
A 1 71  ASP 71  71  71  ASP ASP A . n 
A 1 72  PHE 72  72  72  PHE PHE A . n 
A 1 73  TRP 73  73  73  TRP TRP A . n 
A 1 74  ALA 74  74  74  ALA ALA A . n 
A 1 75  LEU 75  75  75  LEU LEU A . n 
A 1 76  TYR 76  76  76  TYR TYR A . n 
A 1 77  ASN 77  77  77  ASN ASN A . n 
A 1 78  HIS 78  78  78  HIS HIS A . n 
A 1 79  ILE 79  79  79  ILE ILE A . n 
A 1 80  GLN 80  80  80  GLN GLN A . n 
A 1 81  LEU 81  81  81  LEU LEU A . n 
A 1 82  SER 82  82  82  SER SER A . n 
A 1 83  SER 83  83  83  SER SER A . n 
A 1 84  ASN 84  84  84  ASN ASN A . n 
A 1 85  LEU 85  85  85  LEU LEU A . n 
A 1 86  MET 86  86  86  MET MET A . n 
A 1 87  PRO 87  87  87  PRO PRO A . n 
A 1 88  GLY 88  88  88  GLY GLY A . n 
A 1 89  CYS 89  89  89  CYS CYS A . n 
A 1 90  ASP 90  90  90  ASP ASP A . n 
A 1 91  TYR 91  91  91  TYR TYR A . n 
A 1 92  SER 92  92  92  SER SER A . n 
A 1 93  LEU 93  93  93  LEU LEU A . n 
A 1 94  PHE 94  94  94  PHE PHE A . n 
A 1 95  LYS 95  95  95  LYS LYS A . n 
A 1 96  ASP 96  96  96  ASP ASP A . n 
A 1 97  GLY 97  97  97  GLY GLY A . n 
A 1 98  ILE 98  98  98  ILE ILE A . n 
A 1 99  GLU 99  99  99  GLU GLU A . n 
A 1 100 PRO 100 100 100 PRO PRO A . n 
A 1 101 MET 101 101 101 MET MET A . n 
A 1 102 TRP 102 102 102 TRP TRP A . n 
A 1 103 GLU 103 103 103 GLU GLU A . n 
A 1 104 ASP 104 104 104 ASP ASP A . n 
A 1 105 GLU 105 105 105 GLU GLU A . n 
A 1 106 LYS 106 106 106 LYS LYS A . n 
A 1 107 ASN 107 107 107 ASN ASN A . n 
A 1 108 LYS 108 108 108 LYS LYS A . n 
A 1 109 ARG 109 109 109 ARG ARG A . n 
A 1 110 GLY 110 110 110 GLY GLY A . n 
A 1 111 GLY 111 111 111 GLY GLY A . n 
A 1 112 ARG 112 112 112 ARG ARG A . n 
A 1 113 TRP 113 113 113 TRP TRP A . n 
A 1 114 LEU 114 114 114 LEU LEU A . n 
A 1 115 ILE 115 115 115 ILE ILE A . n 
A 1 116 THR 116 116 116 THR THR A . n 
A 1 117 LEU 117 117 117 LEU LEU A . n 
A 1 118 ASN 118 118 118 ASN ASN A . n 
A 1 119 LYS 119 119 119 LYS LYS A . n 
A 1 120 GLN 120 120 120 GLN GLN A . n 
A 1 121 GLN 121 121 121 GLN GLN A . n 
A 1 122 ARG 122 122 122 ARG ARG A . n 
A 1 123 ARG 123 123 123 ARG ARG A . n 
A 1 124 SER 124 124 124 SER SER A . n 
A 1 125 ASP 125 125 125 ASP ASP A . n 
A 1 126 LEU 126 126 126 LEU LEU A . n 
A 1 127 ASP 127 127 127 ASP ASP A . n 
A 1 128 ARG 128 128 128 ARG ARG A . n 
A 1 129 PHE 129 129 129 PHE PHE A . n 
A 1 130 TRP 130 130 130 TRP TRP A . n 
A 1 131 LEU 131 131 131 LEU LEU A . n 
A 1 132 GLU 132 132 132 GLU GLU A . n 
A 1 133 THR 133 133 133 THR THR A . n 
A 1 134 LEU 134 134 134 LEU LEU A . n 
A 1 135 LEU 135 135 135 LEU LEU A . n 
A 1 136 CYS 136 136 136 CYS CYS A . n 
A 1 137 LEU 137 137 137 LEU LEU A . n 
A 1 138 ILE 138 138 138 ILE ILE A . n 
A 1 139 GLY 139 139 139 GLY GLY A . n 
A 1 140 GLU 140 140 140 GLU GLU A . n 
A 1 141 SER 141 141 141 SER SER A . n 
A 1 142 PHE 142 142 142 PHE PHE A . n 
A 1 143 ASP 143 143 143 ASP ASP A . n 
A 1 144 ASP 144 144 144 ASP ASP A . n 
A 1 145 TYR 145 145 145 TYR TYR A . n 
A 1 146 SER 146 146 146 SER SER A . n 
A 1 147 ASP 147 147 147 ASP ASP A . n 
A 1 148 ASP 148 148 148 ASP ASP A . n 
A 1 149 VAL 149 149 149 VAL VAL A . n 
A 1 150 CYS 150 150 150 CYS CYS A . n 
A 1 151 GLY 151 151 151 GLY GLY A . n 
A 1 152 ALA 152 152 152 ALA ALA A . n 
A 1 153 VAL 153 153 153 VAL VAL A . n 
A 1 154 VAL 154 154 154 VAL VAL A . n 
A 1 155 ASN 155 155 155 ASN ASN A . n 
A 1 156 VAL 156 156 156 VAL VAL A . n 
A 1 157 ARG 157 157 157 ARG ARG A . n 
A 1 158 ALA 158 158 158 ALA ALA A . n 
A 1 159 LYS 159 159 159 LYS LYS A . n 
A 1 160 GLY 160 160 160 GLY GLY A . n 
A 1 161 ASP 161 161 161 ASP ASP A . n 
A 1 162 LYS 162 162 162 LYS LYS A . n 
A 1 163 ILE 163 163 163 ILE ILE A . n 
A 1 164 ALA 164 164 164 ALA ALA A . n 
A 1 165 ILE 165 165 165 ILE ILE A . n 
A 1 166 TRP 166 166 166 TRP TRP A . n 
A 1 167 THR 167 167 167 THR THR A . n 
A 1 168 THR 168 168 168 THR THR A . n 
A 1 169 GLU 169 169 169 GLU GLU A . n 
A 1 170 CYS 170 170 170 CYS CYS A . n 
A 1 171 GLU 171 171 171 GLU GLU A . n 
A 1 172 ASN 172 172 172 ASN ASN A . n 
A 1 173 ARG 173 173 173 ARG ARG A . n 
A 1 174 GLU 174 174 174 GLU GLU A . n 
A 1 175 ALA 175 175 175 ALA ALA A . n 
A 1 176 VAL 176 176 176 VAL VAL A . n 
A 1 177 THR 177 177 177 THR THR A . n 
A 1 178 HIS 178 178 178 HIS HIS A . n 
A 1 179 ILE 179 179 179 ILE ILE A . n 
A 1 180 GLY 180 180 180 GLY GLY A . n 
A 1 181 ARG 181 181 181 ARG ARG A . n 
A 1 182 VAL 182 182 182 VAL VAL A . n 
A 1 183 TYR 183 183 183 TYR TYR A . n 
A 1 184 LYS 184 184 184 LYS LYS A . n 
A 1 185 GLU 185 185 185 GLU GLU A . n 
A 1 186 ARG 186 186 186 ARG ARG A . n 
A 1 187 LEU 187 187 187 LEU LEU A . n 
A 1 188 GLY 188 188 188 GLY GLY A . n 
A 1 189 LEU 189 189 189 LEU LEU A . n 
A 1 190 PRO 190 190 190 PRO PRO A . n 
A 1 191 PRO 191 191 191 PRO PRO A . n 
A 1 192 LYS 192 192 192 LYS LYS A . n 
A 1 193 ILE 193 193 193 ILE ILE A . n 
A 1 194 VAL 194 194 194 VAL VAL A . n 
A 1 195 ILE 195 195 195 ILE ILE A . n 
A 1 196 GLY 196 196 196 GLY GLY A . n 
A 1 197 TYR 197 197 197 TYR TYR A . n 
A 1 198 GLN 198 198 198 GLN GLN A . n 
A 1 199 SER 199 199 199 SER SER A . n 
A 1 200 HIS 200 200 200 HIS HIS A . n 
A 1 201 ALA 201 201 201 ALA ALA A . n 
A 1 202 ASP 202 202 202 ASP ASP A . n 
A 1 203 THR 203 203 203 THR THR A . n 
A 1 204 ALA 204 204 204 ALA ALA A . n 
A 1 205 THR 205 205 205 THR THR A . n 
A 1 206 LYS 206 206 ?   ?   ?   A . n 
A 1 207 SER 207 207 ?   ?   ?   A . n 
A 1 208 GLY 208 208 ?   ?   ?   A . n 
A 1 209 SER 209 209 ?   ?   ?   A . n 
A 1 210 THR 210 210 ?   ?   ?   A . n 
A 1 211 THR 211 211 ?   ?   ?   A . n 
A 1 212 LYS 212 212 212 LYS LYS A . n 
A 1 213 ASN 213 213 213 ASN ASN A . n 
A 1 214 ARG 214 214 214 ARG ARG A . n 
A 1 215 PHE 215 215 215 PHE PHE A . n 
A 1 216 VAL 216 216 216 VAL VAL A . n 
A 1 217 VAL 217 217 217 VAL VAL A . n 
B 2 1   LYS 1   51  51  LYS LYS B . n 
B 2 2   LYS 2   52  52  LYS LYS B . n 
B 2 3   ARG 3   53  53  ARG ARG B . n 
B 2 4   TYR 4   54  54  TYR TYR B . n 
B 2 5   SER 5   55  55  SER SER B . n 
B 2 6   ARG 6   56  56  ARG ARG B . n 
B 2 7   MK8 7   57  57  MK8 MK8 B . n 
B 2 8   GLN 8   58  58  GLN GLN B . n 
B 2 9   LEU 9   59  59  LEU LEU B . n 
B 2 10  LEU 10  60  60  LEU LEU B . n 
B 2 11  MK8 11  61  61  MK8 MK8 B . n 
B 2 12  LEU 12  62  62  LEU LEU B . n 
B 2 13  NH2 13  63  63  NH2 NME B . n 
# 
loop_
_pdbx_nonpoly_scheme.asym_id 
_pdbx_nonpoly_scheme.entity_id 
_pdbx_nonpoly_scheme.mon_id 
_pdbx_nonpoly_scheme.ndb_seq_num 
_pdbx_nonpoly_scheme.pdb_seq_num 
_pdbx_nonpoly_scheme.auth_seq_num 
_pdbx_nonpoly_scheme.pdb_mon_id 
_pdbx_nonpoly_scheme.auth_mon_id 
_pdbx_nonpoly_scheme.pdb_strand_id 
_pdbx_nonpoly_scheme.pdb_ins_code 
C 3 HOH 1  2001 2001 HOH HOH A . 
C 3 HOH 2  2002 2002 HOH HOH A . 
C 3 HOH 3  2003 2003 HOH HOH A . 
C 3 HOH 4  2004 2004 HOH HOH A . 
C 3 HOH 5  2005 2005 HOH HOH A . 
C 3 HOH 6  2006 2006 HOH HOH A . 
C 3 HOH 7  2007 2007 HOH HOH A . 
C 3 HOH 8  2008 2008 HOH HOH A . 
C 3 HOH 9  2009 2009 HOH HOH A . 
C 3 HOH 10 2010 2010 HOH HOH A . 
C 3 HOH 11 2011 2011 HOH HOH A . 
C 3 HOH 12 2012 2012 HOH HOH A . 
C 3 HOH 13 2013 2013 HOH HOH A . 
C 3 HOH 14 2014 2014 HOH HOH A . 
C 3 HOH 15 2015 2015 HOH HOH A . 
C 3 HOH 16 2016 2016 HOH HOH A . 
C 3 HOH 17 2017 2017 HOH HOH A . 
C 3 HOH 18 2018 2018 HOH HOH A . 
C 3 HOH 19 2019 2019 HOH HOH A . 
C 3 HOH 20 2020 2020 HOH HOH A . 
C 3 HOH 21 2021 2021 HOH HOH A . 
C 3 HOH 22 2022 2022 HOH HOH A . 
C 3 HOH 23 2023 2023 HOH HOH A . 
C 3 HOH 24 2024 2024 HOH HOH A . 
D 3 HOH 1  2001 2001 HOH HOH B . 
D 3 HOH 2  2002 2002 HOH HOH B . 
D 3 HOH 3  2003 2003 HOH HOH B . 
D 3 HOH 4  2004 2004 HOH HOH B . 
# 
loop_
_pdbx_unobs_or_zero_occ_atoms.id 
_pdbx_unobs_or_zero_occ_atoms.PDB_model_num 
_pdbx_unobs_or_zero_occ_atoms.polymer_flag 
_pdbx_unobs_or_zero_occ_atoms.occupancy_flag 
_pdbx_unobs_or_zero_occ_atoms.auth_asym_id 
_pdbx_unobs_or_zero_occ_atoms.auth_comp_id 
_pdbx_unobs_or_zero_occ_atoms.auth_seq_id 
_pdbx_unobs_or_zero_occ_atoms.PDB_ins_code 
_pdbx_unobs_or_zero_occ_atoms.auth_atom_id 
_pdbx_unobs_or_zero_occ_atoms.label_alt_id 
_pdbx_unobs_or_zero_occ_atoms.label_asym_id 
_pdbx_unobs_or_zero_occ_atoms.label_comp_id 
_pdbx_unobs_or_zero_occ_atoms.label_seq_id 
_pdbx_unobs_or_zero_occ_atoms.label_atom_id 
1  1 Y 1 A TRP 56 ? CG  ? A TRP 56 CG  
2  1 Y 1 A TRP 56 ? CD1 ? A TRP 56 CD1 
3  1 Y 1 A TRP 56 ? CD2 ? A TRP 56 CD2 
4  1 Y 1 A TRP 56 ? NE1 ? A TRP 56 NE1 
5  1 Y 1 A TRP 56 ? CE2 ? A TRP 56 CE2 
6  1 Y 1 A TRP 56 ? CE3 ? A TRP 56 CE3 
7  1 Y 1 A TRP 56 ? CZ2 ? A TRP 56 CZ2 
8  1 Y 1 A TRP 56 ? CZ3 ? A TRP 56 CZ3 
9  1 Y 1 A TRP 56 ? CH2 ? A TRP 56 CH2 
10 1 Y 1 A GLN 57 ? CG  ? A GLN 57 CG  
11 1 Y 1 A GLN 57 ? CD  ? A GLN 57 CD  
12 1 Y 1 A GLN 57 ? OE1 ? A GLN 57 OE1 
13 1 Y 1 A GLN 57 ? NE2 ? A GLN 57 NE2 
# 
loop_
_software.name 
_software.classification 
_software.version 
_software.citation_id 
_software.pdbx_ordinal 
REFMAC   refinement       5.7.0032 ? 1 
PROTEUM2 'data reduction' .        ? 2 
PROTEUM2 'data scaling'   .        ? 3 
PHASER   phasing          .        ? 4 
# 
_cell.entry_id           4BEA 
_cell.length_a           38.301 
_cell.length_b           91.677 
_cell.length_c           137.908 
_cell.angle_alpha        90.00 
_cell.angle_beta         90.00 
_cell.angle_gamma        90.00 
_cell.Z_PDB              8 
_cell.pdbx_unique_axis   ? 
# 
_symmetry.entry_id                         4BEA 
_symmetry.space_group_name_H-M             'C 2 2 21' 
_symmetry.pdbx_full_space_group_name_H-M   ? 
_symmetry.cell_setting                     ? 
_symmetry.Int_Tables_number                20 
# 
_exptl.entry_id          4BEA 
_exptl.method            'X-RAY DIFFRACTION' 
_exptl.crystals_number   1 
# 
_exptl_crystal.id                    1 
_exptl_crystal.density_meas          ? 
_exptl_crystal.density_Matthews      2.42 
_exptl_crystal.density_percent_sol   49.23 
_exptl_crystal.description           NONE 
# 
_exptl_crystal_grow.crystal_id      1 
_exptl_crystal_grow.method          ? 
_exptl_crystal_grow.temp            ? 
_exptl_crystal_grow.temp_details    ? 
_exptl_crystal_grow.pH              5.5 
_exptl_crystal_grow.pdbx_pH_range   ? 
_exptl_crystal_grow.pdbx_details    '18-26% OF POLYETHYLENE GLYCOL 3350, 0.01-02M AMMONIUM SULPHATE AND 100MM BIS-TRIS AT PH 5.5' 
# 
_diffrn.id                     1 
_diffrn.ambient_temp           100 
_diffrn.ambient_temp_details   ? 
_diffrn.crystal_id             1 
# 
_diffrn_detector.diffrn_id              1 
_diffrn_detector.detector               CCD 
_diffrn_detector.type                   ? 
_diffrn_detector.pdbx_collection_date   2012-10-21 
_diffrn_detector.details                MIRRORS 
# 
_diffrn_radiation.diffrn_id                        1 
_diffrn_radiation.wavelength_id                    1 
_diffrn_radiation.pdbx_monochromatic_or_laue_m_l   M 
_diffrn_radiation.monochromator                    ? 
_diffrn_radiation.pdbx_diffrn_protocol             'SINGLE WAVELENGTH' 
_diffrn_radiation.pdbx_scattering_type             x-ray 
# 
_diffrn_radiation_wavelength.id           1 
_diffrn_radiation_wavelength.wavelength   1.5418 
_diffrn_radiation_wavelength.wt           1.0 
# 
_diffrn_source.diffrn_id                   1 
_diffrn_source.source                      'ROTATING ANODE' 
_diffrn_source.type                        'BRUKER X8 PROTEUM' 
_diffrn_source.pdbx_synchrotron_site       ? 
_diffrn_source.pdbx_synchrotron_beamline   ? 
_diffrn_source.pdbx_wavelength             1.5418 
_diffrn_source.pdbx_wavelength_list        ? 
# 
_reflns.pdbx_diffrn_id               1 
_reflns.pdbx_ordinal                 1 
_reflns.entry_id                     4BEA 
_reflns.observed_criterion_sigma_I   -3.0 
_reflns.observed_criterion_sigma_F   ? 
_reflns.d_resolution_low             68.95 
_reflns.d_resolution_high            2.57 
_reflns.number_obs                   8036 
_reflns.number_all                   ? 
_reflns.percent_possible_obs         98.8 
_reflns.pdbx_Rmerge_I_obs            0.09 
_reflns.pdbx_Rsym_value              ? 
_reflns.pdbx_netI_over_sigmaI        11.08 
_reflns.B_iso_Wilson_estimate        ? 
_reflns.pdbx_redundancy              10.15 
# 
_reflns_shell.pdbx_diffrn_id         1 
_reflns_shell.pdbx_ordinal           1 
_reflns_shell.d_res_high             2.57 
_reflns_shell.d_res_low              2.63 
_reflns_shell.percent_possible_all   83.2 
_reflns_shell.Rmerge_I_obs           0.46 
_reflns_shell.pdbx_Rsym_value        ? 
_reflns_shell.meanI_over_sigI_obs    2.33 
_reflns_shell.pdbx_redundancy        2.64 
# 
_refine.pdbx_refine_id                           'X-RAY DIFFRACTION' 
_refine.entry_id                                 4BEA 
_refine.pdbx_diffrn_id                           1 
_refine.pdbx_TLS_residual_ADP_flag               ? 
_refine.ls_number_reflns_obs                     7640 
_refine.ls_number_reflns_all                     ? 
_refine.pdbx_ls_sigma_I                          ? 
_refine.pdbx_ls_sigma_F                          ? 
_refine.pdbx_data_cutoff_high_absF               ? 
_refine.pdbx_data_cutoff_low_absF                ? 
_refine.pdbx_data_cutoff_high_rms_absF           ? 
_refine.ls_d_res_low                             45.88 
_refine.ls_d_res_high                            2.57 
_refine.ls_percent_reflns_obs                    98.88 
_refine.ls_R_factor_obs                          0.22232 
_refine.ls_R_factor_all                          ? 
_refine.ls_R_factor_R_work                       0.22025 
_refine.ls_R_factor_R_free                       0.26575 
_refine.ls_R_factor_R_free_error                 ? 
_refine.ls_R_factor_R_free_error_details         ? 
_refine.ls_percent_reflns_R_free                 4.6 
_refine.ls_number_reflns_R_free                  371 
_refine.ls_number_parameters                     ? 
_refine.ls_number_restraints                     ? 
_refine.occupancy_min                            ? 
_refine.occupancy_max                            ? 
_refine.correlation_coeff_Fo_to_Fc               0.876 
_refine.correlation_coeff_Fo_to_Fc_free          0.826 
_refine.B_iso_mean                               15.144 
_refine.aniso_B[1][1]                            -0.36 
_refine.aniso_B[2][2]                            0.40 
_refine.aniso_B[3][3]                            -0.04 
_refine.aniso_B[1][2]                            0.00 
_refine.aniso_B[1][3]                            0.00 
_refine.aniso_B[2][3]                            0.00 
_refine.solvent_model_details                    MASK 
_refine.solvent_model_param_ksol                 ? 
_refine.solvent_model_param_bsol                 ? 
_refine.pdbx_solvent_vdw_probe_radii             1.20 
_refine.pdbx_solvent_ion_probe_radii             0.80 
_refine.pdbx_solvent_shrinkage_radii             0.80 
_refine.pdbx_ls_cross_valid_method               THROUGHOUT 
_refine.details                                  'HYDROGENS HAVE BEEN ADDED IN THE RIDING POSITIONS. U VALUES REFINED INDIVIDUALLY' 
_refine.pdbx_starting_model                      'PDB ENTRY 4AZA' 
_refine.pdbx_method_to_determine_struct          'MOLECULAR REPLACEMENT' 
_refine.pdbx_isotropic_thermal_model             ? 
_refine.pdbx_stereochemistry_target_values       'MAXIMUM LIKELIHOOD' 
_refine.pdbx_stereochem_target_val_spec_case     ? 
_refine.pdbx_R_Free_selection_details            RANDOM 
_refine.pdbx_overall_ESU_R                       0.695 
_refine.pdbx_overall_ESU_R_Free                  0.322 
_refine.overall_SU_ML                            0.232 
_refine.pdbx_overall_phase_error                 ? 
_refine.overall_SU_B                             10.265 
_refine.overall_SU_R_Cruickshank_DPI             ? 
_refine.pdbx_overall_SU_R_free_Cruickshank_DPI   ? 
_refine.pdbx_overall_SU_R_Blow_DPI               ? 
_refine.pdbx_overall_SU_R_free_Blow_DPI          ? 
# 
_refine_hist.pdbx_refine_id                   'X-RAY DIFFRACTION' 
_refine_hist.cycle_id                         LAST 
_refine_hist.pdbx_number_atoms_protein        1601 
_refine_hist.pdbx_number_atoms_nucleic_acid   0 
_refine_hist.pdbx_number_atoms_ligand         0 
_refine_hist.number_atoms_solvent             28 
_refine_hist.number_atoms_total               1629 
_refine_hist.d_res_high                       2.57 
_refine_hist.d_res_low                        45.88 
# 
loop_
_refine_ls_restr.type 
_refine_ls_restr.dev_ideal 
_refine_ls_restr.dev_ideal_target 
_refine_ls_restr.weight 
_refine_ls_restr.number 
_refine_ls_restr.pdbx_refine_id 
_refine_ls_restr.pdbx_restraint_function 
r_bond_refined_d             0.009  0.019  ? 1639 'X-RAY DIFFRACTION' ? 
r_bond_other_d               0.003  0.020  ? 1573 'X-RAY DIFFRACTION' ? 
r_angle_refined_deg          1.355  1.952  ? 2204 'X-RAY DIFFRACTION' ? 
r_angle_other_deg            0.781  3.000  ? 3601 'X-RAY DIFFRACTION' ? 
r_dihedral_angle_1_deg       6.932  5.000  ? 186  'X-RAY DIFFRACTION' ? 
r_dihedral_angle_2_deg       38.071 23.293 ? 82   'X-RAY DIFFRACTION' ? 
r_dihedral_angle_3_deg       16.827 15.000 ? 292  'X-RAY DIFFRACTION' ? 
r_dihedral_angle_4_deg       19.858 15.000 ? 14   'X-RAY DIFFRACTION' ? 
r_chiral_restr               0.077  0.200  ? 233  'X-RAY DIFFRACTION' ? 
r_gen_planes_refined         0.004  0.020  ? 1801 'X-RAY DIFFRACTION' ? 
r_gen_planes_other           0.001  0.020  ? 407  'X-RAY DIFFRACTION' ? 
r_nbd_refined                ?      ?      ? ?    'X-RAY DIFFRACTION' ? 
r_nbd_other                  ?      ?      ? ?    'X-RAY DIFFRACTION' ? 
r_nbtor_refined              ?      ?      ? ?    'X-RAY DIFFRACTION' ? 
r_nbtor_other                ?      ?      ? ?    'X-RAY DIFFRACTION' ? 
r_xyhbond_nbd_refined        ?      ?      ? ?    'X-RAY DIFFRACTION' ? 
r_xyhbond_nbd_other          ?      ?      ? ?    'X-RAY DIFFRACTION' ? 
r_metal_ion_refined          ?      ?      ? ?    'X-RAY DIFFRACTION' ? 
r_metal_ion_other            ?      ?      ? ?    'X-RAY DIFFRACTION' ? 
r_symmetry_vdw_refined       ?      ?      ? ?    'X-RAY DIFFRACTION' ? 
r_symmetry_vdw_other         ?      ?      ? ?    'X-RAY DIFFRACTION' ? 
r_symmetry_hbond_refined     ?      ?      ? ?    'X-RAY DIFFRACTION' ? 
r_symmetry_hbond_other       ?      ?      ? ?    'X-RAY DIFFRACTION' ? 
r_symmetry_metal_ion_refined ?      ?      ? ?    'X-RAY DIFFRACTION' ? 
r_symmetry_metal_ion_other   ?      ?      ? ?    'X-RAY DIFFRACTION' ? 
r_mcbond_it                  ?      ?      ? ?    'X-RAY DIFFRACTION' ? 
r_mcbond_other               ?      ?      ? ?    'X-RAY DIFFRACTION' ? 
r_mcangle_it                 ?      ?      ? ?    'X-RAY DIFFRACTION' ? 
r_mcangle_other              ?      ?      ? ?    'X-RAY DIFFRACTION' ? 
r_scbond_it                  ?      ?      ? ?    'X-RAY DIFFRACTION' ? 
r_scbond_other               ?      ?      ? ?    'X-RAY DIFFRACTION' ? 
r_scangle_it                 ?      ?      ? ?    'X-RAY DIFFRACTION' ? 
r_scangle_other              ?      ?      ? ?    'X-RAY DIFFRACTION' ? 
r_long_range_B_refined       ?      ?      ? ?    'X-RAY DIFFRACTION' ? 
r_long_range_B_other         ?      ?      ? ?    'X-RAY DIFFRACTION' ? 
r_rigid_bond_restr           ?      ?      ? ?    'X-RAY DIFFRACTION' ? 
r_sphericity_free            ?      ?      ? ?    'X-RAY DIFFRACTION' ? 
r_sphericity_bonded          ?      ?      ? ?    'X-RAY DIFFRACTION' ? 
# 
_refine_ls_shell.pdbx_refine_id                   'X-RAY DIFFRACTION' 
_refine_ls_shell.pdbx_total_number_of_bins_used   20 
_refine_ls_shell.d_res_high                       2.570 
_refine_ls_shell.d_res_low                        2.637 
_refine_ls_shell.number_reflns_R_work             478 
_refine_ls_shell.R_factor_R_work                  0.282 
_refine_ls_shell.percent_reflns_obs               86.79 
_refine_ls_shell.R_factor_R_free                  0.392 
_refine_ls_shell.R_factor_R_free_error            ? 
_refine_ls_shell.percent_reflns_R_free            ? 
_refine_ls_shell.number_reflns_R_free             28 
_refine_ls_shell.number_reflns_all                ? 
_refine_ls_shell.R_factor_all                     ? 
# 
_struct.entry_id                  4BEA 
_struct.title                     'Crystal Structure of eIF4E in Complex with a Stapled Peptide Derivative' 
_struct.pdbx_model_details        ? 
_struct.pdbx_CASP_flag            ? 
_struct.pdbx_model_type_details   ? 
# 
_struct_keywords.entry_id        4BEA 
_struct_keywords.pdbx_keywords   TRANSLATION 
_struct_keywords.text            TRANSLATION 
# 
loop_
_struct_asym.id 
_struct_asym.pdbx_blank_PDB_chainid_flag 
_struct_asym.pdbx_modified 
_struct_asym.entity_id 
_struct_asym.details 
A N N 1 ? 
B N N 2 ? 
C N N 3 ? 
D N N 3 ? 
# 
loop_
_struct_ref.id 
_struct_ref.db_name 
_struct_ref.db_code 
_struct_ref.pdbx_db_accession 
_struct_ref.pdbx_db_isoform 
_struct_ref.entity_id 
_struct_ref.pdbx_seq_one_letter_code 
_struct_ref.pdbx_align_begin 
1 UNP IF4E_HUMAN P06730 ? 1 
;MATVEPETTPTPNPPTTEEEKTESNQEVANPEHYIKHPLQNRWALWFFKNDKSKTWQANLRLISKFDTVEDFWALYNHIQ
LSSNLMPGCDYSLFKDGIEPMWEDEKNKRGGRWLITLNKQQRRSDLDRFWLETLLCLIGESFDDYSDDVCGAVVNVRAKG
DKIAIWTTECENREAVTHIGRVYKERLGLPPKIVIGYQSHADTATKSGSTTKNRFVV
;
1 
2 PDB 4BEA       4BEA   ? 2 ? 1 
# 
loop_
_struct_ref_seq.align_id 
_struct_ref_seq.ref_id 
_struct_ref_seq.pdbx_PDB_id_code 
_struct_ref_seq.pdbx_strand_id 
_struct_ref_seq.seq_align_beg 
_struct_ref_seq.pdbx_seq_align_beg_ins_code 
_struct_ref_seq.seq_align_end 
_struct_ref_seq.pdbx_seq_align_end_ins_code 
_struct_ref_seq.pdbx_db_accession 
_struct_ref_seq.db_align_beg 
_struct_ref_seq.pdbx_db_align_beg_ins_code 
_struct_ref_seq.db_align_end 
_struct_ref_seq.pdbx_db_align_end_ins_code 
_struct_ref_seq.pdbx_auth_seq_align_beg 
_struct_ref_seq.pdbx_auth_seq_align_end 
1 1 4BEA A 1 ? 217 ? P06730 1  ? 217 ? 1  217 
2 2 4BEA B 1 ? 13  ? 4BEA   51 ? 63  ? 51 63  
# 
_pdbx_struct_assembly.id                   1 
_pdbx_struct_assembly.details              author_and_software_defined_assembly 
_pdbx_struct_assembly.method_details       PISA 
_pdbx_struct_assembly.oligomeric_details   dimeric 
_pdbx_struct_assembly.oligomeric_count     2 
# 
loop_
_pdbx_struct_assembly_prop.biol_id 
_pdbx_struct_assembly_prop.type 
_pdbx_struct_assembly_prop.value 
_pdbx_struct_assembly_prop.details 
1 'ABSA (A^2)' 1320  ? 
1 MORE         -6.4  ? 
1 'SSA (A^2)'  10620 ? 
# 
_pdbx_struct_assembly_gen.assembly_id       1 
_pdbx_struct_assembly_gen.oper_expression   1 
_pdbx_struct_assembly_gen.asym_id_list      A,B,C,D 
# 
_pdbx_struct_oper_list.id                   1 
_pdbx_struct_oper_list.type                 'identity operation' 
_pdbx_struct_oper_list.name                 1_555 
_pdbx_struct_oper_list.symmetry_operation   x,y,z 
_pdbx_struct_oper_list.matrix[1][1]         1.0000000000 
_pdbx_struct_oper_list.matrix[1][2]         0.0000000000 
_pdbx_struct_oper_list.matrix[1][3]         0.0000000000 
_pdbx_struct_oper_list.vector[1]            0.0000000000 
_pdbx_struct_oper_list.matrix[2][1]         0.0000000000 
_pdbx_struct_oper_list.matrix[2][2]         1.0000000000 
_pdbx_struct_oper_list.matrix[2][3]         0.0000000000 
_pdbx_struct_oper_list.vector[2]            0.0000000000 
_pdbx_struct_oper_list.matrix[3][1]         0.0000000000 
_pdbx_struct_oper_list.matrix[3][2]         0.0000000000 
_pdbx_struct_oper_list.matrix[3][3]         1.0000000000 
_pdbx_struct_oper_list.vector[3]            0.0000000000 
# 
_struct_biol.id   1 
# 
loop_
_struct_conf.conf_type_id 
_struct_conf.id 
_struct_conf.pdbx_PDB_helix_id 
_struct_conf.beg_label_comp_id 
_struct_conf.beg_label_asym_id 
_struct_conf.beg_label_seq_id 
_struct_conf.pdbx_beg_PDB_ins_code 
_struct_conf.end_label_comp_id 
_struct_conf.end_label_asym_id 
_struct_conf.end_label_seq_id 
_struct_conf.pdbx_end_PDB_ins_code 
_struct_conf.beg_auth_comp_id 
_struct_conf.beg_auth_asym_id 
_struct_conf.beg_auth_seq_id 
_struct_conf.end_auth_comp_id 
_struct_conf.end_auth_asym_id 
_struct_conf.end_auth_seq_id 
_struct_conf.pdbx_PDB_helix_class 
_struct_conf.details 
_struct_conf.pdbx_PDB_helix_length 
HELX_P HELX_P1 1 THR A 55  ? ASN A 59  ? THR A 55  ASN A 59  1 ? 5  
HELX_P HELX_P2 2 VAL A 69  ? ILE A 79  ? VAL A 69  ILE A 79  1 ? 11 
HELX_P HELX_P3 3 LEU A 81  ? LEU A 85  ? LEU A 81  LEU A 85  5 ? 5  
HELX_P HELX_P4 4 GLN A 120 ? ASP A 125 ? GLN A 120 ASP A 125 1 ? 6  
HELX_P HELX_P5 5 ASP A 125 ? GLY A 139 ? ASP A 125 GLY A 139 1 ? 15 
HELX_P HELX_P6 6 PHE A 142 ? ASP A 147 ? PHE A 142 ASP A 147 5 ? 6  
HELX_P HELX_P7 7 ASN A 172 ? GLY A 188 ? ASN A 172 GLY A 188 1 ? 17 
HELX_P HELX_P8 8 HIS A 200 ? THR A 205 ? HIS A 200 THR A 205 1 ? 6  
HELX_P HELX_P9 9 SER B 5   ? LEU B 12  ? SER B 55  LEU B 62  1 ? 8  
# 
_struct_conf_type.id          HELX_P 
_struct_conf_type.criteria    ? 
_struct_conf_type.reference   ? 
# 
loop_
_struct_conn.id 
_struct_conn.conn_type_id 
_struct_conn.pdbx_leaving_atom_flag 
_struct_conn.pdbx_PDB_id 
_struct_conn.ptnr1_label_asym_id 
_struct_conn.ptnr1_label_comp_id 
_struct_conn.ptnr1_label_seq_id 
_struct_conn.ptnr1_label_atom_id 
_struct_conn.pdbx_ptnr1_label_alt_id 
_struct_conn.pdbx_ptnr1_PDB_ins_code 
_struct_conn.pdbx_ptnr1_standard_comp_id 
_struct_conn.ptnr1_symmetry 
_struct_conn.ptnr2_label_asym_id 
_struct_conn.ptnr2_label_comp_id 
_struct_conn.ptnr2_label_seq_id 
_struct_conn.ptnr2_label_atom_id 
_struct_conn.pdbx_ptnr2_label_alt_id 
_struct_conn.pdbx_ptnr2_PDB_ins_code 
_struct_conn.ptnr1_auth_asym_id 
_struct_conn.ptnr1_auth_comp_id 
_struct_conn.ptnr1_auth_seq_id 
_struct_conn.ptnr2_auth_asym_id 
_struct_conn.ptnr2_auth_comp_id 
_struct_conn.ptnr2_auth_seq_id 
_struct_conn.ptnr2_symmetry 
_struct_conn.pdbx_ptnr3_label_atom_id 
_struct_conn.pdbx_ptnr3_label_seq_id 
_struct_conn.pdbx_ptnr3_label_comp_id 
_struct_conn.pdbx_ptnr3_label_asym_id 
_struct_conn.pdbx_ptnr3_label_alt_id 
_struct_conn.pdbx_ptnr3_PDB_ins_code 
_struct_conn.details 
_struct_conn.pdbx_dist_value 
_struct_conn.pdbx_value_order 
_struct_conn.pdbx_role 
covale1 covale both ? B ARG 6  C  ? ? ? 1_555 B MK8 7  N  ? ? B ARG 56 B MK8 57 1_555 ? ? ? ? ? ? ? 1.289 ? ? 
covale2 covale both ? B MK8 7  C  ? ? ? 1_555 B GLN 8  N  ? ? B MK8 57 B GLN 58 1_555 ? ? ? ? ? ? ? 1.280 ? ? 
covale3 covale none ? B MK8 7  CE ? ? ? 1_555 B MK8 11 CE ? ? B MK8 57 B MK8 61 1_555 ? ? ? ? ? ? ? 1.348 ? ? 
covale4 covale both ? B LEU 10 C  ? ? ? 1_555 B MK8 11 N  ? ? B LEU 60 B MK8 61 1_555 ? ? ? ? ? ? ? 1.289 ? ? 
covale5 covale both ? B MK8 11 C  ? ? ? 1_555 B LEU 12 N  ? ? B MK8 61 B LEU 62 1_555 ? ? ? ? ? ? ? 1.286 ? ? 
covale6 covale both ? B LEU 12 C  ? ? ? 1_555 B NH2 13 N  ? ? B LEU 62 B NH2 63 1_555 ? ? ? ? ? ? ? 1.296 ? ? 
# 
_struct_conn_type.id          covale 
_struct_conn_type.criteria    ? 
_struct_conn_type.reference   ? 
# 
loop_
_pdbx_modification_feature.ordinal 
_pdbx_modification_feature.label_comp_id 
_pdbx_modification_feature.label_asym_id 
_pdbx_modification_feature.label_seq_id 
_pdbx_modification_feature.label_alt_id 
_pdbx_modification_feature.modified_residue_label_comp_id 
_pdbx_modification_feature.modified_residue_label_asym_id 
_pdbx_modification_feature.modified_residue_label_seq_id 
_pdbx_modification_feature.modified_residue_label_alt_id 
_pdbx_modification_feature.auth_comp_id 
_pdbx_modification_feature.auth_asym_id 
_pdbx_modification_feature.auth_seq_id 
_pdbx_modification_feature.PDB_ins_code 
_pdbx_modification_feature.symmetry 
_pdbx_modification_feature.modified_residue_auth_comp_id 
_pdbx_modification_feature.modified_residue_auth_asym_id 
_pdbx_modification_feature.modified_residue_auth_seq_id 
_pdbx_modification_feature.modified_residue_PDB_ins_code 
_pdbx_modification_feature.modified_residue_symmetry 
_pdbx_modification_feature.comp_id_linking_atom 
_pdbx_modification_feature.modified_residue_id_linking_atom 
_pdbx_modification_feature.modified_residue_id 
_pdbx_modification_feature.ref_pcm_id 
_pdbx_modification_feature.ref_comp_id 
_pdbx_modification_feature.type 
_pdbx_modification_feature.category 
1 MK8 B 7  ? .   . .  . MK8 B 57 ? 1_555 .   . .  . .     .  .  LEU 1  MK8 Norleucine  'Named protein modification' 
2 MK8 B 7  ? .   . .  . MK8 B 57 ? 1_555 .   . .  . .     .  .  LEU 2  MK8 Methylation 'Named protein modification' 
3 MK8 B 11 ? .   . .  . MK8 B 61 ? 1_555 .   . .  . .     .  .  LEU 1  MK8 Norleucine  'Named protein modification' 
4 MK8 B 11 ? .   . .  . MK8 B 61 ? 1_555 .   . .  . .     .  .  LEU 2  MK8 Methylation 'Named protein modification' 
5 NH2 B 13 ? LEU B 12 ? NH2 B 63 ? 1_555 LEU B 62 ? 1_555 .  .  LEU 14 NH2 None        'Terminal amidation'         
6 MK8 B 7  ? MK8 B 11 ? MK8 B 57 ? 1_555 MK8 B 61 ? 1_555 CE CE .   .  .   None        'Non-standard linkage'       
# 
_struct_sheet.id               AA 
_struct_sheet.type             ? 
_struct_sheet.number_strands   8 
_struct_sheet.details          ? 
# 
loop_
_struct_sheet_order.sheet_id 
_struct_sheet_order.range_id_1 
_struct_sheet_order.range_id_2 
_struct_sheet_order.offset 
_struct_sheet_order.sense 
AA 1 2 ? anti-parallel 
AA 2 3 ? anti-parallel 
AA 3 4 ? anti-parallel 
AA 4 5 ? anti-parallel 
AA 5 6 ? anti-parallel 
AA 6 7 ? anti-parallel 
AA 7 8 ? anti-parallel 
# 
loop_
_struct_sheet_range.sheet_id 
_struct_sheet_range.id 
_struct_sheet_range.beg_label_comp_id 
_struct_sheet_range.beg_label_asym_id 
_struct_sheet_range.beg_label_seq_id 
_struct_sheet_range.pdbx_beg_PDB_ins_code 
_struct_sheet_range.end_label_comp_id 
_struct_sheet_range.end_label_asym_id 
_struct_sheet_range.end_label_seq_id 
_struct_sheet_range.pdbx_end_PDB_ins_code 
_struct_sheet_range.beg_auth_comp_id 
_struct_sheet_range.beg_auth_asym_id 
_struct_sheet_range.beg_auth_seq_id 
_struct_sheet_range.end_auth_comp_id 
_struct_sheet_range.end_auth_asym_id 
_struct_sheet_range.end_auth_seq_id 
AA 1 LEU A 60  ? THR A 68  ? LEU A 60  THR A 68  
AA 2 PRO A 38  ? PHE A 48  ? PRO A 38  PHE A 48  
AA 3 ASP A 90  ? LYS A 95  ? ASP A 90  LYS A 95  
AA 4 VAL A 149 ? ASN A 155 ? VAL A 149 ASN A 155 
AA 5 LYS A 162 ? THR A 167 ? LYS A 162 THR A 167 
AA 6 GLY A 111 ? THR A 116 ? GLY A 111 THR A 116 
AA 7 ILE A 195 ? SER A 199 ? ILE A 195 SER A 199 
AA 8 PHE A 215 ? VAL A 217 ? PHE A 215 VAL A 217 
# 
loop_
_pdbx_struct_sheet_hbond.sheet_id 
_pdbx_struct_sheet_hbond.range_id_1 
_pdbx_struct_sheet_hbond.range_id_2 
_pdbx_struct_sheet_hbond.range_1_label_atom_id 
_pdbx_struct_sheet_hbond.range_1_label_comp_id 
_pdbx_struct_sheet_hbond.range_1_label_asym_id 
_pdbx_struct_sheet_hbond.range_1_label_seq_id 
_pdbx_struct_sheet_hbond.range_1_PDB_ins_code 
_pdbx_struct_sheet_hbond.range_1_auth_atom_id 
_pdbx_struct_sheet_hbond.range_1_auth_comp_id 
_pdbx_struct_sheet_hbond.range_1_auth_asym_id 
_pdbx_struct_sheet_hbond.range_1_auth_seq_id 
_pdbx_struct_sheet_hbond.range_2_label_atom_id 
_pdbx_struct_sheet_hbond.range_2_label_comp_id 
_pdbx_struct_sheet_hbond.range_2_label_asym_id 
_pdbx_struct_sheet_hbond.range_2_label_seq_id 
_pdbx_struct_sheet_hbond.range_2_PDB_ins_code 
_pdbx_struct_sheet_hbond.range_2_auth_atom_id 
_pdbx_struct_sheet_hbond.range_2_auth_comp_id 
_pdbx_struct_sheet_hbond.range_2_auth_asym_id 
_pdbx_struct_sheet_hbond.range_2_auth_seq_id 
AA 1 2 O ASP A 67  ? O ASP A 67  N LEU A 39  ? N LEU A 39  
AA 2 3 N PHE A 48  ? N PHE A 48  O ASP A 90  ? O ASP A 90  
AA 3 4 N LYS A 95  ? N LYS A 95  O CYS A 150 ? O CYS A 150 
AA 4 5 N ASN A 155 ? N ASN A 155 O LYS A 162 ? O LYS A 162 
AA 5 6 N THR A 167 ? N THR A 167 O GLY A 111 ? O GLY A 111 
AA 6 7 N LEU A 114 ? N LEU A 114 O GLY A 196 ? O GLY A 196 
AA 7 8 N TYR A 197 ? N TYR A 197 O PHE A 215 ? O PHE A 215 
# 
_pdbx_entry_details.entry_id                   4BEA 
_pdbx_entry_details.compound_details           ? 
_pdbx_entry_details.source_details             ? 
_pdbx_entry_details.nonpolymer_details         ? 
_pdbx_entry_details.sequence_details           ? 
_pdbx_entry_details.has_ligand_of_interest     ? 
_pdbx_entry_details.has_protein_modification   Y 
# 
loop_
_pdbx_validate_rmsd_angle.id 
_pdbx_validate_rmsd_angle.PDB_model_num 
_pdbx_validate_rmsd_angle.auth_atom_id_1 
_pdbx_validate_rmsd_angle.auth_asym_id_1 
_pdbx_validate_rmsd_angle.auth_comp_id_1 
_pdbx_validate_rmsd_angle.auth_seq_id_1 
_pdbx_validate_rmsd_angle.PDB_ins_code_1 
_pdbx_validate_rmsd_angle.label_alt_id_1 
_pdbx_validate_rmsd_angle.auth_atom_id_2 
_pdbx_validate_rmsd_angle.auth_asym_id_2 
_pdbx_validate_rmsd_angle.auth_comp_id_2 
_pdbx_validate_rmsd_angle.auth_seq_id_2 
_pdbx_validate_rmsd_angle.PDB_ins_code_2 
_pdbx_validate_rmsd_angle.label_alt_id_2 
_pdbx_validate_rmsd_angle.auth_atom_id_3 
_pdbx_validate_rmsd_angle.auth_asym_id_3 
_pdbx_validate_rmsd_angle.auth_comp_id_3 
_pdbx_validate_rmsd_angle.auth_seq_id_3 
_pdbx_validate_rmsd_angle.PDB_ins_code_3 
_pdbx_validate_rmsd_angle.label_alt_id_3 
_pdbx_validate_rmsd_angle.angle_value 
_pdbx_validate_rmsd_angle.angle_target_value 
_pdbx_validate_rmsd_angle.angle_deviation 
_pdbx_validate_rmsd_angle.angle_standard_deviation 
_pdbx_validate_rmsd_angle.linker_flag 
1 1 O  B ARG 56 ? ? C B ARG 56 ? ? N  B MK8 57 ? ? 108.95 122.70 -13.75 1.60 Y 
2 1 C  B ARG 56 ? ? N B MK8 57 ? ? CA B MK8 57 ? ? 138.02 121.70 16.32  2.50 Y 
3 1 CA B LEU 60 ? ? C B LEU 60 ? ? N  B MK8 61 ? ? 132.73 117.20 15.53  2.20 Y 
4 1 O  B LEU 60 ? ? C B LEU 60 ? ? N  B MK8 61 ? ? 107.60 122.70 -15.10 1.60 Y 
5 1 C  B LEU 60 ? ? N B MK8 61 ? ? CA B MK8 61 ? ? 145.11 121.70 23.41  2.50 Y 
6 1 C  B MK8 61 ? ? N B LEU 62 ? ? CA B LEU 62 ? ? 142.84 121.70 21.14  2.50 Y 
# 
loop_
_pdbx_validate_torsion.id 
_pdbx_validate_torsion.PDB_model_num 
_pdbx_validate_torsion.auth_comp_id 
_pdbx_validate_torsion.auth_asym_id 
_pdbx_validate_torsion.auth_seq_id 
_pdbx_validate_torsion.PDB_ins_code 
_pdbx_validate_torsion.label_alt_id 
_pdbx_validate_torsion.phi 
_pdbx_validate_torsion.psi 
1 1 GLU A 32  ? ? -39.48  -35.70  
2 1 ASP A 51  ? ? -149.34 -40.30  
3 1 LYS A 52  ? ? 66.05   -25.57  
4 1 SER A 64  ? ? 179.90  148.20  
5 1 PRO A 100 ? ? -70.77  48.82   
6 1 ASP A 143 ? ? 50.49   -115.33 
7 1 ASN A 172 ? ? -67.02  79.88   
8 1 ALA A 204 ? ? -51.38  -72.12  
# 
loop_
_pdbx_struct_mod_residue.id 
_pdbx_struct_mod_residue.label_asym_id 
_pdbx_struct_mod_residue.label_comp_id 
_pdbx_struct_mod_residue.label_seq_id 
_pdbx_struct_mod_residue.auth_asym_id 
_pdbx_struct_mod_residue.auth_comp_id 
_pdbx_struct_mod_residue.auth_seq_id 
_pdbx_struct_mod_residue.PDB_ins_code 
_pdbx_struct_mod_residue.parent_comp_id 
_pdbx_struct_mod_residue.details 
1 B MK8 7  B MK8 57 ? LEU 2-METHYL-L-NORLEUCINE 
2 B MK8 11 B MK8 61 ? LEU 2-METHYL-L-NORLEUCINE 
# 
_pdbx_struct_special_symmetry.id              1 
_pdbx_struct_special_symmetry.PDB_model_num   1 
_pdbx_struct_special_symmetry.auth_asym_id    B 
_pdbx_struct_special_symmetry.auth_comp_id    HOH 
_pdbx_struct_special_symmetry.auth_seq_id     2001 
_pdbx_struct_special_symmetry.PDB_ins_code    ? 
_pdbx_struct_special_symmetry.label_asym_id   D 
_pdbx_struct_special_symmetry.label_comp_id   HOH 
_pdbx_struct_special_symmetry.label_seq_id    . 
# 
loop_
_pdbx_unobs_or_zero_occ_residues.id 
_pdbx_unobs_or_zero_occ_residues.PDB_model_num 
_pdbx_unobs_or_zero_occ_residues.polymer_flag 
_pdbx_unobs_or_zero_occ_residues.occupancy_flag 
_pdbx_unobs_or_zero_occ_residues.auth_asym_id 
_pdbx_unobs_or_zero_occ_residues.auth_comp_id 
_pdbx_unobs_or_zero_occ_residues.auth_seq_id 
_pdbx_unobs_or_zero_occ_residues.PDB_ins_code 
_pdbx_unobs_or_zero_occ_residues.label_asym_id 
_pdbx_unobs_or_zero_occ_residues.label_comp_id 
_pdbx_unobs_or_zero_occ_residues.label_seq_id 
1  1 Y 1 A MET 1   ? A MET 1   
2  1 Y 1 A ALA 2   ? A ALA 2   
3  1 Y 1 A THR 3   ? A THR 3   
4  1 Y 1 A VAL 4   ? A VAL 4   
5  1 Y 1 A GLU 5   ? A GLU 5   
6  1 Y 1 A PRO 6   ? A PRO 6   
7  1 Y 1 A GLU 7   ? A GLU 7   
8  1 Y 1 A THR 8   ? A THR 8   
9  1 Y 1 A THR 9   ? A THR 9   
10 1 Y 1 A PRO 10  ? A PRO 10  
11 1 Y 1 A THR 11  ? A THR 11  
12 1 Y 1 A PRO 12  ? A PRO 12  
13 1 Y 1 A ASN 13  ? A ASN 13  
14 1 Y 1 A PRO 14  ? A PRO 14  
15 1 Y 1 A PRO 15  ? A PRO 15  
16 1 Y 1 A THR 16  ? A THR 16  
17 1 Y 1 A THR 17  ? A THR 17  
18 1 Y 1 A GLU 18  ? A GLU 18  
19 1 Y 1 A GLU 19  ? A GLU 19  
20 1 Y 1 A GLU 20  ? A GLU 20  
21 1 Y 1 A LYS 21  ? A LYS 21  
22 1 Y 1 A THR 22  ? A THR 22  
23 1 Y 1 A GLU 23  ? A GLU 23  
24 1 Y 1 A SER 24  ? A SER 24  
25 1 Y 1 A ASN 25  ? A ASN 25  
26 1 Y 1 A GLN 26  ? A GLN 26  
27 1 Y 1 A GLU 27  ? A GLU 27  
28 1 Y 1 A VAL 28  ? A VAL 28  
29 1 Y 1 A ALA 29  ? A ALA 29  
30 1 Y 1 A ASN 30  ? A ASN 30  
31 1 Y 1 A LYS 206 ? A LYS 206 
32 1 Y 1 A SER 207 ? A SER 207 
33 1 Y 1 A GLY 208 ? A GLY 208 
34 1 Y 1 A SER 209 ? A SER 209 
35 1 Y 1 A THR 210 ? A THR 210 
36 1 Y 1 A THR 211 ? A THR 211 
# 
loop_
_chem_comp_atom.comp_id 
_chem_comp_atom.atom_id 
_chem_comp_atom.type_symbol 
_chem_comp_atom.pdbx_aromatic_flag 
_chem_comp_atom.pdbx_stereo_config 
_chem_comp_atom.pdbx_ordinal 
ALA N    N N N 1   
ALA CA   C N S 2   
ALA C    C N N 3   
ALA O    O N N 4   
ALA CB   C N N 5   
ALA OXT  O N N 6   
ALA H    H N N 7   
ALA H2   H N N 8   
ALA HA   H N N 9   
ALA HB1  H N N 10  
ALA HB2  H N N 11  
ALA HB3  H N N 12  
ALA HXT  H N N 13  
ARG N    N N N 14  
ARG CA   C N S 15  
ARG C    C N N 16  
ARG O    O N N 17  
ARG CB   C N N 18  
ARG CG   C N N 19  
ARG CD   C N N 20  
ARG NE   N N N 21  
ARG CZ   C N N 22  
ARG NH1  N N N 23  
ARG NH2  N N N 24  
ARG OXT  O N N 25  
ARG H    H N N 26  
ARG H2   H N N 27  
ARG HA   H N N 28  
ARG HB2  H N N 29  
ARG HB3  H N N 30  
ARG HG2  H N N 31  
ARG HG3  H N N 32  
ARG HD2  H N N 33  
ARG HD3  H N N 34  
ARG HE   H N N 35  
ARG HH11 H N N 36  
ARG HH12 H N N 37  
ARG HH21 H N N 38  
ARG HH22 H N N 39  
ARG HXT  H N N 40  
ASN N    N N N 41  
ASN CA   C N S 42  
ASN C    C N N 43  
ASN O    O N N 44  
ASN CB   C N N 45  
ASN CG   C N N 46  
ASN OD1  O N N 47  
ASN ND2  N N N 48  
ASN OXT  O N N 49  
ASN H    H N N 50  
ASN H2   H N N 51  
ASN HA   H N N 52  
ASN HB2  H N N 53  
ASN HB3  H N N 54  
ASN HD21 H N N 55  
ASN HD22 H N N 56  
ASN HXT  H N N 57  
ASP N    N N N 58  
ASP CA   C N S 59  
ASP C    C N N 60  
ASP O    O N N 61  
ASP CB   C N N 62  
ASP CG   C N N 63  
ASP OD1  O N N 64  
ASP OD2  O N N 65  
ASP OXT  O N N 66  
ASP H    H N N 67  
ASP H2   H N N 68  
ASP HA   H N N 69  
ASP HB2  H N N 70  
ASP HB3  H N N 71  
ASP HD2  H N N 72  
ASP HXT  H N N 73  
CYS N    N N N 74  
CYS CA   C N R 75  
CYS C    C N N 76  
CYS O    O N N 77  
CYS CB   C N N 78  
CYS SG   S N N 79  
CYS OXT  O N N 80  
CYS H    H N N 81  
CYS H2   H N N 82  
CYS HA   H N N 83  
CYS HB2  H N N 84  
CYS HB3  H N N 85  
CYS HG   H N N 86  
CYS HXT  H N N 87  
GLN N    N N N 88  
GLN CA   C N S 89  
GLN C    C N N 90  
GLN O    O N N 91  
GLN CB   C N N 92  
GLN CG   C N N 93  
GLN CD   C N N 94  
GLN OE1  O N N 95  
GLN NE2  N N N 96  
GLN OXT  O N N 97  
GLN H    H N N 98  
GLN H2   H N N 99  
GLN HA   H N N 100 
GLN HB2  H N N 101 
GLN HB3  H N N 102 
GLN HG2  H N N 103 
GLN HG3  H N N 104 
GLN HE21 H N N 105 
GLN HE22 H N N 106 
GLN HXT  H N N 107 
GLU N    N N N 108 
GLU CA   C N S 109 
GLU C    C N N 110 
GLU O    O N N 111 
GLU CB   C N N 112 
GLU CG   C N N 113 
GLU CD   C N N 114 
GLU OE1  O N N 115 
GLU OE2  O N N 116 
GLU OXT  O N N 117 
GLU H    H N N 118 
GLU H2   H N N 119 
GLU HA   H N N 120 
GLU HB2  H N N 121 
GLU HB3  H N N 122 
GLU HG2  H N N 123 
GLU HG3  H N N 124 
GLU HE2  H N N 125 
GLU HXT  H N N 126 
GLY N    N N N 127 
GLY CA   C N N 128 
GLY C    C N N 129 
GLY O    O N N 130 
GLY OXT  O N N 131 
GLY H    H N N 132 
GLY H2   H N N 133 
GLY HA2  H N N 134 
GLY HA3  H N N 135 
GLY HXT  H N N 136 
HIS N    N N N 137 
HIS CA   C N S 138 
HIS C    C N N 139 
HIS O    O N N 140 
HIS CB   C N N 141 
HIS CG   C Y N 142 
HIS ND1  N Y N 143 
HIS CD2  C Y N 144 
HIS CE1  C Y N 145 
HIS NE2  N Y N 146 
HIS OXT  O N N 147 
HIS H    H N N 148 
HIS H2   H N N 149 
HIS HA   H N N 150 
HIS HB2  H N N 151 
HIS HB3  H N N 152 
HIS HD1  H N N 153 
HIS HD2  H N N 154 
HIS HE1  H N N 155 
HIS HE2  H N N 156 
HIS HXT  H N N 157 
HOH O    O N N 158 
HOH H1   H N N 159 
HOH H2   H N N 160 
ILE N    N N N 161 
ILE CA   C N S 162 
ILE C    C N N 163 
ILE O    O N N 164 
ILE CB   C N S 165 
ILE CG1  C N N 166 
ILE CG2  C N N 167 
ILE CD1  C N N 168 
ILE OXT  O N N 169 
ILE H    H N N 170 
ILE H2   H N N 171 
ILE HA   H N N 172 
ILE HB   H N N 173 
ILE HG12 H N N 174 
ILE HG13 H N N 175 
ILE HG21 H N N 176 
ILE HG22 H N N 177 
ILE HG23 H N N 178 
ILE HD11 H N N 179 
ILE HD12 H N N 180 
ILE HD13 H N N 181 
ILE HXT  H N N 182 
LEU N    N N N 183 
LEU CA   C N S 184 
LEU C    C N N 185 
LEU O    O N N 186 
LEU CB   C N N 187 
LEU CG   C N N 188 
LEU CD1  C N N 189 
LEU CD2  C N N 190 
LEU OXT  O N N 191 
LEU H    H N N 192 
LEU H2   H N N 193 
LEU HA   H N N 194 
LEU HB2  H N N 195 
LEU HB3  H N N 196 
LEU HG   H N N 197 
LEU HD11 H N N 198 
LEU HD12 H N N 199 
LEU HD13 H N N 200 
LEU HD21 H N N 201 
LEU HD22 H N N 202 
LEU HD23 H N N 203 
LEU HXT  H N N 204 
LYS N    N N N 205 
LYS CA   C N S 206 
LYS C    C N N 207 
LYS O    O N N 208 
LYS CB   C N N 209 
LYS CG   C N N 210 
LYS CD   C N N 211 
LYS CE   C N N 212 
LYS NZ   N N N 213 
LYS OXT  O N N 214 
LYS H    H N N 215 
LYS H2   H N N 216 
LYS HA   H N N 217 
LYS HB2  H N N 218 
LYS HB3  H N N 219 
LYS HG2  H N N 220 
LYS HG3  H N N 221 
LYS HD2  H N N 222 
LYS HD3  H N N 223 
LYS HE2  H N N 224 
LYS HE3  H N N 225 
LYS HZ1  H N N 226 
LYS HZ2  H N N 227 
LYS HZ3  H N N 228 
LYS HXT  H N N 229 
MET N    N N N 230 
MET CA   C N S 231 
MET C    C N N 232 
MET O    O N N 233 
MET CB   C N N 234 
MET CG   C N N 235 
MET SD   S N N 236 
MET CE   C N N 237 
MET OXT  O N N 238 
MET H    H N N 239 
MET H2   H N N 240 
MET HA   H N N 241 
MET HB2  H N N 242 
MET HB3  H N N 243 
MET HG2  H N N 244 
MET HG3  H N N 245 
MET HE1  H N N 246 
MET HE2  H N N 247 
MET HE3  H N N 248 
MET HXT  H N N 249 
MK8 C    C N N 250 
MK8 N    N N N 251 
MK8 O    O N N 252 
MK8 CA   C N S 253 
MK8 CB   C N N 254 
MK8 CD   C N N 255 
MK8 CE   C N N 256 
MK8 CG   C N N 257 
MK8 CB1  C N N 258 
MK8 OXT  O N N 259 
MK8 H    H N N 260 
MK8 H2   H N N 261 
MK8 HB   H N N 262 
MK8 HBA  H N N 263 
MK8 HD   H N N 264 
MK8 HDA  H N N 265 
MK8 HE   H N N 266 
MK8 HEA  H N N 267 
MK8 HEB  H N N 268 
MK8 HG   H N N 269 
MK8 HGA  H N N 270 
MK8 HB1  H N N 271 
MK8 HB1A H N N 272 
MK8 HB1B H N N 273 
MK8 HXT  H N N 274 
NH2 N    N N N 275 
NH2 HN1  H N N 276 
NH2 HN2  H N N 277 
PHE N    N N N 278 
PHE CA   C N S 279 
PHE C    C N N 280 
PHE O    O N N 281 
PHE CB   C N N 282 
PHE CG   C Y N 283 
PHE CD1  C Y N 284 
PHE CD2  C Y N 285 
PHE CE1  C Y N 286 
PHE CE2  C Y N 287 
PHE CZ   C Y N 288 
PHE OXT  O N N 289 
PHE H    H N N 290 
PHE H2   H N N 291 
PHE HA   H N N 292 
PHE HB2  H N N 293 
PHE HB3  H N N 294 
PHE HD1  H N N 295 
PHE HD2  H N N 296 
PHE HE1  H N N 297 
PHE HE2  H N N 298 
PHE HZ   H N N 299 
PHE HXT  H N N 300 
PRO N    N N N 301 
PRO CA   C N S 302 
PRO C    C N N 303 
PRO O    O N N 304 
PRO CB   C N N 305 
PRO CG   C N N 306 
PRO CD   C N N 307 
PRO OXT  O N N 308 
PRO H    H N N 309 
PRO HA   H N N 310 
PRO HB2  H N N 311 
PRO HB3  H N N 312 
PRO HG2  H N N 313 
PRO HG3  H N N 314 
PRO HD2  H N N 315 
PRO HD3  H N N 316 
PRO HXT  H N N 317 
SER N    N N N 318 
SER CA   C N S 319 
SER C    C N N 320 
SER O    O N N 321 
SER CB   C N N 322 
SER OG   O N N 323 
SER OXT  O N N 324 
SER H    H N N 325 
SER H2   H N N 326 
SER HA   H N N 327 
SER HB2  H N N 328 
SER HB3  H N N 329 
SER HG   H N N 330 
SER HXT  H N N 331 
THR N    N N N 332 
THR CA   C N S 333 
THR C    C N N 334 
THR O    O N N 335 
THR CB   C N R 336 
THR OG1  O N N 337 
THR CG2  C N N 338 
THR OXT  O N N 339 
THR H    H N N 340 
THR H2   H N N 341 
THR HA   H N N 342 
THR HB   H N N 343 
THR HG1  H N N 344 
THR HG21 H N N 345 
THR HG22 H N N 346 
THR HG23 H N N 347 
THR HXT  H N N 348 
TRP N    N N N 349 
TRP CA   C N S 350 
TRP C    C N N 351 
TRP O    O N N 352 
TRP CB   C N N 353 
TRP CG   C Y N 354 
TRP CD1  C Y N 355 
TRP CD2  C Y N 356 
TRP NE1  N Y N 357 
TRP CE2  C Y N 358 
TRP CE3  C Y N 359 
TRP CZ2  C Y N 360 
TRP CZ3  C Y N 361 
TRP CH2  C Y N 362 
TRP OXT  O N N 363 
TRP H    H N N 364 
TRP H2   H N N 365 
TRP HA   H N N 366 
TRP HB2  H N N 367 
TRP HB3  H N N 368 
TRP HD1  H N N 369 
TRP HE1  H N N 370 
TRP HE3  H N N 371 
TRP HZ2  H N N 372 
TRP HZ3  H N N 373 
TRP HH2  H N N 374 
TRP HXT  H N N 375 
TYR N    N N N 376 
TYR CA   C N S 377 
TYR C    C N N 378 
TYR O    O N N 379 
TYR CB   C N N 380 
TYR CG   C Y N 381 
TYR CD1  C Y N 382 
TYR CD2  C Y N 383 
TYR CE1  C Y N 384 
TYR CE2  C Y N 385 
TYR CZ   C Y N 386 
TYR OH   O N N 387 
TYR OXT  O N N 388 
TYR H    H N N 389 
TYR H2   H N N 390 
TYR HA   H N N 391 
TYR HB2  H N N 392 
TYR HB3  H N N 393 
TYR HD1  H N N 394 
TYR HD2  H N N 395 
TYR HE1  H N N 396 
TYR HE2  H N N 397 
TYR HH   H N N 398 
TYR HXT  H N N 399 
VAL N    N N N 400 
VAL CA   C N S 401 
VAL C    C N N 402 
VAL O    O N N 403 
VAL CB   C N N 404 
VAL CG1  C N N 405 
VAL CG2  C N N 406 
VAL OXT  O N N 407 
VAL H    H N N 408 
VAL H2   H N N 409 
VAL HA   H N N 410 
VAL HB   H N N 411 
VAL HG11 H N N 412 
VAL HG12 H N N 413 
VAL HG13 H N N 414 
VAL HG21 H N N 415 
VAL HG22 H N N 416 
VAL HG23 H N N 417 
VAL HXT  H N N 418 
# 
loop_
_chem_comp_bond.comp_id 
_chem_comp_bond.atom_id_1 
_chem_comp_bond.atom_id_2 
_chem_comp_bond.value_order 
_chem_comp_bond.pdbx_aromatic_flag 
_chem_comp_bond.pdbx_stereo_config 
_chem_comp_bond.pdbx_ordinal 
ALA N   CA   sing N N 1   
ALA N   H    sing N N 2   
ALA N   H2   sing N N 3   
ALA CA  C    sing N N 4   
ALA CA  CB   sing N N 5   
ALA CA  HA   sing N N 6   
ALA C   O    doub N N 7   
ALA C   OXT  sing N N 8   
ALA CB  HB1  sing N N 9   
ALA CB  HB2  sing N N 10  
ALA CB  HB3  sing N N 11  
ALA OXT HXT  sing N N 12  
ARG N   CA   sing N N 13  
ARG N   H    sing N N 14  
ARG N   H2   sing N N 15  
ARG CA  C    sing N N 16  
ARG CA  CB   sing N N 17  
ARG CA  HA   sing N N 18  
ARG C   O    doub N N 19  
ARG C   OXT  sing N N 20  
ARG CB  CG   sing N N 21  
ARG CB  HB2  sing N N 22  
ARG CB  HB3  sing N N 23  
ARG CG  CD   sing N N 24  
ARG CG  HG2  sing N N 25  
ARG CG  HG3  sing N N 26  
ARG CD  NE   sing N N 27  
ARG CD  HD2  sing N N 28  
ARG CD  HD3  sing N N 29  
ARG NE  CZ   sing N N 30  
ARG NE  HE   sing N N 31  
ARG CZ  NH1  sing N N 32  
ARG CZ  NH2  doub N N 33  
ARG NH1 HH11 sing N N 34  
ARG NH1 HH12 sing N N 35  
ARG NH2 HH21 sing N N 36  
ARG NH2 HH22 sing N N 37  
ARG OXT HXT  sing N N 38  
ASN N   CA   sing N N 39  
ASN N   H    sing N N 40  
ASN N   H2   sing N N 41  
ASN CA  C    sing N N 42  
ASN CA  CB   sing N N 43  
ASN CA  HA   sing N N 44  
ASN C   O    doub N N 45  
ASN C   OXT  sing N N 46  
ASN CB  CG   sing N N 47  
ASN CB  HB2  sing N N 48  
ASN CB  HB3  sing N N 49  
ASN CG  OD1  doub N N 50  
ASN CG  ND2  sing N N 51  
ASN ND2 HD21 sing N N 52  
ASN ND2 HD22 sing N N 53  
ASN OXT HXT  sing N N 54  
ASP N   CA   sing N N 55  
ASP N   H    sing N N 56  
ASP N   H2   sing N N 57  
ASP CA  C    sing N N 58  
ASP CA  CB   sing N N 59  
ASP CA  HA   sing N N 60  
ASP C   O    doub N N 61  
ASP C   OXT  sing N N 62  
ASP CB  CG   sing N N 63  
ASP CB  HB2  sing N N 64  
ASP CB  HB3  sing N N 65  
ASP CG  OD1  doub N N 66  
ASP CG  OD2  sing N N 67  
ASP OD2 HD2  sing N N 68  
ASP OXT HXT  sing N N 69  
CYS N   CA   sing N N 70  
CYS N   H    sing N N 71  
CYS N   H2   sing N N 72  
CYS CA  C    sing N N 73  
CYS CA  CB   sing N N 74  
CYS CA  HA   sing N N 75  
CYS C   O    doub N N 76  
CYS C   OXT  sing N N 77  
CYS CB  SG   sing N N 78  
CYS CB  HB2  sing N N 79  
CYS CB  HB3  sing N N 80  
CYS SG  HG   sing N N 81  
CYS OXT HXT  sing N N 82  
GLN N   CA   sing N N 83  
GLN N   H    sing N N 84  
GLN N   H2   sing N N 85  
GLN CA  C    sing N N 86  
GLN CA  CB   sing N N 87  
GLN CA  HA   sing N N 88  
GLN C   O    doub N N 89  
GLN C   OXT  sing N N 90  
GLN CB  CG   sing N N 91  
GLN CB  HB2  sing N N 92  
GLN CB  HB3  sing N N 93  
GLN CG  CD   sing N N 94  
GLN CG  HG2  sing N N 95  
GLN CG  HG3  sing N N 96  
GLN CD  OE1  doub N N 97  
GLN CD  NE2  sing N N 98  
GLN NE2 HE21 sing N N 99  
GLN NE2 HE22 sing N N 100 
GLN OXT HXT  sing N N 101 
GLU N   CA   sing N N 102 
GLU N   H    sing N N 103 
GLU N   H2   sing N N 104 
GLU CA  C    sing N N 105 
GLU CA  CB   sing N N 106 
GLU CA  HA   sing N N 107 
GLU C   O    doub N N 108 
GLU C   OXT  sing N N 109 
GLU CB  CG   sing N N 110 
GLU CB  HB2  sing N N 111 
GLU CB  HB3  sing N N 112 
GLU CG  CD   sing N N 113 
GLU CG  HG2  sing N N 114 
GLU CG  HG3  sing N N 115 
GLU CD  OE1  doub N N 116 
GLU CD  OE2  sing N N 117 
GLU OE2 HE2  sing N N 118 
GLU OXT HXT  sing N N 119 
GLY N   CA   sing N N 120 
GLY N   H    sing N N 121 
GLY N   H2   sing N N 122 
GLY CA  C    sing N N 123 
GLY CA  HA2  sing N N 124 
GLY CA  HA3  sing N N 125 
GLY C   O    doub N N 126 
GLY C   OXT  sing N N 127 
GLY OXT HXT  sing N N 128 
HIS N   CA   sing N N 129 
HIS N   H    sing N N 130 
HIS N   H2   sing N N 131 
HIS CA  C    sing N N 132 
HIS CA  CB   sing N N 133 
HIS CA  HA   sing N N 134 
HIS C   O    doub N N 135 
HIS C   OXT  sing N N 136 
HIS CB  CG   sing N N 137 
HIS CB  HB2  sing N N 138 
HIS CB  HB3  sing N N 139 
HIS CG  ND1  sing Y N 140 
HIS CG  CD2  doub Y N 141 
HIS ND1 CE1  doub Y N 142 
HIS ND1 HD1  sing N N 143 
HIS CD2 NE2  sing Y N 144 
HIS CD2 HD2  sing N N 145 
HIS CE1 NE2  sing Y N 146 
HIS CE1 HE1  sing N N 147 
HIS NE2 HE2  sing N N 148 
HIS OXT HXT  sing N N 149 
HOH O   H1   sing N N 150 
HOH O   H2   sing N N 151 
ILE N   CA   sing N N 152 
ILE N   H    sing N N 153 
ILE N   H2   sing N N 154 
ILE CA  C    sing N N 155 
ILE CA  CB   sing N N 156 
ILE CA  HA   sing N N 157 
ILE C   O    doub N N 158 
ILE C   OXT  sing N N 159 
ILE CB  CG1  sing N N 160 
ILE CB  CG2  sing N N 161 
ILE CB  HB   sing N N 162 
ILE CG1 CD1  sing N N 163 
ILE CG1 HG12 sing N N 164 
ILE CG1 HG13 sing N N 165 
ILE CG2 HG21 sing N N 166 
ILE CG2 HG22 sing N N 167 
ILE CG2 HG23 sing N N 168 
ILE CD1 HD11 sing N N 169 
ILE CD1 HD12 sing N N 170 
ILE CD1 HD13 sing N N 171 
ILE OXT HXT  sing N N 172 
LEU N   CA   sing N N 173 
LEU N   H    sing N N 174 
LEU N   H2   sing N N 175 
LEU CA  C    sing N N 176 
LEU CA  CB   sing N N 177 
LEU CA  HA   sing N N 178 
LEU C   O    doub N N 179 
LEU C   OXT  sing N N 180 
LEU CB  CG   sing N N 181 
LEU CB  HB2  sing N N 182 
LEU CB  HB3  sing N N 183 
LEU CG  CD1  sing N N 184 
LEU CG  CD2  sing N N 185 
LEU CG  HG   sing N N 186 
LEU CD1 HD11 sing N N 187 
LEU CD1 HD12 sing N N 188 
LEU CD1 HD13 sing N N 189 
LEU CD2 HD21 sing N N 190 
LEU CD2 HD22 sing N N 191 
LEU CD2 HD23 sing N N 192 
LEU OXT HXT  sing N N 193 
LYS N   CA   sing N N 194 
LYS N   H    sing N N 195 
LYS N   H2   sing N N 196 
LYS CA  C    sing N N 197 
LYS CA  CB   sing N N 198 
LYS CA  HA   sing N N 199 
LYS C   O    doub N N 200 
LYS C   OXT  sing N N 201 
LYS CB  CG   sing N N 202 
LYS CB  HB2  sing N N 203 
LYS CB  HB3  sing N N 204 
LYS CG  CD   sing N N 205 
LYS CG  HG2  sing N N 206 
LYS CG  HG3  sing N N 207 
LYS CD  CE   sing N N 208 
LYS CD  HD2  sing N N 209 
LYS CD  HD3  sing N N 210 
LYS CE  NZ   sing N N 211 
LYS CE  HE2  sing N N 212 
LYS CE  HE3  sing N N 213 
LYS NZ  HZ1  sing N N 214 
LYS NZ  HZ2  sing N N 215 
LYS NZ  HZ3  sing N N 216 
LYS OXT HXT  sing N N 217 
MET N   CA   sing N N 218 
MET N   H    sing N N 219 
MET N   H2   sing N N 220 
MET CA  C    sing N N 221 
MET CA  CB   sing N N 222 
MET CA  HA   sing N N 223 
MET C   O    doub N N 224 
MET C   OXT  sing N N 225 
MET CB  CG   sing N N 226 
MET CB  HB2  sing N N 227 
MET CB  HB3  sing N N 228 
MET CG  SD   sing N N 229 
MET CG  HG2  sing N N 230 
MET CG  HG3  sing N N 231 
MET SD  CE   sing N N 232 
MET CE  HE1  sing N N 233 
MET CE  HE2  sing N N 234 
MET CE  HE3  sing N N 235 
MET OXT HXT  sing N N 236 
MK8 C   CA   sing N N 237 
MK8 C   OXT  sing N N 238 
MK8 N   H    sing N N 239 
MK8 N   H2   sing N N 240 
MK8 O   C    doub N N 241 
MK8 CA  N    sing N N 242 
MK8 CA  CB   sing N N 243 
MK8 CB  HB   sing N N 244 
MK8 CB  HBA  sing N N 245 
MK8 CD  CG   sing N N 246 
MK8 CD  HD   sing N N 247 
MK8 CD  HDA  sing N N 248 
MK8 CE  CD   sing N N 249 
MK8 CE  HE   sing N N 250 
MK8 CE  HEA  sing N N 251 
MK8 CE  HEB  sing N N 252 
MK8 CG  CB   sing N N 253 
MK8 CG  HG   sing N N 254 
MK8 CG  HGA  sing N N 255 
MK8 CB1 CA   sing N N 256 
MK8 CB1 HB1  sing N N 257 
MK8 CB1 HB1A sing N N 258 
MK8 CB1 HB1B sing N N 259 
MK8 OXT HXT  sing N N 260 
NH2 N   HN1  sing N N 261 
NH2 N   HN2  sing N N 262 
PHE N   CA   sing N N 263 
PHE N   H    sing N N 264 
PHE N   H2   sing N N 265 
PHE CA  C    sing N N 266 
PHE CA  CB   sing N N 267 
PHE CA  HA   sing N N 268 
PHE C   O    doub N N 269 
PHE C   OXT  sing N N 270 
PHE CB  CG   sing N N 271 
PHE CB  HB2  sing N N 272 
PHE CB  HB3  sing N N 273 
PHE CG  CD1  doub Y N 274 
PHE CG  CD2  sing Y N 275 
PHE CD1 CE1  sing Y N 276 
PHE CD1 HD1  sing N N 277 
PHE CD2 CE2  doub Y N 278 
PHE CD2 HD2  sing N N 279 
PHE CE1 CZ   doub Y N 280 
PHE CE1 HE1  sing N N 281 
PHE CE2 CZ   sing Y N 282 
PHE CE2 HE2  sing N N 283 
PHE CZ  HZ   sing N N 284 
PHE OXT HXT  sing N N 285 
PRO N   CA   sing N N 286 
PRO N   CD   sing N N 287 
PRO N   H    sing N N 288 
PRO CA  C    sing N N 289 
PRO CA  CB   sing N N 290 
PRO CA  HA   sing N N 291 
PRO C   O    doub N N 292 
PRO C   OXT  sing N N 293 
PRO CB  CG   sing N N 294 
PRO CB  HB2  sing N N 295 
PRO CB  HB3  sing N N 296 
PRO CG  CD   sing N N 297 
PRO CG  HG2  sing N N 298 
PRO CG  HG3  sing N N 299 
PRO CD  HD2  sing N N 300 
PRO CD  HD3  sing N N 301 
PRO OXT HXT  sing N N 302 
SER N   CA   sing N N 303 
SER N   H    sing N N 304 
SER N   H2   sing N N 305 
SER CA  C    sing N N 306 
SER CA  CB   sing N N 307 
SER CA  HA   sing N N 308 
SER C   O    doub N N 309 
SER C   OXT  sing N N 310 
SER CB  OG   sing N N 311 
SER CB  HB2  sing N N 312 
SER CB  HB3  sing N N 313 
SER OG  HG   sing N N 314 
SER OXT HXT  sing N N 315 
THR N   CA   sing N N 316 
THR N   H    sing N N 317 
THR N   H2   sing N N 318 
THR CA  C    sing N N 319 
THR CA  CB   sing N N 320 
THR CA  HA   sing N N 321 
THR C   O    doub N N 322 
THR C   OXT  sing N N 323 
THR CB  OG1  sing N N 324 
THR CB  CG2  sing N N 325 
THR CB  HB   sing N N 326 
THR OG1 HG1  sing N N 327 
THR CG2 HG21 sing N N 328 
THR CG2 HG22 sing N N 329 
THR CG2 HG23 sing N N 330 
THR OXT HXT  sing N N 331 
TRP N   CA   sing N N 332 
TRP N   H    sing N N 333 
TRP N   H2   sing N N 334 
TRP CA  C    sing N N 335 
TRP CA  CB   sing N N 336 
TRP CA  HA   sing N N 337 
TRP C   O    doub N N 338 
TRP C   OXT  sing N N 339 
TRP CB  CG   sing N N 340 
TRP CB  HB2  sing N N 341 
TRP CB  HB3  sing N N 342 
TRP CG  CD1  doub Y N 343 
TRP CG  CD2  sing Y N 344 
TRP CD1 NE1  sing Y N 345 
TRP CD1 HD1  sing N N 346 
TRP CD2 CE2  doub Y N 347 
TRP CD2 CE3  sing Y N 348 
TRP NE1 CE2  sing Y N 349 
TRP NE1 HE1  sing N N 350 
TRP CE2 CZ2  sing Y N 351 
TRP CE3 CZ3  doub Y N 352 
TRP CE3 HE3  sing N N 353 
TRP CZ2 CH2  doub Y N 354 
TRP CZ2 HZ2  sing N N 355 
TRP CZ3 CH2  sing Y N 356 
TRP CZ3 HZ3  sing N N 357 
TRP CH2 HH2  sing N N 358 
TRP OXT HXT  sing N N 359 
TYR N   CA   sing N N 360 
TYR N   H    sing N N 361 
TYR N   H2   sing N N 362 
TYR CA  C    sing N N 363 
TYR CA  CB   sing N N 364 
TYR CA  HA   sing N N 365 
TYR C   O    doub N N 366 
TYR C   OXT  sing N N 367 
TYR CB  CG   sing N N 368 
TYR CB  HB2  sing N N 369 
TYR CB  HB3  sing N N 370 
TYR CG  CD1  doub Y N 371 
TYR CG  CD2  sing Y N 372 
TYR CD1 CE1  sing Y N 373 
TYR CD1 HD1  sing N N 374 
TYR CD2 CE2  doub Y N 375 
TYR CD2 HD2  sing N N 376 
TYR CE1 CZ   doub Y N 377 
TYR CE1 HE1  sing N N 378 
TYR CE2 CZ   sing Y N 379 
TYR CE2 HE2  sing N N 380 
TYR CZ  OH   sing N N 381 
TYR OH  HH   sing N N 382 
TYR OXT HXT  sing N N 383 
VAL N   CA   sing N N 384 
VAL N   H    sing N N 385 
VAL N   H2   sing N N 386 
VAL CA  C    sing N N 387 
VAL CA  CB   sing N N 388 
VAL CA  HA   sing N N 389 
VAL C   O    doub N N 390 
VAL C   OXT  sing N N 391 
VAL CB  CG1  sing N N 392 
VAL CB  CG2  sing N N 393 
VAL CB  HB   sing N N 394 
VAL CG1 HG11 sing N N 395 
VAL CG1 HG12 sing N N 396 
VAL CG1 HG13 sing N N 397 
VAL CG2 HG21 sing N N 398 
VAL CG2 HG22 sing N N 399 
VAL CG2 HG23 sing N N 400 
VAL OXT HXT  sing N N 401 
# 
_pdbx_initial_refinement_model.id               1 
_pdbx_initial_refinement_model.entity_id_list   ? 
_pdbx_initial_refinement_model.type             'experimental model' 
_pdbx_initial_refinement_model.source_name      PDB 
_pdbx_initial_refinement_model.accession_code   4AZA 
_pdbx_initial_refinement_model.details          'PDB ENTRY 4AZA' 
# 
_atom_sites.entry_id                    4BEA 
_atom_sites.fract_transf_matrix[1][1]   0.00446112 
_atom_sites.fract_transf_matrix[1][2]   -0.01313382 
_atom_sites.fract_transf_matrix[1][3]   -0.02211970 
_atom_sites.fract_transf_matrix[2][1]   -0.01057514 
_atom_sites.fract_transf_matrix[2][2]   -0.00260974 
_atom_sites.fract_transf_matrix[2][3]   -0.00058324 
_atom_sites.fract_transf_matrix[3][1]   -0.00127470 
_atom_sites.fract_transf_matrix[3][2]   0.00602188 
_atom_sites.fract_transf_matrix[3][3]   -0.00383264 
_atom_sites.fract_transf_vector[1]      -0.402082 
_atom_sites.fract_transf_vector[2]      -0.120507 
_atom_sites.fract_transf_vector[3]      -0.098893 
# 
loop_
_atom_type.symbol 
C 
N 
O 
S 
# 
loop_
_atom_site.group_PDB 
_atom_site.id 
_atom_site.type_symbol 
_atom_site.label_atom_id 
_atom_site.label_alt_id 
_atom_site.label_comp_id 
_atom_site.label_asym_id 
_atom_site.label_entity_id 
_atom_site.label_seq_id 
_atom_site.pdbx_PDB_ins_code 
_atom_site.Cartn_x 
_atom_site.Cartn_y 
_atom_site.Cartn_z 
_atom_site.occupancy 
_atom_site.B_iso_or_equiv 
_atom_site.pdbx_formal_charge 
_atom_site.auth_seq_id 
_atom_site.auth_comp_id 
_atom_site.auth_asym_id 
_atom_site.auth_atom_id 
_atom_site.pdbx_PDB_model_num 
ATOM   1    N N   . PRO A 1 31  ? -5.232  31.865  2.323   1.00 37.03 ? 31   PRO A N   1 
ATOM   2    C CA  . PRO A 1 31  ? -4.570  30.552  2.393   1.00 36.85 ? 31   PRO A CA  1 
ATOM   3    C C   . PRO A 1 31  ? -4.492  29.877  1.022   1.00 36.15 ? 31   PRO A C   1 
ATOM   4    O O   . PRO A 1 31  ? -3.457  29.320  0.638   1.00 35.85 ? 31   PRO A O   1 
ATOM   5    C CB  . PRO A 1 31  ? -5.484  29.741  3.341   1.00 36.03 ? 31   PRO A CB  1 
ATOM   6    C CG  . PRO A 1 31  ? -6.376  30.737  4.000   1.00 36.10 ? 31   PRO A CG  1 
ATOM   7    C CD  . PRO A 1 31  ? -6.542  31.841  2.995   1.00 36.61 ? 31   PRO A CD  1 
ATOM   8    N N   . GLU A 1 32  ? -5.597  29.948  0.297   1.00 35.36 ? 32   GLU A N   1 
ATOM   9    C CA  . GLU A 1 32  ? -5.728  29.326  -1.013  1.00 34.02 ? 32   GLU A CA  1 
ATOM   10   C C   . GLU A 1 32  ? -4.450  29.449  -1.871  1.00 32.03 ? 32   GLU A C   1 
ATOM   11   O O   . GLU A 1 32  ? -4.110  28.520  -2.617  1.00 30.17 ? 32   GLU A O   1 
ATOM   12   C CB  . GLU A 1 32  ? -6.923  29.960  -1.737  1.00 34.70 ? 32   GLU A CB  1 
ATOM   13   C CG  . GLU A 1 32  ? -7.545  29.094  -2.811  1.00 35.67 ? 32   GLU A CG  1 
ATOM   14   C CD  . GLU A 1 32  ? -7.773  29.854  -4.111  1.00 35.80 ? 32   GLU A CD  1 
ATOM   15   O OE1 . GLU A 1 32  ? -8.283  30.993  -4.071  1.00 35.18 ? 32   GLU A OE1 1 
ATOM   16   O OE2 . GLU A 1 32  ? -7.438  29.302  -5.177  1.00 36.45 ? 32   GLU A OE2 1 
ATOM   17   N N   . HIS A 1 33  ? -3.749  30.584  -1.748  1.00 29.79 ? 33   HIS A N   1 
ATOM   18   C CA  . HIS A 1 33  ? -2.626  30.927  -2.647  1.00 27.97 ? 33   HIS A CA  1 
ATOM   19   C C   . HIS A 1 33  ? -1.213  30.366  -2.289  1.00 24.38 ? 33   HIS A C   1 
ATOM   20   O O   . HIS A 1 33  ? -0.367  30.235  -3.179  1.00 22.77 ? 33   HIS A O   1 
ATOM   21   C CB  . HIS A 1 33  ? -2.534  32.461  -2.793  1.00 29.80 ? 33   HIS A CB  1 
ATOM   22   C CG  . HIS A 1 33  ? -3.774  33.106  -3.349  1.00 32.01 ? 33   HIS A CG  1 
ATOM   23   N ND1 . HIS A 1 33  ? -4.166  34.384  -3.007  1.00 33.30 ? 33   HIS A ND1 1 
ATOM   24   C CD2 . HIS A 1 33  ? -4.707  32.651  -4.222  1.00 33.14 ? 33   HIS A CD2 1 
ATOM   25   C CE1 . HIS A 1 33  ? -5.285  34.689  -3.643  1.00 33.18 ? 33   HIS A CE1 1 
ATOM   26   N NE2 . HIS A 1 33  ? -5.635  33.655  -4.387  1.00 32.68 ? 33   HIS A NE2 1 
ATOM   27   N N   . TYR A 1 34  ? -0.967  30.035  -1.014  1.00 20.97 ? 34   TYR A N   1 
ATOM   28   C CA  . TYR A 1 34  ? 0.399   29.746  -0.520  1.00 18.93 ? 34   TYR A CA  1 
ATOM   29   C C   . TYR A 1 34  ? 0.556   28.512  0.419   1.00 17.11 ? 34   TYR A C   1 
ATOM   30   O O   . TYR A 1 34  ? 1.676   28.105  0.760   1.00 16.04 ? 34   TYR A O   1 
ATOM   31   C CB  . TYR A 1 34  ? 0.928   30.994  0.198   1.00 19.10 ? 34   TYR A CB  1 
ATOM   32   C CG  . TYR A 1 34  ? 0.174   31.320  1.469   1.00 19.69 ? 34   TYR A CG  1 
ATOM   33   C CD1 . TYR A 1 34  ? 0.494   30.684  2.661   1.00 20.10 ? 34   TYR A CD1 1 
ATOM   34   C CD2 . TYR A 1 34  ? -0.874  32.246  1.480   1.00 19.88 ? 34   TYR A CD2 1 
ATOM   35   C CE1 . TYR A 1 34  ? -0.198  30.957  3.826   1.00 20.52 ? 34   TYR A CE1 1 
ATOM   36   C CE2 . TYR A 1 34  ? -1.562  32.543  2.653   1.00 19.99 ? 34   TYR A CE2 1 
ATOM   37   C CZ  . TYR A 1 34  ? -1.221  31.890  3.825   1.00 20.64 ? 34   TYR A CZ  1 
ATOM   38   O OH  . TYR A 1 34  ? -1.887  32.140  5.016   1.00 21.01 ? 34   TYR A OH  1 
ATOM   39   N N   . ILE A 1 35  ? -0.566  27.949  0.858   1.00 15.46 ? 35   ILE A N   1 
ATOM   40   C CA  . ILE A 1 35  ? -0.568  26.807  1.762   1.00 14.42 ? 35   ILE A CA  1 
ATOM   41   C C   . ILE A 1 35  ? -0.555  25.513  0.982   1.00 12.56 ? 35   ILE A C   1 
ATOM   42   O O   . ILE A 1 35  ? -1.196  25.410  -0.066  1.00 12.53 ? 35   ILE A O   1 
ATOM   43   C CB  . ILE A 1 35  ? -1.748  26.916  2.750   1.00 15.39 ? 35   ILE A CB  1 
ATOM   44   C CG1 . ILE A 1 35  ? -1.284  27.747  3.941   1.00 15.70 ? 35   ILE A CG1 1 
ATOM   45   C CG2 . ILE A 1 35  ? -2.255  25.560  3.242   1.00 15.82 ? 35   ILE A CG2 1 
ATOM   46   C CD1 . ILE A 1 35  ? -2.412  28.316  4.760   1.00 16.06 ? 35   ILE A CD1 1 
ATOM   47   N N   . LYS A 1 36  ? 0.240   24.566  1.486   1.00 10.68 ? 36   LYS A N   1 
ATOM   48   C CA  . LYS A 1 36  ? 0.318   23.220  0.956   1.00 9.70  ? 36   LYS A CA  1 
ATOM   49   C C   . LYS A 1 36  ? -1.004  22.508  1.186   1.00 8.84  ? 36   LYS A C   1 
ATOM   50   O O   . LYS A 1 36  ? -1.700  22.795  2.152   1.00 8.73  ? 36   LYS A O   1 
ATOM   51   C CB  . LYS A 1 36  ? 1.402   22.433  1.682   1.00 9.58  ? 36   LYS A CB  1 
ATOM   52   C CG  . LYS A 1 36  ? 2.843   22.728  1.304   1.00 9.54  ? 36   LYS A CG  1 
ATOM   53   C CD  . LYS A 1 36  ? 3.717   22.137  2.401   1.00 9.65  ? 36   LYS A CD  1 
ATOM   54   C CE  . LYS A 1 36  ? 5.164   21.920  2.024   1.00 9.70  ? 36   LYS A CE  1 
ATOM   55   N NZ  . LYS A 1 36  ? 5.896   21.391  3.206   1.00 9.59  ? 36   LYS A NZ  1 
ATOM   56   N N   . HIS A 1 37  ? -1.345  21.564  0.324   1.00 8.22  ? 37   HIS A N   1 
ATOM   57   C CA  . HIS A 1 37  ? -2.597  20.819  0.503   1.00 7.94  ? 37   HIS A CA  1 
ATOM   58   C C   . HIS A 1 37  ? -2.347  19.659  1.460   1.00 7.79  ? 37   HIS A C   1 
ATOM   59   O O   . HIS A 1 37  ? -1.559  18.764  1.130   1.00 7.94  ? 37   HIS A O   1 
ATOM   60   C CB  . HIS A 1 37  ? -3.166  20.382  -0.840  1.00 7.81  ? 37   HIS A CB  1 
ATOM   61   C CG  . HIS A 1 37  ? -3.478  21.537  -1.742  1.00 7.74  ? 37   HIS A CG  1 
ATOM   62   N ND1 . HIS A 1 37  ? -2.506  22.202  -2.466  1.00 7.58  ? 37   HIS A ND1 1 
ATOM   63   C CD2 . HIS A 1 37  ? -4.640  22.184  -1.991  1.00 7.63  ? 37   HIS A CD2 1 
ATOM   64   C CE1 . HIS A 1 37  ? -3.064  23.184  -3.147  1.00 7.54  ? 37   HIS A CE1 1 
ATOM   65   N NE2 . HIS A 1 37  ? -4.355  23.196  -2.876  1.00 7.62  ? 37   HIS A NE2 1 
ATOM   66   N N   . PRO A 1 38  ? -2.987  19.688  2.660   1.00 7.50  ? 38   PRO A N   1 
ATOM   67   C CA  . PRO A 1 38  ? -2.636  18.754  3.725   1.00 7.33  ? 38   PRO A CA  1 
ATOM   68   C C   . PRO A 1 38  ? -3.285  17.400  3.565   1.00 7.07  ? 38   PRO A C   1 
ATOM   69   O O   . PRO A 1 38  ? -4.388  17.307  3.042   1.00 7.12  ? 38   PRO A O   1 
ATOM   70   C CB  . PRO A 1 38  ? -3.172  19.434  4.998   1.00 7.34  ? 38   PRO A CB  1 
ATOM   71   C CG  . PRO A 1 38  ? -3.764  20.724  4.553   1.00 7.40  ? 38   PRO A CG  1 
ATOM   72   C CD  . PRO A 1 38  ? -4.078  20.567  3.107   1.00 7.44  ? 38   PRO A CD  1 
ATOM   73   N N   . LEU A 1 39  ? -2.595  16.365  4.028   1.00 6.77  ? 39   LEU A N   1 
ATOM   74   C CA  . LEU A 1 39  ? -3.147  15.026  4.049   1.00 6.55  ? 39   LEU A CA  1 
ATOM   75   C C   . LEU A 1 39  ? -3.734  14.743  5.435   1.00 6.48  ? 39   LEU A C   1 
ATOM   76   O O   . LEU A 1 39  ? -3.180  15.172  6.454   1.00 6.52  ? 39   LEU A O   1 
ATOM   77   C CB  . LEU A 1 39  ? -2.063  14.006  3.668   1.00 6.41  ? 39   LEU A CB  1 
ATOM   78   C CG  . LEU A 1 39  ? -1.518  14.221  2.249   1.00 6.37  ? 39   LEU A CG  1 
ATOM   79   C CD1 . LEU A 1 39  ? -0.271  13.410  1.946   1.00 6.37  ? 39   LEU A CD1 1 
ATOM   80   C CD2 . LEU A 1 39  ? -2.557  13.915  1.192   1.00 6.36  ? 39   LEU A CD2 1 
ATOM   81   N N   . GLN A 1 40  ? -4.869  14.049  5.461   1.00 6.37  ? 40   GLN A N   1 
ATOM   82   C CA  . GLN A 1 40  ? -5.447  13.510  6.703   1.00 6.36  ? 40   GLN A CA  1 
ATOM   83   C C   . GLN A 1 40  ? -4.429  12.837  7.625   1.00 6.03  ? 40   GLN A C   1 
ATOM   84   O O   . GLN A 1 40  ? -4.385  13.119  8.814   1.00 5.95  ? 40   GLN A O   1 
ATOM   85   C CB  . GLN A 1 40  ? -6.534  12.495  6.361   1.00 6.68  ? 40   GLN A CB  1 
ATOM   86   C CG  . GLN A 1 40  ? -7.019  11.652  7.536   1.00 6.88  ? 40   GLN A CG  1 
ATOM   87   C CD  . GLN A 1 40  ? -8.193  12.274  8.219   1.00 7.18  ? 40   GLN A CD  1 
ATOM   88   O OE1 . GLN A 1 40  ? -8.084  12.920  9.292   1.00 7.39  ? 40   GLN A OE1 1 
ATOM   89   N NE2 . GLN A 1 40  ? -9.350  12.093  7.605   1.00 7.42  ? 40   GLN A NE2 1 
ATOM   90   N N   . ASN A 1 41  ? -3.632  11.929  7.090   1.00 5.81  ? 41   ASN A N   1 
ATOM   91   C CA  . ASN A 1 41  ? -2.613  11.268  7.907   1.00 5.78  ? 41   ASN A CA  1 
ATOM   92   C C   . ASN A 1 41  ? -1.198  11.689  7.506   1.00 5.77  ? 41   ASN A C   1 
ATOM   93   O O   . ASN A 1 41  ? -0.980  12.212  6.415   1.00 5.71  ? 41   ASN A O   1 
ATOM   94   C CB  . ASN A 1 41  ? -2.774  9.733   7.860   1.00 5.72  ? 41   ASN A CB  1 
ATOM   95   C CG  . ASN A 1 41  ? -4.068  9.246   8.543   1.00 5.67  ? 41   ASN A CG  1 
ATOM   96   O OD1 . ASN A 1 41  ? -5.004  8.764   7.890   1.00 5.58  ? 41   ASN A OD1 1 
ATOM   97   N ND2 . ASN A 1 41  ? -4.122  9.382   9.866   1.00 5.65  ? 41   ASN A ND2 1 
ATOM   98   N N   . ARG A 1 42  ? -0.254  11.496  8.424   1.00 5.85  ? 42   ARG A N   1 
ATOM   99   C CA  . ARG A 1 42  ? 1.169   11.429  8.081   1.00 5.86  ? 42   ARG A CA  1 
ATOM   100  C C   . ARG A 1 42  ? 1.457   9.964   7.734   1.00 5.94  ? 42   ARG A C   1 
ATOM   101  O O   . ARG A 1 42  ? 0.925   9.043   8.358   1.00 5.83  ? 42   ARG A O   1 
ATOM   102  C CB  . ARG A 1 42  ? 2.059   11.926  9.230   1.00 5.88  ? 42   ARG A CB  1 
ATOM   103  C CG  . ARG A 1 42  ? 3.530   12.161  8.880   1.00 5.94  ? 42   ARG A CG  1 
ATOM   104  C CD  . ARG A 1 42  ? 4.291   12.753  10.067  1.00 6.01  ? 42   ARG A CD  1 
ATOM   105  N NE  . ARG A 1 42  ? 4.078   14.201  10.192  1.00 6.20  ? 42   ARG A NE  1 
ATOM   106  C CZ  . ARG A 1 42  ? 3.985   14.904  11.341  1.00 6.32  ? 42   ARG A CZ  1 
ATOM   107  N NH1 . ARG A 1 42  ? 4.081   14.324  12.554  1.00 6.32  ? 42   ARG A NH1 1 
ATOM   108  N NH2 . ARG A 1 42  ? 3.789   16.224  11.275  1.00 6.30  ? 42   ARG A NH2 1 
ATOM   109  N N   . TRP A 1 43  ? 2.288   9.785   6.708   1.00 6.15  ? 43   TRP A N   1 
ATOM   110  C CA  . TRP A 1 43  ? 2.639   8.506   6.145   1.00 6.25  ? 43   TRP A CA  1 
ATOM   111  C C   . TRP A 1 43  ? 4.147   8.439   6.091   1.00 6.57  ? 43   TRP A C   1 
ATOM   112  O O   . TRP A 1 43  ? 4.810   9.468   5.893   1.00 6.76  ? 43   TRP A O   1 
ATOM   113  C CB  . TRP A 1 43  ? 2.085   8.389   4.725   1.00 6.19  ? 43   TRP A CB  1 
ATOM   114  C CG  . TRP A 1 43  ? 0.572   8.403   4.667   1.00 6.16  ? 43   TRP A CG  1 
ATOM   115  C CD1 . TRP A 1 43  ? -0.234  9.497   4.545   1.00 6.16  ? 43   TRP A CD1 1 
ATOM   116  C CD2 . TRP A 1 43  ? -0.295  7.268   4.723   1.00 6.14  ? 43   TRP A CD2 1 
ATOM   117  N NE1 . TRP A 1 43  ? -1.550  9.115   4.529   1.00 6.18  ? 43   TRP A NE1 1 
ATOM   118  C CE2 . TRP A 1 43  ? -1.619  7.750   4.629   1.00 6.18  ? 43   TRP A CE2 1 
ATOM   119  C CE3 . TRP A 1 43  ? -0.082  5.886   4.838   1.00 6.15  ? 43   TRP A CE3 1 
ATOM   120  C CZ2 . TRP A 1 43  ? -2.743  6.891   4.667   1.00 6.12  ? 43   TRP A CZ2 1 
ATOM   121  C CZ3 . TRP A 1 43  ? -1.186  5.037   4.864   1.00 6.18  ? 43   TRP A CZ3 1 
ATOM   122  C CH2 . TRP A 1 43  ? -2.508  5.551   4.793   1.00 6.12  ? 43   TRP A CH2 1 
ATOM   123  N N   . ALA A 1 44  ? 4.685   7.228   6.256   1.00 6.80  ? 44   ALA A N   1 
ATOM   124  C CA  . ALA A 1 44  ? 6.106   6.990   6.199   1.00 6.92  ? 44   ALA A CA  1 
ATOM   125  C C   . ALA A 1 44  ? 6.386   5.978   5.115   1.00 7.12  ? 44   ALA A C   1 
ATOM   126  O O   . ALA A 1 44  ? 5.864   4.874   5.162   1.00 7.09  ? 44   ALA A O   1 
ATOM   127  C CB  . ALA A 1 44  ? 6.598   6.457   7.536   1.00 7.01  ? 44   ALA A CB  1 
ATOM   128  N N   . LEU A 1 45  ? 7.222   6.349   4.149   1.00 7.42  ? 45   LEU A N   1 
ATOM   129  C CA  . LEU A 1 45  ? 7.721   5.395   3.159   1.00 7.77  ? 45   LEU A CA  1 
ATOM   130  C C   . LEU A 1 45  ? 8.957   4.601   3.676   1.00 8.12  ? 45   LEU A C   1 
ATOM   131  O O   . LEU A 1 45  ? 9.942   5.197   4.121   1.00 8.19  ? 45   LEU A O   1 
ATOM   132  C CB  . LEU A 1 45  ? 8.087   6.142   1.878   1.00 7.73  ? 45   LEU A CB  1 
ATOM   133  C CG  . LEU A 1 45  ? 8.435   5.307   0.655   1.00 7.71  ? 45   LEU A CG  1 
ATOM   134  C CD1 . LEU A 1 45  ? 7.240   4.503   0.194   1.00 7.72  ? 45   LEU A CD1 1 
ATOM   135  C CD2 . LEU A 1 45  ? 8.877   6.226   -0.462  1.00 7.81  ? 45   LEU A CD2 1 
ATOM   136  N N   . TRP A 1 46  ? 8.884   3.273   3.623   1.00 8.52  ? 46   TRP A N   1 
ATOM   137  C CA  . TRP A 1 46  ? 9.995   2.398   3.996   1.00 8.98  ? 46   TRP A CA  1 
ATOM   138  C C   . TRP A 1 46  ? 10.566  1.624   2.803   1.00 9.51  ? 46   TRP A C   1 
ATOM   139  O O   . TRP A 1 46  ? 9.896   1.416   1.792   1.00 9.25  ? 46   TRP A O   1 
ATOM   140  C CB  . TRP A 1 46  ? 9.543   1.373   5.027   1.00 8.93  ? 46   TRP A CB  1 
ATOM   141  C CG  . TRP A 1 46  ? 8.948   1.941   6.261   1.00 8.84  ? 46   TRP A CG  1 
ATOM   142  C CD1 . TRP A 1 46  ? 7.711   2.472   6.398   1.00 8.81  ? 46   TRP A CD1 1 
ATOM   143  C CD2 . TRP A 1 46  ? 9.553   1.982   7.558   1.00 8.87  ? 46   TRP A CD2 1 
ATOM   144  N NE1 . TRP A 1 46  ? 7.502   2.858   7.698   1.00 8.86  ? 46   TRP A NE1 1 
ATOM   145  C CE2 . TRP A 1 46  ? 8.620   2.572   8.432   1.00 8.78  ? 46   TRP A CE2 1 
ATOM   146  C CE3 . TRP A 1 46  ? 10.798  1.579   8.065   1.00 8.85  ? 46   TRP A CE3 1 
ATOM   147  C CZ2 . TRP A 1 46  ? 8.890   2.782   9.788   1.00 8.74  ? 46   TRP A CZ2 1 
ATOM   148  C CZ3 . TRP A 1 46  ? 11.062  1.778   9.420   1.00 8.83  ? 46   TRP A CZ3 1 
ATOM   149  C CH2 . TRP A 1 46  ? 10.111  2.378   10.262  1.00 8.76  ? 46   TRP A CH2 1 
ATOM   150  N N   . PHE A 1 47  ? 11.808  1.167   2.959   1.00 10.43 ? 47   PHE A N   1 
ATOM   151  C CA  . PHE A 1 47  ? 12.483  0.324   1.963   1.00 11.12 ? 47   PHE A CA  1 
ATOM   152  C C   . PHE A 1 47  ? 13.024  -0.936  2.617   1.00 12.22 ? 47   PHE A C   1 
ATOM   153  O O   . PHE A 1 47  ? 13.597  -0.881  3.707   1.00 11.97 ? 47   PHE A O   1 
ATOM   154  C CB  . PHE A 1 47  ? 13.650  1.082   1.328   1.00 10.85 ? 47   PHE A CB  1 
ATOM   155  C CG  . PHE A 1 47  ? 14.354  0.322   0.238   1.00 10.53 ? 47   PHE A CG  1 
ATOM   156  C CD1 . PHE A 1 47  ? 13.808  0.254   -1.043  1.00 10.44 ? 47   PHE A CD1 1 
ATOM   157  C CD2 . PHE A 1 47  ? 15.567  -0.298  0.475   1.00 10.27 ? 47   PHE A CD2 1 
ATOM   158  C CE1 . PHE A 1 47  ? 14.459  -0.429  -2.063  1.00 10.42 ? 47   PHE A CE1 1 
ATOM   159  C CE2 . PHE A 1 47  ? 16.220  -0.987  -0.541  1.00 10.28 ? 47   PHE A CE2 1 
ATOM   160  C CZ  . PHE A 1 47  ? 15.667  -1.057  -1.809  1.00 10.28 ? 47   PHE A CZ  1 
ATOM   161  N N   . PHE A 1 48  ? 12.854  -2.065  1.938   1.00 14.14 ? 48   PHE A N   1 
ATOM   162  C CA  . PHE A 1 48  ? 13.465  -3.318  2.364   1.00 15.94 ? 48   PHE A CA  1 
ATOM   163  C C   . PHE A 1 48  ? 14.487  -3.717  1.322   1.00 17.47 ? 48   PHE A C   1 
ATOM   164  O O   . PHE A 1 48  ? 14.194  -3.737  0.139   1.00 16.49 ? 48   PHE A O   1 
ATOM   165  C CB  . PHE A 1 48  ? 12.428  -4.442  2.551   1.00 16.35 ? 48   PHE A CB  1 
ATOM   166  C CG  . PHE A 1 48  ? 13.031  -5.735  3.037   1.00 16.65 ? 48   PHE A CG  1 
ATOM   167  C CD1 . PHE A 1 48  ? 13.264  -5.945  4.383   1.00 16.72 ? 48   PHE A CD1 1 
ATOM   168  C CD2 . PHE A 1 48  ? 13.402  -6.729  2.136   1.00 16.81 ? 48   PHE A CD2 1 
ATOM   169  C CE1 . PHE A 1 48  ? 13.846  -7.125  4.824   1.00 16.96 ? 48   PHE A CE1 1 
ATOM   170  C CE2 . PHE A 1 48  ? 13.978  -7.910  2.572   1.00 16.41 ? 48   PHE A CE2 1 
ATOM   171  C CZ  . PHE A 1 48  ? 14.190  -8.110  3.918   1.00 16.70 ? 48   PHE A CZ  1 
ATOM   172  N N   . LYS A 1 49  ? 15.688  -4.041  1.784   1.00 21.07 ? 49   LYS A N   1 
ATOM   173  C CA  . LYS A 1 49  ? 16.810  -4.373  0.907   1.00 24.70 ? 49   LYS A CA  1 
ATOM   174  C C   . LYS A 1 49  ? 17.075  -5.868  0.986   1.00 27.52 ? 49   LYS A C   1 
ATOM   175  O O   . LYS A 1 49  ? 16.876  -6.485  2.031   1.00 27.84 ? 49   LYS A O   1 
ATOM   176  C CB  . LYS A 1 49  ? 18.052  -3.579  1.335   1.00 25.21 ? 49   LYS A CB  1 
ATOM   177  C CG  . LYS A 1 49  ? 19.342  -3.919  0.600   1.00 26.23 ? 49   LYS A CG  1 
ATOM   178  C CD  . LYS A 1 49  ? 19.291  -3.502  -0.857  1.00 27.00 ? 49   LYS A CD  1 
ATOM   179  C CE  . LYS A 1 49  ? 20.555  -3.905  -1.597  1.00 27.91 ? 49   LYS A CE  1 
ATOM   180  N NZ  . LYS A 1 49  ? 20.257  -4.348  -2.991  1.00 28.58 ? 49   LYS A NZ  1 
ATOM   181  N N   . ASN A 1 50  ? 17.510  -6.455  -0.122  1.00 31.79 ? 50   ASN A N   1 
ATOM   182  C CA  . ASN A 1 50  ? 17.875  -7.869  -0.135  1.00 35.51 ? 50   ASN A CA  1 
ATOM   183  C C   . ASN A 1 50  ? 19.376  -8.009  0.116   1.00 38.24 ? 50   ASN A C   1 
ATOM   184  O O   . ASN A 1 50  ? 20.190  -7.409  -0.605  1.00 39.02 ? 50   ASN A O   1 
ATOM   185  C CB  . ASN A 1 50  ? 17.492  -8.503  -1.474  1.00 37.53 ? 50   ASN A CB  1 
ATOM   186  C CG  . ASN A 1 50  ? 17.244  -9.996  -1.369  1.00 37.81 ? 50   ASN A CG  1 
ATOM   187  O OD1 . ASN A 1 50  ? 17.257  -10.566 -0.280  1.00 38.94 ? 50   ASN A OD1 1 
ATOM   188  N ND2 . ASN A 1 50  ? 17.008  -10.636 -2.511  1.00 38.41 ? 50   ASN A ND2 1 
ATOM   189  N N   . ASP A 1 51  ? 19.728  -8.781  1.147   1.00 40.13 ? 51   ASP A N   1 
ATOM   190  C CA  . ASP A 1 51  ? 21.125  -8.947  1.580   1.00 40.75 ? 51   ASP A CA  1 
ATOM   191  C C   . ASP A 1 51  ? 21.362  -10.331 2.189   1.00 42.67 ? 51   ASP A C   1 
ATOM   192  O O   . ASP A 1 51  ? 22.409  -10.931 1.956   1.00 45.42 ? 51   ASP A O   1 
ATOM   193  C CB  . ASP A 1 51  ? 21.506  -7.848  2.577   1.00 41.10 ? 51   ASP A CB  1 
ATOM   194  C CG  . ASP A 1 51  ? 23.013  -7.565  2.619   1.00 39.80 ? 51   ASP A CG  1 
ATOM   195  O OD1 . ASP A 1 51  ? 23.819  -8.507  2.746   1.00 38.67 ? 51   ASP A OD1 1 
ATOM   196  O OD2 . ASP A 1 51  ? 23.390  -6.380  2.550   1.00 39.37 ? 51   ASP A OD2 1 
ATOM   197  N N   . LYS A 1 52  ? 20.411  -10.827 2.983   1.00 43.53 ? 52   LYS A N   1 
ATOM   198  C CA  . LYS A 1 52  ? 20.375  -12.247 3.410   1.00 44.32 ? 52   LYS A CA  1 
ATOM   199  C C   . LYS A 1 52  ? 21.518  -12.716 4.326   1.00 43.92 ? 52   LYS A C   1 
ATOM   200  O O   . LYS A 1 52  ? 21.354  -13.684 5.074   1.00 42.01 ? 52   LYS A O   1 
ATOM   201  C CB  . LYS A 1 52  ? 20.231  -13.194 2.202   1.00 45.19 ? 52   LYS A CB  1 
ATOM   202  C CG  . LYS A 1 52  ? 18.859  -13.854 2.109   1.00 45.27 ? 52   LYS A CG  1 
ATOM   203  C CD  . LYS A 1 52  ? 18.717  -14.759 0.894   1.00 46.47 ? 52   LYS A CD  1 
ATOM   204  C CE  . LYS A 1 52  ? 18.173  -14.032 -0.330  1.00 47.29 ? 52   LYS A CE  1 
ATOM   205  N NZ  . LYS A 1 52  ? 19.230  -13.457 -1.209  1.00 47.06 ? 52   LYS A NZ  1 
ATOM   206  N N   . SER A 1 53  ? 22.670  -12.053 4.252   1.00 43.40 ? 53   SER A N   1 
ATOM   207  C CA  . SER A 1 53  ? 23.656  -12.133 5.320   1.00 44.27 ? 53   SER A CA  1 
ATOM   208  C C   . SER A 1 53  ? 23.076  -11.439 6.549   1.00 44.87 ? 53   SER A C   1 
ATOM   209  O O   . SER A 1 53  ? 23.043  -12.002 7.649   1.00 48.29 ? 53   SER A O   1 
ATOM   210  C CB  . SER A 1 53  ? 24.984  -11.480 4.908   1.00 43.69 ? 53   SER A CB  1 
ATOM   211  O OG  . SER A 1 53  ? 24.781  -10.327 4.117   1.00 42.22 ? 53   SER A OG  1 
ATOM   212  N N   . LYS A 1 54  ? 22.587  -10.224 6.332   1.00 43.71 ? 54   LYS A N   1 
ATOM   213  C CA  . LYS A 1 54  ? 22.073  -9.391  7.405   1.00 42.37 ? 54   LYS A CA  1 
ATOM   214  C C   . LYS A 1 54  ? 20.685  -9.848  7.814   1.00 41.62 ? 54   LYS A C   1 
ATOM   215  O O   . LYS A 1 54  ? 20.011  -10.545 7.052   1.00 44.45 ? 54   LYS A O   1 
ATOM   216  C CB  . LYS A 1 54  ? 22.028  -7.938  6.941   1.00 42.01 ? 54   LYS A CB  1 
ATOM   217  C CG  . LYS A 1 54  ? 23.362  -7.390  6.469   1.00 40.88 ? 54   LYS A CG  1 
ATOM   218  C CD  . LYS A 1 54  ? 23.201  -5.957  5.995   1.00 41.60 ? 54   LYS A CD  1 
ATOM   219  C CE  . LYS A 1 54  ? 24.484  -5.159  6.152   1.00 42.08 ? 54   LYS A CE  1 
ATOM   220  N NZ  . LYS A 1 54  ? 24.242  -3.692  6.066   1.00 42.04 ? 54   LYS A NZ  1 
ATOM   221  N N   . THR A 1 55  ? 20.259  -9.451  9.010   1.00 41.62 ? 55   THR A N   1 
ATOM   222  C CA  . THR A 1 55  ? 18.929  -9.808  9.513   1.00 43.20 ? 55   THR A CA  1 
ATOM   223  C C   . THR A 1 55  ? 17.822  -8.897  8.967   1.00 43.21 ? 55   THR A C   1 
ATOM   224  O O   . THR A 1 55  ? 18.061  -7.722  8.660   1.00 40.80 ? 55   THR A O   1 
ATOM   225  C CB  . THR A 1 55  ? 18.855  -9.750  11.053  1.00 43.48 ? 55   THR A CB  1 
ATOM   226  O OG1 . THR A 1 55  ? 19.087  -8.410  11.501  1.00 43.65 ? 55   THR A OG1 1 
ATOM   227  C CG2 . THR A 1 55  ? 19.872  -10.693 11.684  1.00 44.23 ? 55   THR A CG2 1 
ATOM   228  N N   . TRP A 1 56  ? 16.613  -9.459  8.883   1.00 42.58 ? 56   TRP A N   1 
ATOM   229  C CA  . TRP A 1 56  ? 15.407  -8.741  8.460   1.00 42.71 ? 56   TRP A CA  1 
ATOM   230  C C   . TRP A 1 56  ? 15.284  -7.372  9.119   1.00 42.15 ? 56   TRP A C   1 
ATOM   231  O O   . TRP A 1 56  ? 15.131  -6.365  8.428   1.00 42.82 ? 56   TRP A O   1 
ATOM   232  C CB  . TRP A 1 56  ? 14.155  -9.571  8.769   1.00 42.91 ? 56   TRP A CB  1 
ATOM   233  N N   . GLN A 1 57  ? 15.387  -7.340  10.449  1.00 41.58 ? 57   GLN A N   1 
ATOM   234  C CA  . GLN A 1 57  ? 15.253  -6.093  11.222  1.00 40.73 ? 57   GLN A CA  1 
ATOM   235  C C   . GLN A 1 57  ? 16.299  -5.029  10.873  1.00 41.09 ? 57   GLN A C   1 
ATOM   236  O O   . GLN A 1 57  ? 16.198  -3.893  11.336  1.00 45.19 ? 57   GLN A O   1 
ATOM   237  C CB  . GLN A 1 57  ? 15.305  -6.379  12.732  1.00 40.00 ? 57   GLN A CB  1 
ATOM   238  N N   . ALA A 1 58  ? 17.299  -5.382  10.067  1.00 38.77 ? 58   ALA A N   1 
ATOM   239  C CA  . ALA A 1 58  ? 18.325  -4.433  9.640   1.00 36.16 ? 58   ALA A CA  1 
ATOM   240  C C   . ALA A 1 58  ? 18.237  -4.041  8.148   1.00 35.44 ? 58   ALA A C   1 
ATOM   241  O O   . ALA A 1 58  ? 18.752  -2.982  7.754   1.00 36.25 ? 58   ALA A O   1 
ATOM   242  C CB  . ALA A 1 58  ? 19.694  -5.007  9.948   1.00 35.76 ? 58   ALA A CB  1 
ATOM   243  N N   . ASN A 1 59  ? 17.624  -4.894  7.319   1.00 32.12 ? 59   ASN A N   1 
ATOM   244  C CA  . ASN A 1 59  ? 17.424  -4.593  5.893   1.00 29.64 ? 59   ASN A CA  1 
ATOM   245  C C   . ASN A 1 59  ? 16.161  -3.742  5.668   1.00 27.99 ? 59   ASN A C   1 
ATOM   246  O O   . ASN A 1 59  ? 15.926  -3.222  4.580   1.00 26.83 ? 59   ASN A O   1 
ATOM   247  C CB  . ASN A 1 59  ? 17.327  -5.882  5.068   1.00 29.46 ? 59   ASN A CB  1 
ATOM   248  C CG  . ASN A 1 59  ? 18.675  -6.545  4.817   1.00 29.85 ? 59   ASN A CG  1 
ATOM   249  O OD1 . ASN A 1 59  ? 18.785  -7.765  4.908   1.00 31.18 ? 59   ASN A OD1 1 
ATOM   250  N ND2 . ASN A 1 59  ? 19.694  -5.761  4.471   1.00 29.73 ? 59   ASN A ND2 1 
ATOM   251  N N   . LEU A 1 60  ? 15.346  -3.628  6.708   1.00 26.07 ? 60   LEU A N   1 
ATOM   252  C CA  . LEU A 1 60  ? 14.198  -2.747  6.705   1.00 25.01 ? 60   LEU A CA  1 
ATOM   253  C C   . LEU A 1 60  ? 14.592  -1.403  7.344   1.00 24.28 ? 60   LEU A C   1 
ATOM   254  O O   . LEU A 1 60  ? 15.034  -1.351  8.494   1.00 23.61 ? 60   LEU A O   1 
ATOM   255  C CB  . LEU A 1 60  ? 13.054  -3.409  7.465   1.00 24.42 ? 60   LEU A CB  1 
ATOM   256  C CG  . LEU A 1 60  ? 11.793  -2.597  7.686   1.00 24.14 ? 60   LEU A CG  1 
ATOM   257  C CD1 . LEU A 1 60  ? 11.263  -2.064  6.366   1.00 24.61 ? 60   LEU A CD1 1 
ATOM   258  C CD2 . LEU A 1 60  ? 10.775  -3.498  8.373   1.00 24.29 ? 60   LEU A CD2 1 
ATOM   259  N N   . ARG A 1 61  ? 14.382  -0.324  6.596   1.00 23.62 ? 61   ARG A N   1 
ATOM   260  C CA  . ARG A 1 61  ? 14.998  0.959   6.883   1.00 23.38 ? 61   ARG A CA  1 
ATOM   261  C C   . ARG A 1 61  ? 14.081  2.090   6.360   1.00 20.02 ? 61   ARG A C   1 
ATOM   262  O O   . ARG A 1 61  ? 13.612  2.033   5.229   1.00 19.49 ? 61   ARG A O   1 
ATOM   263  C CB  . ARG A 1 61  ? 16.393  0.921   6.223   1.00 26.09 ? 61   ARG A CB  1 
ATOM   264  C CG  . ARG A 1 61  ? 17.326  2.099   6.443   1.00 28.18 ? 61   ARG A CG  1 
ATOM   265  C CD  . ARG A 1 61  ? 17.521  2.789   5.104   1.00 30.65 ? 61   ARG A CD  1 
ATOM   266  N NE  . ARG A 1 61  ? 18.342  4.000   5.140   1.00 32.02 ? 61   ARG A NE  1 
ATOM   267  C CZ  . ARG A 1 61  ? 18.827  4.584   4.046   1.00 32.26 ? 61   ARG A CZ  1 
ATOM   268  N NH1 . ARG A 1 61  ? 18.575  4.061   2.850   1.00 33.32 ? 61   ARG A NH1 1 
ATOM   269  N NH2 . ARG A 1 61  ? 19.569  5.682   4.136   1.00 31.79 ? 61   ARG A NH2 1 
ATOM   270  N N   . LEU A 1 62  ? 13.803  3.091   7.199   1.00 17.27 ? 62   LEU A N   1 
ATOM   271  C CA  . LEU A 1 62  ? 12.939  4.238   6.817   1.00 15.06 ? 62   LEU A CA  1 
ATOM   272  C C   . LEU A 1 62  ? 13.591  5.186   5.821   1.00 13.59 ? 62   LEU A C   1 
ATOM   273  O O   . LEU A 1 62  ? 14.796  5.394   5.843   1.00 13.40 ? 62   LEU A O   1 
ATOM   274  C CB  . LEU A 1 62  ? 12.544  5.058   8.050   1.00 14.62 ? 62   LEU A CB  1 
ATOM   275  C CG  . LEU A 1 62  ? 11.789  6.381   7.822   1.00 14.31 ? 62   LEU A CG  1 
ATOM   276  C CD1 . LEU A 1 62  ? 10.309  6.125   7.596   1.00 14.04 ? 62   LEU A CD1 1 
ATOM   277  C CD2 . LEU A 1 62  ? 12.010  7.373   8.970   1.00 14.25 ? 62   LEU A CD2 1 
ATOM   278  N N   . ILE A 1 63  ? 12.777  5.789   4.966   1.00 12.27 ? 63   ILE A N   1 
ATOM   279  C CA  . ILE A 1 63  ? 13.273  6.765   4.001   1.00 11.23 ? 63   ILE A CA  1 
ATOM   280  C C   . ILE A 1 63  ? 12.953  8.200   4.365   1.00 10.50 ? 63   ILE A C   1 
ATOM   281  O O   . ILE A 1 63  ? 13.847  9.046   4.393   1.00 10.82 ? 63   ILE A O   1 
ATOM   282  C CB  . ILE A 1 63  ? 12.698  6.495   2.622   1.00 11.16 ? 63   ILE A CB  1 
ATOM   283  C CG1 . ILE A 1 63  ? 13.156  5.102   2.164   1.00 11.10 ? 63   ILE A CG1 1 
ATOM   284  C CG2 . ILE A 1 63  ? 13.133  7.587   1.645   1.00 11.16 ? 63   ILE A CG2 1 
ATOM   285  C CD1 . ILE A 1 63  ? 12.349  4.514   1.032   1.00 11.10 ? 63   ILE A CD1 1 
ATOM   286  N N   . SER A 1 64  ? 11.684  8.468   4.645   1.00 9.63  ? 64   SER A N   1 
ATOM   287  C CA  . SER A 1 64  ? 11.173  9.826   4.746   1.00 8.93  ? 64   SER A CA  1 
ATOM   288  C C   . SER A 1 64  ? 9.669   9.749   5.079   1.00 8.38  ? 64   SER A C   1 
ATOM   289  O O   . SER A 1 64  ? 8.992   8.796   4.681   1.00 8.24  ? 64   SER A O   1 
ATOM   290  C CB  . SER A 1 64  ? 11.446  10.562  3.412   1.00 8.90  ? 64   SER A CB  1 
ATOM   291  O OG  . SER A 1 64  ? 10.585  11.655  3.174   1.00 9.12  ? 64   SER A OG  1 
ATOM   292  N N   . LYS A 1 65  ? 9.172   10.741  5.826   1.00 7.94  ? 65   LYS A N   1 
ATOM   293  C CA  . LYS A 1 65  ? 7.740   10.882  6.149   1.00 7.66  ? 65   LYS A CA  1 
ATOM   294  C C   . LYS A 1 65  ? 7.218   12.163  5.481   1.00 7.39  ? 65   LYS A C   1 
ATOM   295  O O   . LYS A 1 65  ? 8.023   13.002  5.097   1.00 7.45  ? 65   LYS A O   1 
ATOM   296  C CB  . LYS A 1 65  ? 7.514   10.962  7.662   1.00 7.67  ? 65   LYS A CB  1 
ATOM   297  C CG  . LYS A 1 65  ? 8.363   10.011  8.489   1.00 7.76  ? 65   LYS A CG  1 
ATOM   298  C CD  . LYS A 1 65  ? 7.859   9.904   9.919   1.00 7.85  ? 65   LYS A CD  1 
ATOM   299  C CE  . LYS A 1 65  ? 8.695   8.918   10.735  1.00 7.89  ? 65   LYS A CE  1 
ATOM   300  N NZ  . LYS A 1 65  ? 8.034   8.645   12.041  1.00 7.90  ? 65   LYS A NZ  1 
ATOM   301  N N   . PHE A 1 66  ? 5.889   12.287  5.339   1.00 6.93  ? 66   PHE A N   1 
ATOM   302  C CA  . PHE A 1 66  ? 5.225   13.418  4.642   1.00 6.57  ? 66   PHE A CA  1 
ATOM   303  C C   . PHE A 1 66  ? 3.711   13.489  4.964   1.00 6.39  ? 66   PHE A C   1 
ATOM   304  O O   . PHE A 1 66  ? 3.033   12.453  5.116   1.00 6.29  ? 66   PHE A O   1 
ATOM   305  C CB  . PHE A 1 66  ? 5.396   13.304  3.117   1.00 6.49  ? 66   PHE A CB  1 
ATOM   306  C CG  . PHE A 1 66  ? 4.692   12.100  2.495   1.00 6.40  ? 66   PHE A CG  1 
ATOM   307  C CD1 . PHE A 1 66  ? 3.322   12.135  2.209   1.00 6.33  ? 66   PHE A CD1 1 
ATOM   308  C CD2 . PHE A 1 66  ? 5.399   10.939  2.188   1.00 6.32  ? 66   PHE A CD2 1 
ATOM   309  C CE1 . PHE A 1 66  ? 2.688   11.037  1.648   1.00 6.30  ? 66   PHE A CE1 1 
ATOM   310  C CE2 . PHE A 1 66  ? 4.775   9.854   1.607   1.00 6.19  ? 66   PHE A CE2 1 
ATOM   311  C CZ  . PHE A 1 66  ? 3.416   9.901   1.344   1.00 6.26  ? 66   PHE A CZ  1 
ATOM   312  N N   . ASP A 1 67  ? 3.177   14.702  5.054   1.00 6.19  ? 67   ASP A N   1 
ATOM   313  C CA  . ASP A 1 67  ? 1.750   14.874  5.335   1.00 6.12  ? 67   ASP A CA  1 
ATOM   314  C C   . ASP A 1 67  ? 1.113   15.880  4.397   1.00 6.06  ? 67   ASP A C   1 
ATOM   315  O O   . ASP A 1 67  ? 0.141   16.526  4.759   1.00 6.26  ? 67   ASP A O   1 
ATOM   316  C CB  . ASP A 1 67  ? 1.506   15.254  6.807   1.00 6.12  ? 67   ASP A CB  1 
ATOM   317  C CG  . ASP A 1 67  ? 2.240   16.521  7.225   1.00 6.18  ? 67   ASP A CG  1 
ATOM   318  O OD1 . ASP A 1 67  ? 2.874   17.150  6.356   1.00 6.24  ? 67   ASP A OD1 1 
ATOM   319  O OD2 . ASP A 1 67  ? 2.203   16.892  8.421   1.00 6.18  ? 67   ASP A OD2 1 
ATOM   320  N N   . THR A 1 68  ? 1.666   16.032  3.194   1.00 5.96  ? 68   THR A N   1 
ATOM   321  C CA  . THR A 1 68  ? 1.018   16.832  2.172   1.00 5.81  ? 68   THR A CA  1 
ATOM   322  C C   . THR A 1 68  ? 1.194   16.231  0.795   1.00 5.70  ? 68   THR A C   1 
ATOM   323  O O   . THR A 1 68  ? 2.146   15.500  0.539   1.00 5.70  ? 68   THR A O   1 
ATOM   324  C CB  . THR A 1 68  ? 1.553   18.277  2.101   1.00 5.86  ? 68   THR A CB  1 
ATOM   325  O OG1 . THR A 1 68  ? 2.883   18.282  1.539   1.00 5.88  ? 68   THR A OG1 1 
ATOM   326  C CG2 . THR A 1 68  ? 1.486   18.974  3.477   1.00 5.77  ? 68   THR A CG2 1 
ATOM   327  N N   . VAL A 1 69  ? 0.273   16.614  -0.086  1.00 5.56  ? 69   VAL A N   1 
ATOM   328  C CA  . VAL A 1 69  ? 0.261   16.235  -1.490  1.00 5.46  ? 69   VAL A CA  1 
ATOM   329  C C   . VAL A 1 69  ? 1.570   16.635  -2.198  1.00 5.42  ? 69   VAL A C   1 
ATOM   330  O O   . VAL A 1 69  ? 2.227   15.796  -2.845  1.00 5.49  ? 69   VAL A O   1 
ATOM   331  C CB  . VAL A 1 69  ? -0.918  16.914  -2.206  1.00 5.45  ? 69   VAL A CB  1 
ATOM   332  C CG1 . VAL A 1 69  ? -1.000  16.457  -3.655  1.00 5.50  ? 69   VAL A CG1 1 
ATOM   333  C CG2 . VAL A 1 69  ? -2.228  16.614  -1.490  1.00 5.48  ? 69   VAL A CG2 1 
ATOM   334  N N   . GLU A 1 70  ? 1.941   17.912  -2.075  1.00 5.18  ? 70   GLU A N   1 
ATOM   335  C CA  . GLU A 1 70  ? 3.186   18.410  -2.655  1.00 5.04  ? 70   GLU A CA  1 
ATOM   336  C C   . GLU A 1 70  ? 4.445   17.706  -2.098  1.00 4.87  ? 70   GLU A C   1 
ATOM   337  O O   . GLU A 1 70  ? 5.378   17.386  -2.846  1.00 4.85  ? 70   GLU A O   1 
ATOM   338  C CB  . GLU A 1 70  ? 3.299   19.930  -2.449  1.00 5.08  ? 70   GLU A CB  1 
ATOM   339  C CG  . GLU A 1 70  ? 2.240   20.744  -3.210  1.00 5.09  ? 70   GLU A CG  1 
ATOM   340  C CD  . GLU A 1 70  ? 0.942   20.979  -2.435  1.00 5.10  ? 70   GLU A CD  1 
ATOM   341  O OE1 . GLU A 1 70  ? 0.744   20.366  -1.373  1.00 5.03  ? 70   GLU A OE1 1 
ATOM   342  O OE2 . GLU A 1 70  ? 0.097   21.789  -2.906  1.00 5.19  ? 70   GLU A OE2 1 
ATOM   343  N N   . ASP A 1 71  ? 4.478   17.467  -0.788  1.00 4.63  ? 71   ASP A N   1 
ATOM   344  C CA  . ASP A 1 71  ? 5.593   16.730  -0.195  1.00 4.39  ? 71   ASP A CA  1 
ATOM   345  C C   . ASP A 1 71  ? 5.622   15.246  -0.601  1.00 4.27  ? 71   ASP A C   1 
ATOM   346  O O   . ASP A 1 71  ? 6.683   14.618  -0.621  1.00 4.24  ? 71   ASP A O   1 
ATOM   347  C CB  . ASP A 1 71  ? 5.578   16.869  1.317   1.00 4.37  ? 71   ASP A CB  1 
ATOM   348  C CG  . ASP A 1 71  ? 5.874   18.290  1.779   1.00 4.35  ? 71   ASP A CG  1 
ATOM   349  O OD1 . ASP A 1 71  ? 6.807   18.884  1.248   1.00 4.36  ? 71   ASP A OD1 1 
ATOM   350  O OD2 . ASP A 1 71  ? 5.191   18.817  2.677   1.00 4.35  ? 71   ASP A OD2 1 
ATOM   351  N N   . PHE A 1 72  ? 4.460   14.692  -0.937  1.00 4.17  ? 72   PHE A N   1 
ATOM   352  C CA  . PHE A 1 72  ? 4.381   13.336  -1.470  1.00 4.04  ? 72   PHE A CA  1 
ATOM   353  C C   . PHE A 1 72  ? 4.973   13.240  -2.877  1.00 4.02  ? 72   PHE A C   1 
ATOM   354  O O   . PHE A 1 72  ? 5.707   12.303  -3.185  1.00 4.03  ? 72   PHE A O   1 
ATOM   355  C CB  . PHE A 1 72  ? 2.950   12.845  -1.481  1.00 3.98  ? 72   PHE A CB  1 
ATOM   356  C CG  . PHE A 1 72  ? 2.738   11.666  -2.388  1.00 3.97  ? 72   PHE A CG  1 
ATOM   357  C CD1 . PHE A 1 72  ? 3.158   10.392  -2.008  1.00 3.94  ? 72   PHE A CD1 1 
ATOM   358  C CD2 . PHE A 1 72  ? 2.145   11.832  -3.637  1.00 3.94  ? 72   PHE A CD2 1 
ATOM   359  C CE1 . PHE A 1 72  ? 2.961   9.311   -2.848  1.00 3.95  ? 72   PHE A CE1 1 
ATOM   360  C CE2 . PHE A 1 72  ? 1.943   10.749  -4.470  1.00 3.94  ? 72   PHE A CE2 1 
ATOM   361  C CZ  . PHE A 1 72  ? 2.340   9.490   -4.078  1.00 3.94  ? 72   PHE A CZ  1 
ATOM   362  N N   . TRP A 1 73  ? 4.650   14.201  -3.734  1.00 4.04  ? 73   TRP A N   1 
ATOM   363  C CA  . TRP A 1 73  ? 5.218   14.240  -5.089  1.00 4.08  ? 73   TRP A CA  1 
ATOM   364  C C   . TRP A 1 73  ? 6.731   14.501  -5.075  1.00 4.25  ? 73   TRP A C   1 
ATOM   365  O O   . TRP A 1 73  ? 7.477   13.844  -5.801  1.00 4.31  ? 73   TRP A O   1 
ATOM   366  C CB  . TRP A 1 73  ? 4.477   15.254  -5.965  1.00 3.96  ? 73   TRP A CB  1 
ATOM   367  C CG  . TRP A 1 73  ? 3.076   14.811  -6.247  1.00 3.91  ? 73   TRP A CG  1 
ATOM   368  C CD1 . TRP A 1 73  ? 1.910   15.377  -5.778  1.00 3.91  ? 73   TRP A CD1 1 
ATOM   369  C CD2 . TRP A 1 73  ? 2.676   13.670  -7.020  1.00 3.82  ? 73   TRP A CD2 1 
ATOM   370  N NE1 . TRP A 1 73  ? 0.822   14.678  -6.243  1.00 3.85  ? 73   TRP A NE1 1 
ATOM   371  C CE2 . TRP A 1 73  ? 1.266   13.617  -6.993  1.00 3.83  ? 73   TRP A CE2 1 
ATOM   372  C CE3 . TRP A 1 73  ? 3.371   12.693  -7.728  1.00 3.78  ? 73   TRP A CE3 1 
ATOM   373  C CZ2 . TRP A 1 73  ? 0.547   12.626  -7.659  1.00 3.80  ? 73   TRP A CZ2 1 
ATOM   374  C CZ3 . TRP A 1 73  ? 2.661   11.715  -8.386  1.00 3.77  ? 73   TRP A CZ3 1 
ATOM   375  C CH2 . TRP A 1 73  ? 1.262   11.683  -8.346  1.00 3.78  ? 73   TRP A CH2 1 
ATOM   376  N N   . ALA A 1 74  ? 7.199   15.431  -4.239  1.00 4.47  ? 74   ALA A N   1 
ATOM   377  C CA  . ALA A 1 74  ? 8.665   15.631  -4.092  1.00 4.63  ? 74   ALA A CA  1 
ATOM   378  C C   . ALA A 1 74  ? 9.305   14.283  -3.771  1.00 4.72  ? 74   ALA A C   1 
ATOM   379  O O   . ALA A 1 74  ? 10.341  13.941  -4.334  1.00 4.74  ? 74   ALA A O   1 
ATOM   380  C CB  . ALA A 1 74  ? 9.012   16.688  -3.028  1.00 4.59  ? 74   ALA A CB  1 
ATOM   381  N N   . LEU A 1 75  ? 8.657   13.502  -2.911  1.00 4.91  ? 75   LEU A N   1 
ATOM   382  C CA  . LEU A 1 75  ? 9.175   12.175  -2.551  1.00 5.09  ? 75   LEU A CA  1 
ATOM   383  C C   . LEU A 1 75  ? 9.078   11.204  -3.736  1.00 5.25  ? 75   LEU A C   1 
ATOM   384  O O   . LEU A 1 75  ? 10.074  10.584  -4.123  1.00 5.29  ? 75   LEU A O   1 
ATOM   385  C CB  . LEU A 1 75  ? 8.450   11.595  -1.320  1.00 5.08  ? 75   LEU A CB  1 
ATOM   386  C CG  . LEU A 1 75  ? 8.891   10.181  -0.869  1.00 5.12  ? 75   LEU A CG  1 
ATOM   387  C CD1 . LEU A 1 75  ? 10.408  10.053  -0.726  1.00 5.10  ? 75   LEU A CD1 1 
ATOM   388  C CD2 . LEU A 1 75  ? 8.213   9.761   0.430   1.00 5.09  ? 75   LEU A CD2 1 
ATOM   389  N N   . TYR A 1 76  ? 7.882   11.087  -4.311  1.00 5.43  ? 76   TYR A N   1 
ATOM   390  C CA  . TYR A 1 76  ? 7.626   10.099  -5.362  1.00 5.57  ? 76   TYR A CA  1 
ATOM   391  C C   . TYR A 1 76  ? 8.479   10.368  -6.589  1.00 5.89  ? 76   TYR A C   1 
ATOM   392  O O   . TYR A 1 76  ? 8.992   9.433   -7.227  1.00 5.90  ? 76   TYR A O   1 
ATOM   393  C CB  . TYR A 1 76  ? 6.158   10.109  -5.768  1.00 5.49  ? 76   TYR A CB  1 
ATOM   394  C CG  . TYR A 1 76  ? 5.830   9.072   -6.813  1.00 5.44  ? 76   TYR A CG  1 
ATOM   395  C CD1 . TYR A 1 76  ? 5.617   7.758   -6.446  1.00 5.38  ? 76   TYR A CD1 1 
ATOM   396  C CD2 . TYR A 1 76  ? 5.747   9.405   -8.177  1.00 5.46  ? 76   TYR A CD2 1 
ATOM   397  C CE1 . TYR A 1 76  ? 5.327   6.788   -7.373  1.00 5.37  ? 76   TYR A CE1 1 
ATOM   398  C CE2 . TYR A 1 76  ? 5.452   8.432   -9.129  1.00 5.48  ? 76   TYR A CE2 1 
ATOM   399  C CZ  . TYR A 1 76  ? 5.243   7.119   -8.710  1.00 5.45  ? 76   TYR A CZ  1 
ATOM   400  O OH  . TYR A 1 76  ? 4.942   6.119   -9.615  1.00 5.54  ? 76   TYR A OH  1 
ATOM   401  N N   . ASN A 1 77  ? 8.629   11.646  -6.922  1.00 6.22  ? 77   ASN A N   1 
ATOM   402  C CA  . ASN A 1 77  ? 9.288   12.018  -8.166  1.00 6.54  ? 77   ASN A CA  1 
ATOM   403  C C   . ASN A 1 77  ? 10.783  11.751  -8.214  1.00 7.04  ? 77   ASN A C   1 
ATOM   404  O O   . ASN A 1 77  ? 11.316  11.633  -9.315  1.00 7.27  ? 77   ASN A O   1 
ATOM   405  C CB  . ASN A 1 77  ? 8.990   13.469  -8.544  1.00 6.40  ? 77   ASN A CB  1 
ATOM   406  C CG  . ASN A 1 77  ? 7.628   13.632  -9.180  1.00 6.33  ? 77   ASN A CG  1 
ATOM   407  O OD1 . ASN A 1 77  ? 7.148   12.744  -9.873  1.00 6.24  ? 77   ASN A OD1 1 
ATOM   408  N ND2 . ASN A 1 77  ? 6.997   14.777  -8.954  1.00 6.35  ? 77   ASN A ND2 1 
ATOM   409  N N   . HIS A 1 78  ? 11.455  11.618  -7.064  1.00 7.69  ? 78   HIS A N   1 
ATOM   410  C CA  . HIS A 1 78  ? 12.912  11.392  -7.056  1.00 8.38  ? 78   HIS A CA  1 
ATOM   411  C C   . HIS A 1 78  ? 13.390  9.957   -6.651  1.00 8.58  ? 78   HIS A C   1 
ATOM   412  O O   . HIS A 1 78  ? 14.578  9.640   -6.745  1.00 8.53  ? 78   HIS A O   1 
ATOM   413  C CB  . HIS A 1 78  ? 13.604  12.460  -6.198  1.00 8.79  ? 78   HIS A CB  1 
ATOM   414  C CG  . HIS A 1 78  ? 13.656  12.118  -4.751  1.00 9.21  ? 78   HIS A CG  1 
ATOM   415  N ND1 . HIS A 1 78  ? 12.613  12.381  -3.891  1.00 9.79  ? 78   HIS A ND1 1 
ATOM   416  C CD2 . HIS A 1 78  ? 14.616  11.521  -4.011  1.00 9.58  ? 78   HIS A CD2 1 
ATOM   417  C CE1 . HIS A 1 78  ? 12.927  11.948  -2.678  1.00 9.98  ? 78   HIS A CE1 1 
ATOM   418  N NE2 . HIS A 1 78  ? 14.137  11.415  -2.725  1.00 9.93  ? 78   HIS A NE2 1 
ATOM   419  N N   . ILE A 1 79  ? 12.482  9.092   -6.205  1.00 8.91  ? 79   ILE A N   1 
ATOM   420  C CA  . ILE A 1 79  ? 12.853  7.702   -5.940  1.00 9.05  ? 79   ILE A CA  1 
ATOM   421  C C   . ILE A 1 79  ? 12.510  6.849   -7.154  1.00 9.37  ? 79   ILE A C   1 
ATOM   422  O O   . ILE A 1 79  ? 11.742  7.253   -8.037  1.00 9.14  ? 79   ILE A O   1 
ATOM   423  C CB  . ILE A 1 79  ? 12.176  7.121   -4.657  1.00 9.02  ? 79   ILE A CB  1 
ATOM   424  C CG1 . ILE A 1 79  ? 10.678  6.859   -4.888  1.00 9.08  ? 79   ILE A CG1 1 
ATOM   425  C CG2 . ILE A 1 79  ? 12.427  8.028   -3.467  1.00 8.92  ? 79   ILE A CG2 1 
ATOM   426  C CD1 . ILE A 1 79  ? 9.818   6.890   -3.639  1.00 9.04  ? 79   ILE A CD1 1 
ATOM   427  N N   . GLN A 1 80  ? 13.065  5.649   -7.171  1.00 9.92  ? 80   GLN A N   1 
ATOM   428  C CA  . GLN A 1 80  ? 12.914  4.754   -8.309  1.00 10.35 ? 80   GLN A CA  1 
ATOM   429  C C   . GLN A 1 80  ? 11.525  4.132   -8.366  1.00 9.99  ? 80   GLN A C   1 
ATOM   430  O O   . GLN A 1 80  ? 10.883  3.930   -7.337  1.00 10.14 ? 80   GLN A O   1 
ATOM   431  C CB  . GLN A 1 80  ? 13.940  3.626   -8.232  1.00 11.07 ? 80   GLN A CB  1 
ATOM   432  C CG  . GLN A 1 80  ? 14.712  3.385   -9.525  1.00 11.70 ? 80   GLN A CG  1 
ATOM   433  C CD  . GLN A 1 80  ? 16.171  3.709   -9.361  1.00 12.18 ? 80   GLN A CD  1 
ATOM   434  O OE1 . GLN A 1 80  ? 16.802  3.251   -8.406  1.00 12.60 ? 80   GLN A OE1 1 
ATOM   435  N NE2 . GLN A 1 80  ? 16.721  4.503   -10.281 1.00 12.47 ? 80   GLN A NE2 1 
ATOM   436  N N   . LEU A 1 81  ? 11.084  3.843   -9.586  1.00 9.70  ? 81   LEU A N   1 
ATOM   437  C CA  . LEU A 1 81  ? 9.900   3.035   -9.867  1.00 9.54  ? 81   LEU A CA  1 
ATOM   438  C C   . LEU A 1 81  ? 10.084  1.594   -9.407  1.00 9.55  ? 81   LEU A C   1 
ATOM   439  O O   . LEU A 1 81  ? 11.205  1.089   -9.372  1.00 9.85  ? 81   LEU A O   1 
ATOM   440  C CB  . LEU A 1 81  ? 9.641   3.010   -11.376 1.00 9.34  ? 81   LEU A CB  1 
ATOM   441  C CG  . LEU A 1 81  ? 9.250   4.313   -12.065 1.00 9.13  ? 81   LEU A CG  1 
ATOM   442  C CD1 . LEU A 1 81  ? 9.327   4.146   -13.573 1.00 9.06  ? 81   LEU A CD1 1 
ATOM   443  C CD2 . LEU A 1 81  ? 7.838   4.698   -11.660 1.00 9.13  ? 81   LEU A CD2 1 
ATOM   444  N N   . SER A 1 82  ? 8.985   0.929   -9.078  1.00 9.61  ? 82   SER A N   1 
ATOM   445  C CA  . SER A 1 82  ? 9.031   -0.468  -8.636  1.00 9.84  ? 82   SER A CA  1 
ATOM   446  C C   . SER A 1 82  ? 9.706   -1.400  -9.669  1.00 10.41 ? 82   SER A C   1 
ATOM   447  O O   . SER A 1 82  ? 10.530  -2.258  -9.289  1.00 10.28 ? 82   SER A O   1 
ATOM   448  C CB  . SER A 1 82  ? 7.623   -0.969  -8.278  1.00 9.63  ? 82   SER A CB  1 
ATOM   449  O OG  . SER A 1 82  ? 7.111   -0.281  -7.142  1.00 9.43  ? 82   SER A OG  1 
ATOM   450  N N   . SER A 1 83  ? 9.399   -1.200  -10.959 1.00 10.77 ? 83   SER A N   1 
ATOM   451  C CA  . SER A 1 83  ? 10.012  -1.999  -12.034 1.00 11.37 ? 83   SER A CA  1 
ATOM   452  C C   . SER A 1 83  ? 11.562  -2.009  -12.070 1.00 11.94 ? 83   SER A C   1 
ATOM   453  O O   . SER A 1 83  ? 12.146  -2.978  -12.539 1.00 11.08 ? 83   SER A O   1 
ATOM   454  C CB  . SER A 1 83  ? 9.463   -1.582  -13.414 1.00 11.49 ? 83   SER A CB  1 
ATOM   455  O OG  . SER A 1 83  ? 9.333   -0.187  -13.527 1.00 11.42 ? 83   SER A OG  1 
ATOM   456  N N   . ASN A 1 84  ? 12.204  -0.941  -11.575 1.00 13.02 ? 84   ASN A N   1 
ATOM   457  C CA  . ASN A 1 84  ? 13.682  -0.800  -11.597 1.00 13.82 ? 84   ASN A CA  1 
ATOM   458  C C   . ASN A 1 84  ? 14.423  -1.260  -10.317 1.00 13.87 ? 84   ASN A C   1 
ATOM   459  O O   . ASN A 1 84  ? 15.620  -1.068  -10.192 1.00 12.71 ? 84   ASN A O   1 
ATOM   460  C CB  . ASN A 1 84  ? 14.075  0.648   -11.913 1.00 14.27 ? 84   ASN A CB  1 
ATOM   461  C CG  . ASN A 1 84  ? 14.861  0.776   -13.213 1.00 15.30 ? 84   ASN A CG  1 
ATOM   462  O OD1 . ASN A 1 84  ? 14.388  0.373   -14.279 1.00 16.64 ? 84   ASN A OD1 1 
ATOM   463  N ND2 . ASN A 1 84  ? 16.064  1.350   -13.137 1.00 15.67 ? 84   ASN A ND2 1 
ATOM   464  N N   . LEU A 1 85  ? 13.706  -1.861  -9.371  1.00 14.47 ? 85   LEU A N   1 
ATOM   465  C CA  . LEU A 1 85  ? 14.333  -2.309  -8.127  1.00 14.67 ? 85   LEU A CA  1 
ATOM   466  C C   . LEU A 1 85  ? 14.893  -3.688  -8.338  1.00 15.69 ? 85   LEU A C   1 
ATOM   467  O O   . LEU A 1 85  ? 14.308  -4.492  -9.059  1.00 16.52 ? 85   LEU A O   1 
ATOM   468  C CB  . LEU A 1 85  ? 13.328  -2.305  -6.968  1.00 13.98 ? 85   LEU A CB  1 
ATOM   469  C CG  . LEU A 1 85  ? 12.794  -0.920  -6.628  1.00 13.53 ? 85   LEU A CG  1 
ATOM   470  C CD1 . LEU A 1 85  ? 11.976  -0.966  -5.348  1.00 13.60 ? 85   LEU A CD1 1 
ATOM   471  C CD2 . LEU A 1 85  ? 13.926  0.090   -6.507  1.00 13.53 ? 85   LEU A CD2 1 
ATOM   472  N N   . MET A 1 86  ? 16.038  -3.959  -7.729  1.00 16.88 ? 86   MET A N   1 
ATOM   473  C CA  . MET A 1 86  ? 16.624  -5.289  -7.824  1.00 17.88 ? 86   MET A CA  1 
ATOM   474  C C   . MET A 1 86  ? 15.693  -6.274  -7.132  1.00 17.23 ? 86   MET A C   1 
ATOM   475  O O   . MET A 1 86  ? 15.063  -5.925  -6.138  1.00 16.89 ? 86   MET A O   1 
ATOM   476  C CB  . MET A 1 86  ? 17.995  -5.347  -7.148  1.00 19.35 ? 86   MET A CB  1 
ATOM   477  C CG  . MET A 1 86  ? 19.080  -4.484  -7.791  1.00 20.55 ? 86   MET A CG  1 
ATOM   478  S SD  . MET A 1 86  ? 20.702  -4.721  -7.014  1.00 23.48 ? 86   MET A SD  1 
ATOM   479  C CE  . MET A 1 86  ? 20.798  -6.516  -6.824  1.00 21.92 ? 86   MET A CE  1 
ATOM   480  N N   . PRO A 1 87  ? 15.591  -7.501  -7.662  1.00 17.13 ? 87   PRO A N   1 
ATOM   481  C CA  . PRO A 1 87  ? 14.818  -8.599  -7.068  1.00 16.50 ? 87   PRO A CA  1 
ATOM   482  C C   . PRO A 1 87  ? 14.915  -8.704  -5.536  1.00 15.51 ? 87   PRO A C   1 
ATOM   483  O O   . PRO A 1 87  ? 15.982  -8.466  -4.953  1.00 15.10 ? 87   PRO A O   1 
ATOM   484  C CB  . PRO A 1 87  ? 15.448  -9.838  -7.712  1.00 17.13 ? 87   PRO A CB  1 
ATOM   485  C CG  . PRO A 1 87  ? 15.987  -9.366  -9.037  1.00 17.28 ? 87   PRO A CG  1 
ATOM   486  C CD  . PRO A 1 87  ? 16.181  -7.885  -8.962  1.00 17.31 ? 87   PRO A CD  1 
ATOM   487  N N   . GLY A 1 88  ? 13.800  -9.051  -4.899  1.00 14.51 ? 88   GLY A N   1 
ATOM   488  C CA  . GLY A 1 88  ? 13.758  -9.265  -3.448  1.00 13.77 ? 88   GLY A CA  1 
ATOM   489  C C   . GLY A 1 88  ? 13.608  -8.023  -2.576  1.00 13.18 ? 88   GLY A C   1 
ATOM   490  O O   . GLY A 1 88  ? 13.548  -8.147  -1.355  1.00 13.14 ? 88   GLY A O   1 
ATOM   491  N N   . CYS A 1 89  ? 13.539  -6.842  -3.195  1.00 12.37 ? 89   CYS A N   1 
ATOM   492  C CA  . CYS A 1 89  ? 13.412  -5.562  -2.492  1.00 12.00 ? 89   CYS A CA  1 
ATOM   493  C C   . CYS A 1 89  ? 11.930  -5.154  -2.349  1.00 11.16 ? 89   CYS A C   1 
ATOM   494  O O   . CYS A 1 89  ? 11.102  -5.489  -3.199  1.00 11.25 ? 89   CYS A O   1 
ATOM   495  C CB  . CYS A 1 89  ? 14.157  -4.455  -3.262  1.00 12.51 ? 89   CYS A CB  1 
ATOM   496  S SG  . CYS A 1 89  ? 15.981  -4.576  -3.336  1.00 13.95 ? 89   CYS A SG  1 
ATOM   497  N N   . ASP A 1 90  ? 11.598  -4.419  -1.289  1.00 10.35 ? 90   ASP A N   1 
ATOM   498  C CA  . ASP A 1 90  ? 10.220  -3.901  -1.093  1.00 9.66  ? 90   ASP A CA  1 
ATOM   499  C C   . ASP A 1 90  ? 10.175  -2.389  -0.899  1.00 8.84  ? 90   ASP A C   1 
ATOM   500  O O   . ASP A 1 90  ? 11.069  -1.814  -0.297  1.00 8.72  ? 90   ASP A O   1 
ATOM   501  C CB  . ASP A 1 90  ? 9.532   -4.511  0.135   1.00 9.65  ? 90   ASP A CB  1 
ATOM   502  C CG  . ASP A 1 90  ? 9.601   -6.018  0.172   1.00 9.84  ? 90   ASP A CG  1 
ATOM   503  O OD1 . ASP A 1 90  ? 9.497   -6.679  -0.881  1.00 9.60  ? 90   ASP A OD1 1 
ATOM   504  O OD2 . ASP A 1 90  ? 9.747   -6.551  1.292   1.00 10.31 ? 90   ASP A OD2 1 
ATOM   505  N N   . TYR A 1 91  ? 9.114   -1.768  -1.413  1.00 8.08  ? 91   TYR A N   1 
ATOM   506  C CA  . TYR A 1 91  ? 8.665   -0.463  -0.937  1.00 7.60  ? 91   TYR A CA  1 
ATOM   507  C C   . TYR A 1 91  ? 7.456   -0.673  -0.028  1.00 7.31  ? 91   TYR A C   1 
ATOM   508  O O   . TYR A 1 91  ? 6.629   -1.551  -0.285  1.00 7.18  ? 91   TYR A O   1 
ATOM   509  C CB  . TYR A 1 91  ? 8.217   0.443   -2.096  1.00 7.47  ? 91   TYR A CB  1 
ATOM   510  C CG  . TYR A 1 91  ? 9.264   1.278   -2.808  1.00 7.27  ? 91   TYR A CG  1 
ATOM   511  C CD1 . TYR A 1 91  ? 10.228  2.005   -2.122  1.00 7.23  ? 91   TYR A CD1 1 
ATOM   512  C CD2 . TYR A 1 91  ? 9.229   1.394   -4.185  1.00 7.21  ? 91   TYR A CD2 1 
ATOM   513  C CE1 . TYR A 1 91  ? 11.144  2.787   -2.807  1.00 7.20  ? 91   TYR A CE1 1 
ATOM   514  C CE2 . TYR A 1 91  ? 10.128  2.175   -4.872  1.00 7.12  ? 91   TYR A CE2 1 
ATOM   515  C CZ  . TYR A 1 91  ? 11.082  2.862   -4.190  1.00 7.16  ? 91   TYR A CZ  1 
ATOM   516  O OH  . TYR A 1 91  ? 11.966  3.628   -4.917  1.00 7.23  ? 91   TYR A OH  1 
ATOM   517  N N   . SER A 1 92  ? 7.334   0.171   0.992   1.00 7.15  ? 92   SER A N   1 
ATOM   518  C CA  . SER A 1 92  ? 6.176   0.164   1.906   1.00 7.11  ? 92   SER A CA  1 
ATOM   519  C C   . SER A 1 92  ? 5.732   1.596   2.274   1.00 6.89  ? 92   SER A C   1 
ATOM   520  O O   . SER A 1 92  ? 6.578   2.404   2.646   1.00 6.76  ? 92   SER A O   1 
ATOM   521  C CB  . SER A 1 92  ? 6.533   -0.605  3.196   1.00 7.22  ? 92   SER A CB  1 
ATOM   522  O OG  . SER A 1 92  ? 6.344   -2.006  3.033   1.00 7.41  ? 92   SER A OG  1 
ATOM   523  N N   . LEU A 1 93  ? 4.428   1.905   2.167   1.00 6.66  ? 93   LEU A N   1 
ATOM   524  C CA  . LEU A 1 93  ? 3.869   3.165   2.733   1.00 6.48  ? 93   LEU A CA  1 
ATOM   525  C C   . LEU A 1 93  ? 2.978   2.829   3.896   1.00 6.48  ? 93   LEU A C   1 
ATOM   526  O O   . LEU A 1 93  ? 1.916   2.266   3.697   1.00 6.64  ? 93   LEU A O   1 
ATOM   527  C CB  . LEU A 1 93  ? 3.028   3.977   1.720   1.00 6.28  ? 93   LEU A CB  1 
ATOM   528  C CG  . LEU A 1 93  ? 2.825   5.465   2.131   1.00 6.15  ? 93   LEU A CG  1 
ATOM   529  C CD1 . LEU A 1 93  ? 4.016   6.350   1.727   1.00 6.05  ? 93   LEU A CD1 1 
ATOM   530  C CD2 . LEU A 1 93  ? 1.543   6.065   1.571   1.00 6.06  ? 93   LEU A CD2 1 
ATOM   531  N N   . PHE A 1 94  ? 3.369   3.185   5.107   1.00 6.51  ? 94   PHE A N   1 
ATOM   532  C CA  . PHE A 1 94  ? 2.491   2.954   6.243   1.00 6.61  ? 94   PHE A CA  1 
ATOM   533  C C   . PHE A 1 94  ? 2.171   4.243   6.949   1.00 6.91  ? 94   PHE A C   1 
ATOM   534  O O   . PHE A 1 94  ? 2.918   5.217   6.858   1.00 6.83  ? 94   PHE A O   1 
ATOM   535  C CB  . PHE A 1 94  ? 3.074   1.925   7.215   1.00 6.50  ? 94   PHE A CB  1 
ATOM   536  C CG  . PHE A 1 94  ? 2.674   0.506   6.899   1.00 6.36  ? 94   PHE A CG  1 
ATOM   537  C CD1 . PHE A 1 94  ? 3.252   -0.165  5.836   1.00 6.35  ? 94   PHE A CD1 1 
ATOM   538  C CD2 . PHE A 1 94  ? 1.720   -0.152  7.662   1.00 6.30  ? 94   PHE A CD2 1 
ATOM   539  C CE1 . PHE A 1 94  ? 2.894   -1.464  5.547   1.00 6.34  ? 94   PHE A CE1 1 
ATOM   540  C CE2 . PHE A 1 94  ? 1.353   -1.454  7.379   1.00 6.22  ? 94   PHE A CE2 1 
ATOM   541  C CZ  . PHE A 1 94  ? 1.941   -2.107  6.320   1.00 6.29  ? 94   PHE A CZ  1 
ATOM   542  N N   . LYS A 1 95  ? 1.017   4.244   7.614   1.00 7.44  ? 95   LYS A N   1 
ATOM   543  C CA  . LYS A 1 95  ? 0.616   5.351   8.482   1.00 7.80  ? 95   LYS A CA  1 
ATOM   544  C C   . LYS A 1 95  ? 1.712   5.581   9.511   1.00 8.20  ? 95   LYS A C   1 
ATOM   545  O O   . LYS A 1 95  ? 2.307   4.633   9.988   1.00 8.21  ? 95   LYS A O   1 
ATOM   546  C CB  . LYS A 1 95  ? -0.697  5.041   9.200   1.00 7.70  ? 95   LYS A CB  1 
ATOM   547  C CG  . LYS A 1 95  ? -1.928  5.429   8.419   1.00 7.63  ? 95   LYS A CG  1 
ATOM   548  C CD  . LYS A 1 95  ? -3.195  5.172   9.212   1.00 7.63  ? 95   LYS A CD  1 
ATOM   549  C CE  . LYS A 1 95  ? -4.423  5.240   8.311   1.00 7.63  ? 95   LYS A CE  1 
ATOM   550  N NZ  . LYS A 1 95  ? -5.616  4.619   8.947   1.00 7.71  ? 95   LYS A NZ  1 
ATOM   551  N N   . ASP A 1 96  ? 1.975   6.845   9.817   1.00 8.78  ? 96   ASP A N   1 
ATOM   552  C CA  . ASP A 1 96  ? 2.959   7.229   10.826  1.00 9.46  ? 96   ASP A CA  1 
ATOM   553  C C   . ASP A 1 96  ? 2.695   6.533   12.172  1.00 9.86  ? 96   ASP A C   1 
ATOM   554  O O   . ASP A 1 96  ? 1.607   6.640   12.737  1.00 9.88  ? 96   ASP A O   1 
ATOM   555  C CB  . ASP A 1 96  ? 2.927   8.752   10.992  1.00 9.70  ? 96   ASP A CB  1 
ATOM   556  C CG  . ASP A 1 96  ? 3.983   9.275   11.948  1.00 10.17 ? 96   ASP A CG  1 
ATOM   557  O OD1 . ASP A 1 96  ? 5.051   8.642   12.130  1.00 10.53 ? 96   ASP A OD1 1 
ATOM   558  O OD2 . ASP A 1 96  ? 3.751   10.366  12.512  1.00 10.56 ? 96   ASP A OD2 1 
ATOM   559  N N   . GLY A 1 97  ? 3.691   5.805   12.661  1.00 10.60 ? 97   GLY A N   1 
ATOM   560  C CA  . GLY A 1 97  ? 3.606   5.113   13.953  1.00 11.26 ? 97   GLY A CA  1 
ATOM   561  C C   . GLY A 1 97  ? 3.348   3.615   13.857  1.00 11.76 ? 97   GLY A C   1 
ATOM   562  O O   . GLY A 1 97  ? 3.520   2.898   14.846  1.00 11.90 ? 97   GLY A O   1 
ATOM   563  N N   . ILE A 1 98  ? 2.906   3.148   12.684  1.00 12.27 ? 98   ILE A N   1 
ATOM   564  C CA  . ILE A 1 98  ? 2.692   1.722   12.424  1.00 12.62 ? 98   ILE A CA  1 
ATOM   565  C C   . ILE A 1 98  ? 3.823   1.228   11.547  1.00 13.64 ? 98   ILE A C   1 
ATOM   566  O O   . ILE A 1 98  ? 4.094   1.827   10.510  1.00 13.91 ? 98   ILE A O   1 
ATOM   567  C CB  . ILE A 1 98  ? 1.388   1.464   11.647  1.00 12.24 ? 98   ILE A CB  1 
ATOM   568  C CG1 . ILE A 1 98  ? 0.198   2.147   12.311  1.00 12.27 ? 98   ILE A CG1 1 
ATOM   569  C CG2 . ILE A 1 98  ? 1.141   -0.030  11.501  1.00 12.14 ? 98   ILE A CG2 1 
ATOM   570  C CD1 . ILE A 1 98  ? -1.113  1.949   11.551  1.00 12.29 ? 98   ILE A CD1 1 
ATOM   571  N N   . GLU A 1 99  ? 4.446   0.116   11.917  1.00 15.03 ? 99   GLU A N   1 
ATOM   572  C CA  . GLU A 1 99  ? 5.605   -0.383  11.179  1.00 16.53 ? 99   GLU A CA  1 
ATOM   573  C C   . GLU A 1 99  ? 5.228   -1.547  10.259  1.00 17.09 ? 99   GLU A C   1 
ATOM   574  O O   . GLU A 1 99  ? 4.396   -2.374  10.626  1.00 16.42 ? 99   GLU A O   1 
ATOM   575  C CB  . GLU A 1 99  ? 6.704   -0.797  12.159  1.00 17.58 ? 99   GLU A CB  1 
ATOM   576  C CG  . GLU A 1 99  ? 6.967   0.248   13.235  1.00 18.47 ? 99   GLU A CG  1 
ATOM   577  C CD  . GLU A 1 99  ? 8.205   -0.052  14.049  1.00 19.64 ? 99   GLU A CD  1 
ATOM   578  O OE1 . GLU A 1 99  ? 8.290   -1.134  14.675  1.00 20.87 ? 99   GLU A OE1 1 
ATOM   579  O OE2 . GLU A 1 99  ? 9.105   0.804   14.063  1.00 20.57 ? 99   GLU A OE2 1 
ATOM   580  N N   . PRO A 1 100 ? 5.859   -1.629  9.064   1.00 18.53 ? 100  PRO A N   1 
ATOM   581  C CA  . PRO A 1 100 ? 5.484   -2.576  7.990   1.00 19.39 ? 100  PRO A CA  1 
ATOM   582  C C   . PRO A 1 100 ? 5.819   -4.047  8.301   1.00 20.24 ? 100  PRO A C   1 
ATOM   583  O O   . PRO A 1 100 ? 6.396   -4.762  7.478   1.00 18.74 ? 100  PRO A O   1 
ATOM   584  C CB  . PRO A 1 100 ? 6.298   -2.070  6.798   1.00 19.12 ? 100  PRO A CB  1 
ATOM   585  C CG  . PRO A 1 100 ? 7.541   -1.566  7.438   1.00 19.17 ? 100  PRO A CG  1 
ATOM   586  C CD  . PRO A 1 100 ? 7.071   -0.872  8.693   1.00 18.70 ? 100  PRO A CD  1 
ATOM   587  N N   . MET A 1 101 ? 5.425   -4.474  9.492   1.00 22.61 ? 101  MET A N   1 
ATOM   588  C CA  . MET A 1 101 ? 5.647   -5.827  9.958   1.00 24.83 ? 101  MET A CA  1 
ATOM   589  C C   . MET A 1 101 ? 4.418   -6.194  10.759  1.00 23.62 ? 101  MET A C   1 
ATOM   590  O O   . MET A 1 101 ? 3.866   -5.375  11.491  1.00 21.72 ? 101  MET A O   1 
ATOM   591  C CB  . MET A 1 101 ? 6.922   -5.922  10.806  1.00 27.48 ? 101  MET A CB  1 
ATOM   592  C CG  . MET A 1 101 ? 6.972   -4.958  11.986  1.00 30.32 ? 101  MET A CG  1 
ATOM   593  S SD  . MET A 1 101 ? 8.559   -5.005  12.854  1.00 36.65 ? 101  MET A SD  1 
ATOM   594  C CE  . MET A 1 101 ? 9.721   -4.615  11.540  1.00 35.18 ? 101  MET A CE  1 
ATOM   595  N N   . TRP A 1 102 ? 3.976   -7.430  10.595  1.00 24.49 ? 102  TRP A N   1 
ATOM   596  C CA  . TRP A 1 102 ? 2.700   -7.836  11.157  1.00 25.15 ? 102  TRP A CA  1 
ATOM   597  C C   . TRP A 1 102 ? 2.760   -7.997  12.677  1.00 23.82 ? 102  TRP A C   1 
ATOM   598  O O   . TRP A 1 102 ? 1.730   -8.009  13.340  1.00 23.68 ? 102  TRP A O   1 
ATOM   599  C CB  . TRP A 1 102 ? 2.186   -9.090  10.459  1.00 26.35 ? 102  TRP A CB  1 
ATOM   600  C CG  . TRP A 1 102 ? 2.927   -10.331 10.799  1.00 28.42 ? 102  TRP A CG  1 
ATOM   601  C CD1 . TRP A 1 102 ? 4.071   -10.794 10.220  1.00 28.65 ? 102  TRP A CD1 1 
ATOM   602  C CD2 . TRP A 1 102 ? 2.554   -11.294 11.790  1.00 29.19 ? 102  TRP A CD2 1 
ATOM   603  N NE1 . TRP A 1 102 ? 4.439   -11.985 10.797  1.00 29.65 ? 102  TRP A NE1 1 
ATOM   604  C CE2 . TRP A 1 102 ? 3.524   -12.311 11.766  1.00 29.45 ? 102  TRP A CE2 1 
ATOM   605  C CE3 . TRP A 1 102 ? 1.492   -11.389 12.693  1.00 29.78 ? 102  TRP A CE3 1 
ATOM   606  C CZ2 . TRP A 1 102 ? 3.473   -13.409 12.615  1.00 30.84 ? 102  TRP A CZ2 1 
ATOM   607  C CZ3 . TRP A 1 102 ? 1.439   -12.474 13.540  1.00 31.86 ? 102  TRP A CZ3 1 
ATOM   608  C CH2 . TRP A 1 102 ? 2.423   -13.478 13.494  1.00 32.19 ? 102  TRP A CH2 1 
ATOM   609  N N   . GLU A 1 103 ? 3.966   -8.082  13.226  1.00 22.72 ? 103  GLU A N   1 
ATOM   610  C CA  . GLU A 1 103 ? 4.153   -8.086  14.668  1.00 22.64 ? 103  GLU A CA  1 
ATOM   611  C C   . GLU A 1 103 ? 3.684   -6.776  15.349  1.00 22.63 ? 103  GLU A C   1 
ATOM   612  O O   . GLU A 1 103 ? 3.431   -6.764  16.559  1.00 22.49 ? 103  GLU A O   1 
ATOM   613  C CB  . GLU A 1 103 ? 5.621   -8.390  15.014  1.00 22.76 ? 103  GLU A CB  1 
ATOM   614  C CG  . GLU A 1 103 ? 6.040   -9.844  14.747  1.00 23.17 ? 103  GLU A CG  1 
ATOM   615  C CD  . GLU A 1 103 ? 6.806   -10.060 13.439  1.00 23.55 ? 103  GLU A CD  1 
ATOM   616  O OE1 . GLU A 1 103 ? 6.774   -9.178  12.548  1.00 23.29 ? 103  GLU A OE1 1 
ATOM   617  O OE2 . GLU A 1 103 ? 7.446   -11.131 13.293  1.00 23.45 ? 103  GLU A OE2 1 
ATOM   618  N N   . ASP A 1 104 ? 3.559   -5.694  14.577  1.00 21.73 ? 104  ASP A N   1 
ATOM   619  C CA  . ASP A 1 104 ? 3.078   -4.408  15.085  1.00 20.93 ? 104  ASP A CA  1 
ATOM   620  C C   . ASP A 1 104 ? 1.659   -4.527  15.638  1.00 22.34 ? 104  ASP A C   1 
ATOM   621  O O   . ASP A 1 104 ? 0.837   -5.275  15.109  1.00 21.45 ? 104  ASP A O   1 
ATOM   622  C CB  . ASP A 1 104 ? 3.105   -3.352  13.969  1.00 19.74 ? 104  ASP A CB  1 
ATOM   623  C CG  . ASP A 1 104 ? 2.979   -1.928  14.486  1.00 18.32 ? 104  ASP A CG  1 
ATOM   624  O OD1 . ASP A 1 104 ? 1.869   -1.499  14.871  1.00 16.95 ? 104  ASP A OD1 1 
ATOM   625  O OD2 . ASP A 1 104 ? 4.001   -1.225  14.472  1.00 17.83 ? 104  ASP A OD2 1 
ATOM   626  N N   . GLU A 1 105 ? 1.390   -3.764  16.697  1.00 24.30 ? 105  GLU A N   1 
ATOM   627  C CA  . GLU A 1 105 ? 0.080   -3.740  17.359  1.00 25.61 ? 105  GLU A CA  1 
ATOM   628  C C   . GLU A 1 105 ? -1.111  -3.594  16.426  1.00 25.24 ? 105  GLU A C   1 
ATOM   629  O O   . GLU A 1 105 ? -2.126  -4.255  16.625  1.00 26.87 ? 105  GLU A O   1 
ATOM   630  C CB  . GLU A 1 105 ? 0.011   -2.587  18.377  1.00 27.07 ? 105  GLU A CB  1 
ATOM   631  C CG  . GLU A 1 105 ? 0.973   -2.688  19.554  1.00 28.79 ? 105  GLU A CG  1 
ATOM   632  C CD  . GLU A 1 105 ? 0.815   -3.971  20.361  1.00 30.60 ? 105  GLU A CD  1 
ATOM   633  O OE1 . GLU A 1 105 ? -0.239  -4.663  20.241  1.00 31.71 ? 105  GLU A OE1 1 
ATOM   634  O OE2 . GLU A 1 105 ? 1.754   -4.279  21.126  1.00 31.67 ? 105  GLU A OE2 1 
ATOM   635  N N   . LYS A 1 106 ? -1.006  -2.722  15.426  1.00 25.16 ? 106  LYS A N   1 
ATOM   636  C CA  . LYS A 1 106 ? -2.147  -2.439  14.540  1.00 24.56 ? 106  LYS A CA  1 
ATOM   637  C C   . LYS A 1 106 ? -2.285  -3.438  13.396  1.00 21.96 ? 106  LYS A C   1 
ATOM   638  O O   . LYS A 1 106 ? -3.274  -3.401  12.675  1.00 20.25 ? 106  LYS A O   1 
ATOM   639  C CB  . LYS A 1 106 ? -2.066  -1.014  14.000  1.00 25.98 ? 106  LYS A CB  1 
ATOM   640  C CG  . LYS A 1 106 ? -2.289  0.041   15.072  1.00 27.62 ? 106  LYS A CG  1 
ATOM   641  C CD  . LYS A 1 106 ? -3.766  0.214   15.391  1.00 29.35 ? 106  LYS A CD  1 
ATOM   642  C CE  . LYS A 1 106 ? -4.000  1.417   16.300  1.00 31.06 ? 106  LYS A CE  1 
ATOM   643  N NZ  . LYS A 1 106 ? -5.453  1.759   16.433  1.00 32.62 ? 106  LYS A NZ  1 
ATOM   644  N N   . ASN A 1 107 ? -1.305  -4.332  13.257  1.00 20.57 ? 107  ASN A N   1 
ATOM   645  C CA  . ASN A 1 107 ? -1.294  -5.347  12.198  1.00 19.66 ? 107  ASN A CA  1 
ATOM   646  C C   . ASN A 1 107 ? -1.560  -6.765  12.692  1.00 19.97 ? 107  ASN A C   1 
ATOM   647  O O   . ASN A 1 107 ? -1.994  -7.614  11.909  1.00 20.12 ? 107  ASN A O   1 
ATOM   648  C CB  . ASN A 1 107 ? 0.054   -5.346  11.458  1.00 18.78 ? 107  ASN A CB  1 
ATOM   649  C CG  . ASN A 1 107 ? 0.390   -3.999  10.819  1.00 18.46 ? 107  ASN A CG  1 
ATOM   650  O OD1 . ASN A 1 107 ? -0.460  -3.359  10.188  1.00 18.31 ? 107  ASN A OD1 1 
ATOM   651  N ND2 . ASN A 1 107 ? 1.638   -3.574  10.965  1.00 17.74 ? 107  ASN A ND2 1 
ATOM   652  N N   . LYS A 1 108 ? -1.315  -7.040  13.972  1.00 19.88 ? 108  LYS A N   1 
ATOM   653  C CA  . LYS A 1 108 ? -1.229  -8.439  14.419  1.00 20.24 ? 108  LYS A CA  1 
ATOM   654  C C   . LYS A 1 108 ? -2.503  -9.276  14.244  1.00 19.73 ? 108  LYS A C   1 
ATOM   655  O O   . LYS A 1 108 ? -2.409  -10.475 13.960  1.00 18.90 ? 108  LYS A O   1 
ATOM   656  C CB  . LYS A 1 108 ? -0.676  -8.551  15.847  1.00 21.20 ? 108  LYS A CB  1 
ATOM   657  C CG  . LYS A 1 108 ? -1.446  -7.843  16.950  1.00 22.16 ? 108  LYS A CG  1 
ATOM   658  C CD  . LYS A 1 108 ? -0.687  -8.003  18.274  1.00 23.43 ? 108  LYS A CD  1 
ATOM   659  C CE  . LYS A 1 108 ? -1.465  -7.431  19.458  1.00 24.55 ? 108  LYS A CE  1 
ATOM   660  N NZ  . LYS A 1 108 ? -0.677  -7.295  20.729  1.00 24.78 ? 108  LYS A NZ  1 
ATOM   661  N N   . ARG A 1 109 ? -3.668  -8.637  14.401  1.00 19.67 ? 109  ARG A N   1 
ATOM   662  C CA  . ARG A 1 109 ? -4.987  -9.241  14.130  1.00 19.17 ? 109  ARG A CA  1 
ATOM   663  C C   . ARG A 1 109 ? -5.444  -8.921  12.708  1.00 17.62 ? 109  ARG A C   1 
ATOM   664  O O   . ARG A 1 109 ? -6.551  -9.283  12.307  1.00 16.44 ? 109  ARG A O   1 
ATOM   665  C CB  . ARG A 1 109 ? -6.038  -8.699  15.098  1.00 20.39 ? 109  ARG A CB  1 
ATOM   666  C CG  . ARG A 1 109 ? -5.693  -8.898  16.563  1.00 21.86 ? 109  ARG A CG  1 
ATOM   667  C CD  . ARG A 1 109 ? -6.377  -7.895  17.482  1.00 23.19 ? 109  ARG A CD  1 
ATOM   668  N NE  . ARG A 1 109 ? -5.411  -7.240  18.372  1.00 24.53 ? 109  ARG A NE  1 
ATOM   669  C CZ  . ARG A 1 109 ? -5.076  -5.947  18.333  1.00 26.58 ? 109  ARG A CZ  1 
ATOM   670  N NH1 . ARG A 1 109 ? -5.632  -5.104  17.458  1.00 27.73 ? 109  ARG A NH1 1 
ATOM   671  N NH2 . ARG A 1 109 ? -4.181  -5.477  19.194  1.00 27.43 ? 109  ARG A NH2 1 
ATOM   672  N N   . GLY A 1 110 ? -4.577  -8.243  11.956  1.00 16.38 ? 110  GLY A N   1 
ATOM   673  C CA  . GLY A 1 110 ? -4.899  -7.774  10.622  1.00 15.65 ? 110  GLY A CA  1 
ATOM   674  C C   . GLY A 1 110 ? -4.736  -8.810  9.531   1.00 14.86 ? 110  GLY A C   1 
ATOM   675  O O   . GLY A 1 110 ? -4.773  -10.017 9.769   1.00 14.74 ? 110  GLY A O   1 
ATOM   676  N N   . GLY A 1 111 ? -4.543  -8.309  8.320   1.00 14.49 ? 111  GLY A N   1 
ATOM   677  C CA  . GLY A 1 111 ? -4.525  -9.129  7.112   1.00 13.95 ? 111  GLY A CA  1 
ATOM   678  C C   . GLY A 1 111 ? -4.484  -8.248  5.882   1.00 13.36 ? 111  GLY A C   1 
ATOM   679  O O   . GLY A 1 111 ? -4.442  -7.023  5.997   1.00 13.57 ? 111  GLY A O   1 
ATOM   680  N N   . ARG A 1 112 ? -4.508  -8.847  4.697   1.00 12.71 ? 112  ARG A N   1 
ATOM   681  C CA  . ARG A 1 112 ? -4.195  -8.071  3.520   1.00 12.10 ? 112  ARG A CA  1 
ATOM   682  C C   . ARG A 1 112 ? -4.899  -8.460  2.238   1.00 11.82 ? 112  ARG A C   1 
ATOM   683  O O   . ARG A 1 112 ? -4.970  -9.635  1.883   1.00 11.90 ? 112  ARG A O   1 
ATOM   684  C CB  . ARG A 1 112 ? -2.703  -8.145  3.283   1.00 11.99 ? 112  ARG A CB  1 
ATOM   685  C CG  . ARG A 1 112 ? -2.244  -9.446  2.664   1.00 11.89 ? 112  ARG A CG  1 
ATOM   686  C CD  . ARG A 1 112 ? -0.727  -9.540  2.641   1.00 11.85 ? 112  ARG A CD  1 
ATOM   687  N NE  . ARG A 1 112 ? -0.332  -10.917 2.400   1.00 11.97 ? 112  ARG A NE  1 
ATOM   688  C CZ  . ARG A 1 112 ? 0.877   -11.322 2.034   1.00 12.20 ? 112  ARG A CZ  1 
ATOM   689  N NH1 . ARG A 1 112 ? 1.876   -10.451 1.864   1.00 12.08 ? 112  ARG A NH1 1 
ATOM   690  N NH2 . ARG A 1 112 ? 1.086   -12.623 1.845   1.00 12.24 ? 112  ARG A NH2 1 
ATOM   691  N N   . TRP A 1 113 ? -5.381  -7.453  1.517   1.00 11.19 ? 113  TRP A N   1 
ATOM   692  C CA  . TRP A 1 113 ? -5.811  -7.673  0.147   1.00 10.86 ? 113  TRP A CA  1 
ATOM   693  C C   . TRP A 1 113 ? -4.556  -7.867  -0.711  1.00 10.75 ? 113  TRP A C   1 
ATOM   694  O O   . TRP A 1 113 ? -3.652  -7.045  -0.699  1.00 10.46 ? 113  TRP A O   1 
ATOM   695  C CB  . TRP A 1 113 ? -6.689  -6.525  -0.351  1.00 10.41 ? 113  TRP A CB  1 
ATOM   696  C CG  . TRP A 1 113 ? -8.046  -6.578  0.238   1.00 10.28 ? 113  TRP A CG  1 
ATOM   697  C CD1 . TRP A 1 113 ? -8.544  -5.796  1.237   1.00 10.03 ? 113  TRP A CD1 1 
ATOM   698  C CD2 . TRP A 1 113 ? -9.097  -7.492  -0.121  1.00 10.21 ? 113  TRP A CD2 1 
ATOM   699  N NE1 . TRP A 1 113 ? -9.841  -6.159  1.515   1.00 9.94  ? 113  TRP A NE1 1 
ATOM   700  C CE2 . TRP A 1 113 ? -10.205 -7.195  0.700   1.00 10.05 ? 113  TRP A CE2 1 
ATOM   701  C CE3 . TRP A 1 113 ? -9.212  -8.518  -1.067  1.00 10.10 ? 113  TRP A CE3 1 
ATOM   702  C CZ2 . TRP A 1 113 ? -11.413 -7.900  0.614   1.00 10.22 ? 113  TRP A CZ2 1 
ATOM   703  C CZ3 . TRP A 1 113 ? -10.421 -9.220  -1.157  1.00 10.16 ? 113  TRP A CZ3 1 
ATOM   704  C CH2 . TRP A 1 113 ? -11.498 -8.911  -0.320  1.00 10.21 ? 113  TRP A CH2 1 
ATOM   705  N N   . LEU A 1 114 ? -4.498  -8.969  -1.438  1.00 10.86 ? 114  LEU A N   1 
ATOM   706  C CA  . LEU A 1 114 ? -3.294  -9.313  -2.165  1.00 11.19 ? 114  LEU A CA  1 
ATOM   707  C C   . LEU A 1 114 ? -3.546  -9.232  -3.657  1.00 11.58 ? 114  LEU A C   1 
ATOM   708  O O   . LEU A 1 114 ? -4.532  -9.777  -4.134  1.00 11.64 ? 114  LEU A O   1 
ATOM   709  C CB  . LEU A 1 114 ? -2.825  -10.724 -1.761  1.00 10.95 ? 114  LEU A CB  1 
ATOM   710  C CG  . LEU A 1 114 ? -1.513  -11.210 -2.373  1.00 10.81 ? 114  LEU A CG  1 
ATOM   711  C CD1 . LEU A 1 114 ? -0.352  -10.307 -1.994  1.00 10.84 ? 114  LEU A CD1 1 
ATOM   712  C CD2 . LEU A 1 114 ? -1.236  -12.645 -1.955  1.00 10.84 ? 114  LEU A CD2 1 
ATOM   713  N N   . ILE A 1 115 ? -2.667  -8.526  -4.372  1.00 12.14 ? 115  ILE A N   1 
ATOM   714  C CA  . ILE A 1 115 ? -2.642  -8.536  -5.841  1.00 12.85 ? 115  ILE A CA  1 
ATOM   715  C C   . ILE A 1 115 ? -1.446  -9.370  -6.306  1.00 13.11 ? 115  ILE A C   1 
ATOM   716  O O   . ILE A 1 115 ? -0.310  -9.081  -5.932  1.00 12.46 ? 115  ILE A O   1 
ATOM   717  C CB  . ILE A 1 115 ? -2.466  -7.114  -6.442  1.00 13.20 ? 115  ILE A CB  1 
ATOM   718  C CG1 . ILE A 1 115 ? -3.453  -6.113  -5.838  1.00 13.26 ? 115  ILE A CG1 1 
ATOM   719  C CG2 . ILE A 1 115 ? -2.582  -7.162  -7.964  1.00 13.47 ? 115  ILE A CG2 1 
ATOM   720  C CD1 . ILE A 1 115 ? -4.895  -6.288  -6.268  1.00 13.42 ? 115  ILE A CD1 1 
ATOM   721  N N   . THR A 1 116 ? -1.699  -10.403 -7.106  1.00 14.22 ? 116  THR A N   1 
ATOM   722  C CA  . THR A 1 116 ? -0.621  -11.234 -7.668  1.00 15.17 ? 116  THR A CA  1 
ATOM   723  C C   . THR A 1 116 ? -0.426  -10.822 -9.117  1.00 15.61 ? 116  THR A C   1 
ATOM   724  O O   . THR A 1 116 ? -1.380  -10.684 -9.873  1.00 16.29 ? 116  THR A O   1 
ATOM   725  C CB  . THR A 1 116 ? -0.888  -12.755 -7.484  1.00 15.83 ? 116  THR A CB  1 
ATOM   726  O OG1 . THR A 1 116 ? -0.296  -13.185 -6.250  1.00 16.18 ? 116  THR A OG1 1 
ATOM   727  C CG2 . THR A 1 116 ? -0.270  -13.624 -8.609  1.00 16.30 ? 116  THR A CG2 1 
ATOM   728  N N   . LEU A 1 117 ? 0.817   -10.560 -9.476  1.00 16.04 ? 117  LEU A N   1 
ATOM   729  C CA  . LEU A 1 117 ? 1.152   -10.124 -10.816 1.00 16.52 ? 117  LEU A CA  1 
ATOM   730  C C   . LEU A 1 117 ? 2.076   -11.157 -11.440 1.00 16.96 ? 117  LEU A C   1 
ATOM   731  O O   . LEU A 1 117 ? 3.051   -11.590 -10.808 1.00 16.81 ? 117  LEU A O   1 
ATOM   732  C CB  . LEU A 1 117 ? 1.880   -8.774  -10.765 1.00 16.84 ? 117  LEU A CB  1 
ATOM   733  C CG  . LEU A 1 117 ? 1.122   -7.544  -10.246 1.00 16.88 ? 117  LEU A CG  1 
ATOM   734  C CD1 . LEU A 1 117 ? 2.040   -6.347  -10.387 1.00 16.75 ? 117  LEU A CD1 1 
ATOM   735  C CD2 . LEU A 1 117 ? -0.195  -7.302  -10.989 1.00 17.06 ? 117  LEU A CD2 1 
ATOM   736  N N   . ASN A 1 118 ? 1.780   -11.554 -12.676 1.00 17.07 ? 118  ASN A N   1 
ATOM   737  C CA  . ASN A 1 118 ? 2.689   -12.435 -13.405 1.00 17.02 ? 118  ASN A CA  1 
ATOM   738  C C   . ASN A 1 118 ? 3.882   -11.617 -13.922 1.00 17.16 ? 118  ASN A C   1 
ATOM   739  O O   . ASN A 1 118 ? 3.847   -10.373 -13.937 1.00 16.13 ? 118  ASN A O   1 
ATOM   740  C CB  . ASN A 1 118 ? 1.971   -13.178 -14.552 1.00 16.77 ? 118  ASN A CB  1 
ATOM   741  C CG  . ASN A 1 118 ? 1.561   -12.257 -15.698 1.00 16.74 ? 118  ASN A CG  1 
ATOM   742  O OD1 . ASN A 1 118 ? 2.322   -11.380 -16.123 1.00 16.76 ? 118  ASN A OD1 1 
ATOM   743  N ND2 . ASN A 1 118 ? 0.352   -12.447 -16.201 1.00 16.51 ? 118  ASN A ND2 1 
ATOM   744  N N   . LYS A 1 119 ? 4.912   -12.337 -14.360 1.00 17.39 ? 119  LYS A N   1 
ATOM   745  C CA  . LYS A 1 119 ? 6.161   -11.750 -14.868 1.00 17.34 ? 119  LYS A CA  1 
ATOM   746  C C   . LYS A 1 119 ? 5.955   -10.684 -15.977 1.00 16.90 ? 119  LYS A C   1 
ATOM   747  O O   . LYS A 1 119 ? 6.654   -9.675  -16.013 1.00 16.34 ? 119  LYS A O   1 
ATOM   748  C CB  . LYS A 1 119 ? 7.068   -12.871 -15.388 1.00 17.86 ? 119  LYS A CB  1 
ATOM   749  C CG  . LYS A 1 119 ? 7.556   -13.887 -14.355 1.00 18.24 ? 119  LYS A CG  1 
ATOM   750  C CD  . LYS A 1 119 ? 8.493   -14.880 -15.022 1.00 18.96 ? 119  LYS A CD  1 
ATOM   751  C CE  . LYS A 1 119 ? 9.277   -15.748 -14.047 1.00 19.90 ? 119  LYS A CE  1 
ATOM   752  N NZ  . LYS A 1 119 ? 10.677  -16.017 -14.539 1.00 20.30 ? 119  LYS A NZ  1 
ATOM   753  N N   . GLN A 1 120 ? 4.999   -10.915 -16.877 1.00 16.81 ? 120  GLN A N   1 
ATOM   754  C CA  . GLN A 1 120 ? 4.688   -9.954  -17.949 1.00 16.44 ? 120  GLN A CA  1 
ATOM   755  C C   . GLN A 1 120 ? 4.119   -8.635  -17.401 1.00 16.28 ? 120  GLN A C   1 
ATOM   756  O O   . GLN A 1 120 ? 4.315   -7.573  -18.004 1.00 16.24 ? 120  GLN A O   1 
ATOM   757  C CB  . GLN A 1 120 ? 3.706   -10.550 -18.967 1.00 16.33 ? 120  GLN A CB  1 
ATOM   758  C CG  . GLN A 1 120 ? 4.281   -11.658 -19.848 1.00 16.49 ? 120  GLN A CG  1 
ATOM   759  C CD  . GLN A 1 120 ? 4.387   -13.007 -19.144 1.00 16.19 ? 120  GLN A CD  1 
ATOM   760  O OE1 . GLN A 1 120 ? 3.411   -13.518 -18.627 1.00 16.12 ? 120  GLN A OE1 1 
ATOM   761  N NE2 . GLN A 1 120 ? 5.576   -13.594 -19.145 1.00 16.50 ? 120  GLN A NE2 1 
ATOM   762  N N   . GLN A 1 121 ? 3.429   -8.700  -16.259 1.00 15.87 ? 121  GLN A N   1 
ATOM   763  C CA  . GLN A 1 121 ? 2.780   -7.518  -15.676 1.00 15.08 ? 121  GLN A CA  1 
ATOM   764  C C   . GLN A 1 121 ? 3.739   -6.564  -14.977 1.00 14.53 ? 121  GLN A C   1 
ATOM   765  O O   . GLN A 1 121 ? 3.375   -5.425  -14.690 1.00 14.29 ? 121  GLN A O   1 
ATOM   766  C CB  . GLN A 1 121 ? 1.641   -7.928  -14.745 1.00 15.33 ? 121  GLN A CB  1 
ATOM   767  C CG  . GLN A 1 121 ? 0.467   -8.536  -15.488 1.00 15.36 ? 121  GLN A CG  1 
ATOM   768  C CD  . GLN A 1 121 ? -0.597  -9.053  -14.555 1.00 15.48 ? 121  GLN A CD  1 
ATOM   769  O OE1 . GLN A 1 121 ? -0.538  -10.198 -14.103 1.00 15.83 ? 121  GLN A OE1 1 
ATOM   770  N NE2 . GLN A 1 121 ? -1.587  -8.221  -14.271 1.00 15.50 ? 121  GLN A NE2 1 
ATOM   771  N N   . ARG A 1 122 ? 4.971   -6.992  -14.733 1.00 14.30 ? 122  ARG A N   1 
ATOM   772  C CA  . ARG A 1 122 ? 5.979   -6.032  -14.319 1.00 14.44 ? 122  ARG A CA  1 
ATOM   773  C C   . ARG A 1 122 ? 5.951   -4.841  -15.258 1.00 14.56 ? 122  ARG A C   1 
ATOM   774  O O   . ARG A 1 122 ? 5.720   -3.732  -14.811 1.00 15.26 ? 122  ARG A O   1 
ATOM   775  C CB  . ARG A 1 122 ? 7.395   -6.614  -14.283 1.00 14.63 ? 122  ARG A CB  1 
ATOM   776  C CG  . ARG A 1 122 ? 8.417   -5.548  -13.879 1.00 14.77 ? 122  ARG A CG  1 
ATOM   777  C CD  . ARG A 1 122 ? 9.740   -6.147  -13.460 1.00 15.00 ? 122  ARG A CD  1 
ATOM   778  N NE  . ARG A 1 122 ? 9.677   -6.794  -12.145 1.00 14.93 ? 122  ARG A NE  1 
ATOM   779  C CZ  . ARG A 1 122 ? 10.434  -7.827  -11.782 1.00 14.86 ? 122  ARG A CZ  1 
ATOM   780  N NH1 . ARG A 1 122 ? 11.310  -8.360  -12.630 1.00 15.00 ? 122  ARG A NH1 1 
ATOM   781  N NH2 . ARG A 1 122 ? 10.303  -8.354  -10.581 1.00 14.98 ? 122  ARG A NH2 1 
ATOM   782  N N   . ARG A 1 123 ? 6.186   -5.080  -16.552 1.00 14.58 ? 123  ARG A N   1 
ATOM   783  C CA  . ARG A 1 123 ? 6.222   -4.013  -17.574 1.00 14.32 ? 123  ARG A CA  1 
ATOM   784  C C   . ARG A 1 123 ? 4.925   -3.190  -17.637 1.00 14.36 ? 123  ARG A C   1 
ATOM   785  O O   . ARG A 1 123 ? 4.960   -1.956  -17.598 1.00 14.41 ? 123  ARG A O   1 
ATOM   786  C CB  . ARG A 1 123 ? 6.527   -4.592  -18.979 1.00 13.98 ? 123  ARG A CB  1 
ATOM   787  C CG  . ARG A 1 123 ? 6.109   -3.697  -20.155 1.00 13.66 ? 123  ARG A CG  1 
ATOM   788  C CD  . ARG A 1 123 ? 6.587   -4.226  -21.507 1.00 13.64 ? 123  ARG A CD  1 
ATOM   789  N NE  . ARG A 1 123 ? 6.220   -3.325  -22.607 1.00 13.47 ? 123  ARG A NE  1 
ATOM   790  C CZ  . ARG A 1 123 ? 5.066   -3.344  -23.283 1.00 13.51 ? 123  ARG A CZ  1 
ATOM   791  N NH1 . ARG A 1 123 ? 4.106   -4.238  -23.017 1.00 13.12 ? 123  ARG A NH1 1 
ATOM   792  N NH2 . ARG A 1 123 ? 4.873   -2.459  -24.258 1.00 13.65 ? 123  ARG A NH2 1 
ATOM   793  N N   . SER A 1 124 ? 3.792   -3.876  -17.735 1.00 14.07 ? 124  SER A N   1 
ATOM   794  C CA  . SER A 1 124 ? 2.525   -3.221  -18.097 1.00 13.83 ? 124  SER A CA  1 
ATOM   795  C C   . SER A 1 124 ? 1.712   -2.656  -16.906 1.00 13.66 ? 124  SER A C   1 
ATOM   796  O O   . SER A 1 124 ? 1.146   -1.556  -17.005 1.00 13.75 ? 124  SER A O   1 
ATOM   797  C CB  . SER A 1 124 ? 1.663   -4.195  -18.927 1.00 13.81 ? 124  SER A CB  1 
ATOM   798  O OG  . SER A 1 124 ? 1.523   -5.458  -18.288 1.00 13.51 ? 124  SER A OG  1 
ATOM   799  N N   . ASP A 1 125 ? 1.660   -3.393  -15.796 1.00 13.10 ? 125  ASP A N   1 
ATOM   800  C CA  . ASP A 1 125 ? 0.742   -3.073  -14.700 1.00 12.94 ? 125  ASP A CA  1 
ATOM   801  C C   . ASP A 1 125 ? 1.383   -2.631  -13.375 1.00 12.54 ? 125  ASP A C   1 
ATOM   802  O O   . ASP A 1 125 ? 0.748   -1.874  -12.650 1.00 12.95 ? 125  ASP A O   1 
ATOM   803  C CB  . ASP A 1 125 ? -0.162  -4.277  -14.408 1.00 13.22 ? 125  ASP A CB  1 
ATOM   804  C CG  . ASP A 1 125 ? -1.025  -4.701  -15.611 1.00 13.57 ? 125  ASP A CG  1 
ATOM   805  O OD1 . ASP A 1 125 ? -1.208  -3.912  -16.569 1.00 13.88 ? 125  ASP A OD1 1 
ATOM   806  O OD2 . ASP A 1 125 ? -1.541  -5.842  -15.584 1.00 13.57 ? 125  ASP A OD2 1 
ATOM   807  N N   . LEU A 1 126 ? 2.613   -3.082  -13.061 1.00 11.66 ? 126  LEU A N   1 
ATOM   808  C CA  . LEU A 1 126 ? 3.181   -2.969  -11.697 1.00 10.73 ? 126  LEU A CA  1 
ATOM   809  C C   . LEU A 1 126 ? 3.204   -1.543  -11.166 1.00 10.38 ? 126  LEU A C   1 
ATOM   810  O O   . LEU A 1 126 ? 2.679   -1.259  -10.070 1.00 10.54 ? 126  LEU A O   1 
ATOM   811  C CB  . LEU A 1 126 ? 4.597   -3.578  -11.618 1.00 10.48 ? 126  LEU A CB  1 
ATOM   812  C CG  . LEU A 1 126 ? 5.338   -3.541  -10.264 1.00 10.26 ? 126  LEU A CG  1 
ATOM   813  C CD1 . LEU A 1 126 ? 4.658   -4.370  -9.200  1.00 10.24 ? 126  LEU A CD1 1 
ATOM   814  C CD2 . LEU A 1 126 ? 6.774   -4.011  -10.382 1.00 10.31 ? 126  LEU A CD2 1 
ATOM   815  N N   . ASP A 1 127 ? 3.800   -0.650  -11.945 1.00 9.78  ? 127  ASP A N   1 
ATOM   816  C CA  . ASP A 1 127 ? 3.966   0.728   -11.528 1.00 9.45  ? 127  ASP A CA  1 
ATOM   817  C C   . ASP A 1 127 ? 2.648   1.458   -11.456 1.00 9.39  ? 127  ASP A C   1 
ATOM   818  O O   . ASP A 1 127 ? 2.359   2.145   -10.479 1.00 9.31  ? 127  ASP A O   1 
ATOM   819  C CB  . ASP A 1 127 ? 4.900   1.449   -12.474 1.00 9.33  ? 127  ASP A CB  1 
ATOM   820  C CG  . ASP A 1 127 ? 6.296   0.875   -12.446 1.00 9.25  ? 127  ASP A CG  1 
ATOM   821  O OD1 . ASP A 1 127 ? 6.610   0.134   -11.493 1.00 9.17  ? 127  ASP A OD1 1 
ATOM   822  O OD2 . ASP A 1 127 ? 7.072   1.159   -13.372 1.00 9.10  ? 127  ASP A OD2 1 
ATOM   823  N N   . ARG A 1 128 ? 1.818   1.309   -12.472 1.00 9.45  ? 128  ARG A N   1 
ATOM   824  C CA  . ARG A 1 128 ? 0.607   2.104   -12.479 1.00 9.26  ? 128  ARG A CA  1 
ATOM   825  C C   . ARG A 1 128 ? -0.333  1.592   -11.381 1.00 8.68  ? 128  ARG A C   1 
ATOM   826  O O   . ARG A 1 128 ? -0.998  2.399   -10.745 1.00 9.00  ? 128  ARG A O   1 
ATOM   827  C CB  . ARG A 1 128 ? -0.010  2.190   -13.873 1.00 9.60  ? 128  ARG A CB  1 
ATOM   828  C CG  . ARG A 1 128 ? -0.882  1.029   -14.263 1.00 10.20 ? 128  ARG A CG  1 
ATOM   829  C CD  . ARG A 1 128 ? -1.119  1.011   -15.774 1.00 10.53 ? 128  ARG A CD  1 
ATOM   830  N NE  . ARG A 1 128 ? -1.534  -0.325  -16.172 1.00 10.71 ? 128  ARG A NE  1 
ATOM   831  C CZ  . ARG A 1 128 ? -2.718  -0.840  -15.896 1.00 10.78 ? 128  ARG A CZ  1 
ATOM   832  N NH1 . ARG A 1 128 ? -3.624  -0.124  -15.235 1.00 11.07 ? 128  ARG A NH1 1 
ATOM   833  N NH2 . ARG A 1 128 ? -2.996  -2.074  -16.282 1.00 10.86 ? 128  ARG A NH2 1 
ATOM   834  N N   . PHE A 1 129 ? -0.337  0.281   -11.106 1.00 7.74  ? 129  PHE A N   1 
ATOM   835  C CA  . PHE A 1 129 ? -1.008  -0.238  -9.903  1.00 7.05  ? 129  PHE A CA  1 
ATOM   836  C C   . PHE A 1 129 ? -0.426  0.310   -8.588  1.00 6.50  ? 129  PHE A C   1 
ATOM   837  O O   . PHE A 1 129 ? -1.189  0.647   -7.686  1.00 6.48  ? 129  PHE A O   1 
ATOM   838  C CB  . PHE A 1 129 ? -0.978  -1.757  -9.875  1.00 7.02  ? 129  PHE A CB  1 
ATOM   839  C CG  . PHE A 1 129 ? -1.950  -2.415  -10.822 1.00 6.98  ? 129  PHE A CG  1 
ATOM   840  C CD1 . PHE A 1 129 ? -2.738  -1.674  -11.695 1.00 6.95  ? 129  PHE A CD1 1 
ATOM   841  C CD2 . PHE A 1 129 ? -2.066  -3.804  -10.838 1.00 7.01  ? 129  PHE A CD2 1 
ATOM   842  C CE1 . PHE A 1 129 ? -3.622  -2.300  -12.560 1.00 7.02  ? 129  PHE A CE1 1 
ATOM   843  C CE2 . PHE A 1 129 ? -2.949  -4.439  -11.706 1.00 6.98  ? 129  PHE A CE2 1 
ATOM   844  C CZ  . PHE A 1 129 ? -3.727  -3.686  -12.567 1.00 7.04  ? 129  PHE A CZ  1 
ATOM   845  N N   . TRP A 1 130 ? 0.908   0.395   -8.476  1.00 5.78  ? 130  TRP A N   1 
ATOM   846  C CA  . TRP A 1 130 ? 1.559   0.944   -7.255  1.00 5.18  ? 130  TRP A CA  1 
ATOM   847  C C   . TRP A 1 130 ? 1.241   2.403   -6.974  1.00 4.85  ? 130  TRP A C   1 
ATOM   848  O O   . TRP A 1 130 ? 1.077   2.799   -5.820  1.00 4.83  ? 130  TRP A O   1 
ATOM   849  C CB  . TRP A 1 130 ? 3.085   0.846   -7.353  1.00 5.02  ? 130  TRP A CB  1 
ATOM   850  C CG  . TRP A 1 130 ? 3.809   1.291   -6.096  1.00 4.82  ? 130  TRP A CG  1 
ATOM   851  C CD1 . TRP A 1 130 ? 4.848   2.179   -6.018  1.00 4.75  ? 130  TRP A CD1 1 
ATOM   852  C CD2 . TRP A 1 130 ? 3.526   0.879   -4.742  1.00 4.72  ? 130  TRP A CD2 1 
ATOM   853  N NE1 . TRP A 1 130 ? 5.249   2.323   -4.712  1.00 4.71  ? 130  TRP A NE1 1 
ATOM   854  C CE2 . TRP A 1 130 ? 4.450   1.545   -3.906  1.00 4.69  ? 130  TRP A CE2 1 
ATOM   855  C CE3 . TRP A 1 130 ? 2.584   0.005   -4.156  1.00 4.66  ? 130  TRP A CE3 1 
ATOM   856  C CZ2 . TRP A 1 130 ? 4.461   1.366   -2.511  1.00 4.63  ? 130  TRP A CZ2 1 
ATOM   857  C CZ3 . TRP A 1 130 ? 2.605   -0.184  -2.786  1.00 4.59  ? 130  TRP A CZ3 1 
ATOM   858  C CH2 . TRP A 1 130 ? 3.524   0.510   -1.974  1.00 4.62  ? 130  TRP A CH2 1 
ATOM   859  N N   . LEU A 1 131 ? 1.214   3.214   -8.025  1.00 4.49  ? 131  LEU A N   1 
ATOM   860  C CA  . LEU A 1 131 ? 0.939   4.646   -7.884  1.00 4.18  ? 131  LEU A CA  1 
ATOM   861  C C   . LEU A 1 131 ? -0.532  4.832   -7.547  1.00 3.96  ? 131  LEU A C   1 
ATOM   862  O O   . LEU A 1 131 ? -0.872  5.636   -6.683  1.00 3.95  ? 131  LEU A O   1 
ATOM   863  C CB  . LEU A 1 131 ? 1.358   5.429   -9.144  1.00 4.14  ? 131  LEU A CB  1 
ATOM   864  C CG  . LEU A 1 131 ? 1.022   6.941   -9.233  1.00 4.09  ? 131  LEU A CG  1 
ATOM   865  C CD1 . LEU A 1 131 ? 1.545   7.734   -8.048  1.00 4.07  ? 131  LEU A CD1 1 
ATOM   866  C CD2 . LEU A 1 131 ? 1.562   7.525   -10.528 1.00 4.08  ? 131  LEU A CD2 1 
ATOM   867  N N   . GLU A 1 132 ? -1.399  4.036   -8.163  1.00 3.75  ? 132  GLU A N   1 
ATOM   868  C CA  . GLU A 1 132 ? -2.842  4.055   -7.819  1.00 3.58  ? 132  GLU A CA  1 
ATOM   869  C C   . GLU A 1 132 ? -3.109  3.691   -6.348  1.00 3.34  ? 132  GLU A C   1 
ATOM   870  O O   . GLU A 1 132 ? -3.987  4.297   -5.695  1.00 3.34  ? 132  GLU A O   1 
ATOM   871  C CB  . GLU A 1 132 ? -3.608  3.126   -8.747  1.00 3.65  ? 132  GLU A CB  1 
ATOM   872  C CG  . GLU A 1 132 ? -5.119  3.239   -8.625  1.00 3.76  ? 132  GLU A CG  1 
ATOM   873  C CD  . GLU A 1 132 ? -5.627  4.596   -9.067  1.00 3.87  ? 132  GLU A CD  1 
ATOM   874  O OE1 . GLU A 1 132 ? -5.314  5.026   -10.208 1.00 3.92  ? 132  GLU A OE1 1 
ATOM   875  O OE2 . GLU A 1 132 ? -6.337  5.228   -8.256  1.00 4.00  ? 132  GLU A OE2 1 
ATOM   876  N N   . THR A 1 133 ? -2.333  2.736   -5.833  1.00 3.08  ? 133  THR A N   1 
ATOM   877  C CA  . THR A 1 133 ? -2.424  2.269   -4.429  1.00 2.92  ? 133  THR A CA  1 
ATOM   878  C C   . THR A 1 133 ? -2.062  3.391   -3.459  1.00 2.81  ? 133  THR A C   1 
ATOM   879  O O   . THR A 1 133 ? -2.830  3.742   -2.584  1.00 2.77  ? 133  THR A O   1 
ATOM   880  C CB  . THR A 1 133 ? -1.485  1.059   -4.191  1.00 2.88  ? 133  THR A CB  1 
ATOM   881  O OG1 . THR A 1 133 ? -1.812  -0.017  -5.091  1.00 2.85  ? 133  THR A OG1 1 
ATOM   882  C CG2 . THR A 1 133 ? -1.553  0.561   -2.750  1.00 2.88  ? 133  THR A CG2 1 
ATOM   883  N N   . LEU A 1 134 ? -0.871  3.946   -3.638  1.00 2.74  ? 134  LEU A N   1 
ATOM   884  C CA  . LEU A 1 134 ? -0.445  5.190   -2.973  1.00 2.68  ? 134  LEU A CA  1 
ATOM   885  C C   . LEU A 1 134 ? -1.487  6.323   -3.011  1.00 2.67  ? 134  LEU A C   1 
ATOM   886  O O   . LEU A 1 134 ? -1.714  6.967   -1.994  1.00 2.64  ? 134  LEU A O   1 
ATOM   887  C CB  . LEU A 1 134 ? 0.855   5.681   -3.606  1.00 2.65  ? 134  LEU A CB  1 
ATOM   888  C CG  . LEU A 1 134 ? 2.096   4.807   -3.386  1.00 2.62  ? 134  LEU A CG  1 
ATOM   889  C CD1 . LEU A 1 134 ? 3.248   5.384   -4.193  1.00 2.60  ? 134  LEU A CD1 1 
ATOM   890  C CD2 . LEU A 1 134 ? 2.446   4.723   -1.891  1.00 2.62  ? 134  LEU A CD2 1 
ATOM   891  N N   . LEU A 1 135 ? -2.121  6.557   -4.169  1.00 2.69  ? 135  LEU A N   1 
ATOM   892  C CA  . LEU A 1 135 ? -3.213  7.566   -4.253  1.00 2.72  ? 135  LEU A CA  1 
ATOM   893  C C   . LEU A 1 135 ? -4.466  7.181   -3.429  1.00 2.76  ? 135  LEU A C   1 
ATOM   894  O O   . LEU A 1 135 ? -5.090  8.048   -2.823  1.00 2.81  ? 135  LEU A O   1 
ATOM   895  C CB  . LEU A 1 135 ? -3.633  7.858   -5.706  1.00 2.68  ? 135  LEU A CB  1 
ATOM   896  C CG  . LEU A 1 135 ? -2.547  8.308   -6.696  1.00 2.68  ? 135  LEU A CG  1 
ATOM   897  C CD1 . LEU A 1 135 ? -3.169  8.692   -8.037  1.00 2.67  ? 135  LEU A CD1 1 
ATOM   898  C CD2 . LEU A 1 135 ? -1.711  9.463   -6.141  1.00 2.67  ? 135  LEU A CD2 1 
ATOM   899  N N   . CYS A 1 136 ? -4.834  5.904   -3.425  1.00 2.82  ? 136  CYS A N   1 
ATOM   900  C CA  . CYS A 1 136 ? -5.940  5.416   -2.577  1.00 2.87  ? 136  CYS A CA  1 
ATOM   901  C C   . CYS A 1 136 ? -5.672  5.673   -1.122  1.00 2.91  ? 136  CYS A C   1 
ATOM   902  O O   . CYS A 1 136 ? -6.556  6.123   -0.409  1.00 2.94  ? 136  CYS A O   1 
ATOM   903  C CB  . CYS A 1 136 ? -6.159  3.900   -2.749  1.00 2.88  ? 136  CYS A CB  1 
ATOM   904  S SG  . CYS A 1 136 ? -7.027  3.504   -4.277  1.00 2.91  ? 136  CYS A SG  1 
ATOM   905  N N   . LEU A 1 137 ? -4.446  5.373   -0.690  1.00 2.98  ? 137  LEU A N   1 
ATOM   906  C CA  . LEU A 1 137 ? -4.060  5.541   0.705   1.00 3.04  ? 137  LEU A CA  1 
ATOM   907  C C   . LEU A 1 137 ? -4.089  7.001   1.098   1.00 3.16  ? 137  LEU A C   1 
ATOM   908  O O   . LEU A 1 137 ? -4.889  7.381   1.941   1.00 3.20  ? 137  LEU A O   1 
ATOM   909  C CB  . LEU A 1 137 ? -2.660  4.955   0.986   1.00 3.02  ? 137  LEU A CB  1 
ATOM   910  C CG  . LEU A 1 137 ? -2.458  3.431   0.981   1.00 2.99  ? 137  LEU A CG  1 
ATOM   911  C CD1 . LEU A 1 137 ? -1.041  3.099   1.431   1.00 2.96  ? 137  LEU A CD1 1 
ATOM   912  C CD2 . LEU A 1 137 ? -3.481  2.697   1.848   1.00 2.97  ? 137  LEU A CD2 1 
ATOM   913  N N   . ILE A 1 138 ? -3.233  7.814   0.478   1.00 3.30  ? 138  ILE A N   1 
ATOM   914  C CA  . ILE A 1 138 ? -3.079  9.219   0.881   1.00 3.43  ? 138  ILE A CA  1 
ATOM   915  C C   . ILE A 1 138 ? -4.349  10.007  0.641   1.00 3.66  ? 138  ILE A C   1 
ATOM   916  O O   . ILE A 1 138 ? -4.652  10.911  1.411   1.00 3.72  ? 138  ILE A O   1 
ATOM   917  C CB  . ILE A 1 138 ? -1.886  9.954   0.206   1.00 3.37  ? 138  ILE A CB  1 
ATOM   918  C CG1 . ILE A 1 138 ? -2.139  10.271  -1.273  1.00 3.36  ? 138  ILE A CG1 1 
ATOM   919  C CG2 . ILE A 1 138 ? -0.595  9.172   0.373   1.00 3.35  ? 138  ILE A CG2 1 
ATOM   920  C CD1 . ILE A 1 138 ? -1.079  11.172  -1.872  1.00 3.35  ? 138  ILE A CD1 1 
ATOM   921  N N   . GLY A 1 139 ? -5.095  9.649   -0.410  1.00 3.93  ? 139  GLY A N   1 
ATOM   922  C CA  . GLY A 1 139 ? -6.384  10.283  -0.696  1.00 4.19  ? 139  GLY A CA  1 
ATOM   923  C C   . GLY A 1 139 ? -7.545  9.879   0.208   1.00 4.51  ? 139  GLY A C   1 
ATOM   924  O O   . GLY A 1 139 ? -8.625  10.495  0.154   1.00 4.59  ? 139  GLY A O   1 
ATOM   925  N N   . GLU A 1 140 ? -7.345  8.842   1.033   1.00 4.85  ? 140  GLU A N   1 
ATOM   926  C CA  . GLU A 1 140 ? -8.355  8.402   1.992   1.00 5.10  ? 140  GLU A CA  1 
ATOM   927  C C   . GLU A 1 140 ? -9.621  8.011   1.248   1.00 5.40  ? 140  GLU A C   1 
ATOM   928  O O   . GLU A 1 140 ? -10.716 8.543   1.486   1.00 5.41  ? 140  GLU A O   1 
ATOM   929  C CB  . GLU A 1 140 ? -8.611  9.490   3.040   1.00 5.09  ? 140  GLU A CB  1 
ATOM   930  C CG  . GLU A 1 140 ? -7.340  9.865   3.817   1.00 5.10  ? 140  GLU A CG  1 
ATOM   931  C CD  . GLU A 1 140 ? -7.092  9.011   5.051   1.00 5.11  ? 140  GLU A CD  1 
ATOM   932  O OE1 . GLU A 1 140 ? -8.009  8.304   5.524   1.00 5.15  ? 140  GLU A OE1 1 
ATOM   933  O OE2 . GLU A 1 140 ? -5.970  9.073   5.584   1.00 5.14  ? 140  GLU A OE2 1 
ATOM   934  N N   . SER A 1 141 ? -9.450  7.058   0.339   1.00 5.79  ? 141  SER A N   1 
ATOM   935  C CA  . SER A 1 141 ? -10.493 6.712   -0.620  1.00 6.15  ? 141  SER A CA  1 
ATOM   936  C C   . SER A 1 141 ? -11.412 5.604   -0.167  1.00 6.45  ? 141  SER A C   1 
ATOM   937  O O   . SER A 1 141 ? -12.326 5.251   -0.892  1.00 6.54  ? 141  SER A O   1 
ATOM   938  C CB  . SER A 1 141 ? -9.864  6.298   -1.940  1.00 6.27  ? 141  SER A CB  1 
ATOM   939  O OG  . SER A 1 141 ? -8.828  7.201   -2.309  1.00 6.49  ? 141  SER A OG  1 
ATOM   940  N N   . PHE A 1 142 ? -11.178 5.037   1.008   1.00 6.86  ? 142  PHE A N   1 
ATOM   941  C CA  . PHE A 1 142 ? -12.024 3.940   1.503   1.00 7.24  ? 142  PHE A CA  1 
ATOM   942  C C   . PHE A 1 142 ? -13.116 4.490   2.437   1.00 7.89  ? 142  PHE A C   1 
ATOM   943  O O   . PHE A 1 142 ? -13.752 3.736   3.161   1.00 8.15  ? 142  PHE A O   1 
ATOM   944  C CB  . PHE A 1 142 ? -11.167 2.854   2.192   1.00 7.00  ? 142  PHE A CB  1 
ATOM   945  C CG  . PHE A 1 142 ? -9.963  2.418   1.386   1.00 6.83  ? 142  PHE A CG  1 
ATOM   946  C CD1 . PHE A 1 142 ? -10.065 1.407   0.448   1.00 6.77  ? 142  PHE A CD1 1 
ATOM   947  C CD2 . PHE A 1 142 ? -8.724  3.026   1.567   1.00 6.78  ? 142  PHE A CD2 1 
ATOM   948  C CE1 . PHE A 1 142 ? -8.964  1.005   -0.295  1.00 6.68  ? 142  PHE A CE1 1 
ATOM   949  C CE2 . PHE A 1 142 ? -7.616  2.630   0.826   1.00 6.68  ? 142  PHE A CE2 1 
ATOM   950  C CZ  . PHE A 1 142 ? -7.736  1.613   -0.101  1.00 6.65  ? 142  PHE A CZ  1 
ATOM   951  N N   . ASP A 1 143 ? -13.291 5.815   2.426   1.00 8.68  ? 143  ASP A N   1 
ATOM   952  C CA  . ASP A 1 143 ? -14.378 6.552   3.121   1.00 9.20  ? 143  ASP A CA  1 
ATOM   953  C C   . ASP A 1 143 ? -14.583 6.216   4.618   1.00 9.42  ? 143  ASP A C   1 
ATOM   954  O O   . ASP A 1 143 ? -13.690 6.492   5.406   1.00 9.59  ? 143  ASP A O   1 
ATOM   955  C CB  . ASP A 1 143 ? -15.668 6.522   2.290   1.00 9.52  ? 143  ASP A CB  1 
ATOM   956  C CG  . ASP A 1 143 ? -16.079 5.122   1.907   1.00 9.92  ? 143  ASP A CG  1 
ATOM   957  O OD1 . ASP A 1 143 ? -16.584 4.416   2.808   1.00 10.66 ? 143  ASP A OD1 1 
ATOM   958  O OD2 . ASP A 1 143 ? -15.887 4.713   0.733   1.00 10.03 ? 143  ASP A OD2 1 
ATOM   959  N N   . ASP A 1 144 ? -15.710 5.648   5.041   1.00 9.72  ? 144  ASP A N   1 
ATOM   960  C CA  . ASP A 1 144 ? -15.925 5.467   6.489   1.00 10.10 ? 144  ASP A CA  1 
ATOM   961  C C   . ASP A 1 144 ? -15.123 4.304   7.105   1.00 10.61 ? 144  ASP A C   1 
ATOM   962  O O   . ASP A 1 144 ? -15.299 4.014   8.286   1.00 11.21 ? 144  ASP A O   1 
ATOM   963  C CB  . ASP A 1 144 ? -17.408 5.244   6.855   1.00 10.17 ? 144  ASP A CB  1 
ATOM   964  C CG  . ASP A 1 144 ? -18.358 6.290   6.263   1.00 10.12 ? 144  ASP A CG  1 
ATOM   965  O OD1 . ASP A 1 144 ? -18.044 7.502   6.196   1.00 9.98  ? 144  ASP A OD1 1 
ATOM   966  O OD2 . ASP A 1 144 ? -19.464 5.861   5.887   1.00 10.39 ? 144  ASP A OD2 1 
ATOM   967  N N   . TYR A 1 145 ? -14.283 3.609   6.335   1.00 10.82 ? 145  TYR A N   1 
ATOM   968  C CA  . TYR A 1 145 ? -13.406 2.601   6.918   1.00 10.94 ? 145  TYR A CA  1 
ATOM   969  C C   . TYR A 1 145 ? -11.937 2.936   6.661   1.00 10.73 ? 145  TYR A C   1 
ATOM   970  O O   . TYR A 1 145 ? -11.096 2.037   6.652   1.00 11.01 ? 145  TYR A O   1 
ATOM   971  C CB  . TYR A 1 145 ? -13.761 1.191   6.410   1.00 11.22 ? 145  TYR A CB  1 
ATOM   972  C CG  . TYR A 1 145 ? -15.241 0.830   6.551   1.00 11.35 ? 145  TYR A CG  1 
ATOM   973  C CD1 . TYR A 1 145 ? -15.759 0.325   7.746   1.00 11.49 ? 145  TYR A CD1 1 
ATOM   974  C CD2 . TYR A 1 145 ? -16.107 0.977   5.483   1.00 11.34 ? 145  TYR A CD2 1 
ATOM   975  C CE1 . TYR A 1 145 ? -17.113 -0.014  7.863   1.00 11.51 ? 145  TYR A CE1 1 
ATOM   976  C CE2 . TYR A 1 145 ? -17.443 0.649   5.592   1.00 11.40 ? 145  TYR A CE2 1 
ATOM   977  C CZ  . TYR A 1 145 ? -17.948 0.162   6.779   1.00 11.54 ? 145  TYR A CZ  1 
ATOM   978  O OH  . TYR A 1 145 ? -19.294 -0.134  6.848   1.00 11.90 ? 145  TYR A OH  1 
ATOM   979  N N   . SER A 1 146 ? -11.641 4.225   6.488   1.00 10.42 ? 146  SER A N   1 
ATOM   980  C CA  . SER A 1 146 ? -10.266 4.717   6.257   1.00 10.36 ? 146  SER A CA  1 
ATOM   981  C C   . SER A 1 146 ? -9.282  4.376   7.371   1.00 10.39 ? 146  SER A C   1 
ATOM   982  O O   . SER A 1 146 ? -8.097  4.092   7.110   1.00 10.50 ? 146  SER A O   1 
ATOM   983  C CB  . SER A 1 146 ? -10.262 6.229   6.015   1.00 10.29 ? 146  SER A CB  1 
ATOM   984  O OG  . SER A 1 146 ? -10.514 6.512   4.636   1.00 10.61 ? 146  SER A OG  1 
ATOM   985  N N   . ASP A 1 147 ? -9.789  4.417   8.596   1.00 10.26 ? 147  ASP A N   1 
ATOM   986  C CA  . ASP A 1 147 ? -9.043  4.077   9.791   1.00 10.36 ? 147  ASP A CA  1 
ATOM   987  C C   . ASP A 1 147 ? -8.641  2.582   9.885   1.00 10.07 ? 147  ASP A C   1 
ATOM   988  O O   . ASP A 1 147 ? -7.738  2.227   10.644  1.00 9.90  ? 147  ASP A O   1 
ATOM   989  C CB  . ASP A 1 147 ? -9.900  4.400   11.035  1.00 10.61 ? 147  ASP A CB  1 
ATOM   990  C CG  . ASP A 1 147 ? -10.088 5.895   11.277  1.00 10.90 ? 147  ASP A CG  1 
ATOM   991  O OD1 . ASP A 1 147 ? -9.354  6.740   10.708  1.00 11.10 ? 147  ASP A OD1 1 
ATOM   992  O OD2 . ASP A 1 147 ? -10.989 6.219   12.076  1.00 11.28 ? 147  ASP A OD2 1 
ATOM   993  N N   . ASP A 1 148 ? -9.337  1.705   9.176   1.00 9.62  ? 148  ASP A N   1 
ATOM   994  C CA  . ASP A 1 148 ? -9.010  0.295   9.241   1.00 9.49  ? 148  ASP A CA  1 
ATOM   995  C C   . ASP A 1 148 ? -7.740  -0.001  8.429   1.00 9.04  ? 148  ASP A C   1 
ATOM   996  O O   . ASP A 1 148 ? -7.059  -0.980  8.691   1.00 9.16  ? 148  ASP A O   1 
ATOM   997  C CB  . ASP A 1 148 ? -10.195 -0.574  8.787   1.00 9.80  ? 148  ASP A CB  1 
ATOM   998  C CG  . ASP A 1 148 ? -10.978 -1.147  9.957   1.00 10.14 ? 148  ASP A CG  1 
ATOM   999  O OD1 . ASP A 1 148 ? -11.479 -0.379  10.792  1.00 10.48 ? 148  ASP A OD1 1 
ATOM   1000 O OD2 . ASP A 1 148 ? -11.081 -2.386  10.061  1.00 10.78 ? 148  ASP A OD2 1 
ATOM   1001 N N   . VAL A 1 149 ? -7.440  0.870   7.463   1.00 8.37  ? 149  VAL A N   1 
ATOM   1002 C CA  . VAL A 1 149 ? -6.284  0.762   6.590   1.00 7.71  ? 149  VAL A CA  1 
ATOM   1003 C C   . VAL A 1 149 ? -5.032  1.183   7.349   1.00 7.28  ? 149  VAL A C   1 
ATOM   1004 O O   . VAL A 1 149 ? -5.009  2.238   7.981   1.00 7.01  ? 149  VAL A O   1 
ATOM   1005 C CB  . VAL A 1 149 ? -6.446  1.669   5.349   1.00 7.73  ? 149  VAL A CB  1 
ATOM   1006 C CG1 . VAL A 1 149 ? -5.421  1.338   4.276   1.00 7.69  ? 149  VAL A CG1 1 
ATOM   1007 C CG2 . VAL A 1 149 ? -7.835  1.532   4.750   1.00 7.83  ? 149  VAL A CG2 1 
ATOM   1008 N N   . CYS A 1 150 ? -4.001  0.338   7.266   1.00 6.93  ? 150  CYS A N   1 
ATOM   1009 C CA  . CYS A 1 150 ? -2.720  0.539   7.926   1.00 6.73  ? 150  CYS A CA  1 
ATOM   1010 C C   . CYS A 1 150 ? -1.648  1.065   6.949   1.00 6.53  ? 150  CYS A C   1 
ATOM   1011 O O   . CYS A 1 150 ? -0.929  2.020   7.257   1.00 6.47  ? 150  CYS A O   1 
ATOM   1012 C CB  . CYS A 1 150 ? -2.242  -0.786  8.549   1.00 6.79  ? 150  CYS A CB  1 
ATOM   1013 S SG  . CYS A 1 150 ? -3.314  -1.503  9.828   1.00 6.82  ? 150  CYS A SG  1 
ATOM   1014 N N   . GLY A 1 151 ? -1.546  0.437   5.780   1.00 6.32  ? 151  GLY A N   1 
ATOM   1015 C CA  . GLY A 1 151 ? -0.572  0.825   4.760   1.00 6.19  ? 151  GLY A CA  1 
ATOM   1016 C C   . GLY A 1 151 ? -0.582  -0.138  3.591   1.00 6.15  ? 151  GLY A C   1 
ATOM   1017 O O   . GLY A 1 151 ? -1.552  -0.879  3.416   1.00 6.24  ? 151  GLY A O   1 
ATOM   1018 N N   . ALA A 1 152 ? 0.485   -0.137  2.791   1.00 6.06  ? 152  ALA A N   1 
ATOM   1019 C CA  . ALA A 1 152 ? 0.587   -1.031  1.617   1.00 6.00  ? 152  ALA A CA  1 
ATOM   1020 C C   . ALA A 1 152 ? 2.039   -1.392  1.306   1.00 5.96  ? 152  ALA A C   1 
ATOM   1021 O O   . ALA A 1 152 ? 2.969   -0.637  1.633   1.00 5.93  ? 152  ALA A O   1 
ATOM   1022 C CB  . ALA A 1 152 ? -0.080  -0.408  0.389   1.00 5.98  ? 152  ALA A CB  1 
ATOM   1023 N N   . VAL A 1 153 ? 2.215   -2.559  0.679   1.00 5.92  ? 153  VAL A N   1 
ATOM   1024 C CA  . VAL A 1 153 ? 3.532   -3.144  0.442   1.00 5.88  ? 153  VAL A CA  1 
ATOM   1025 C C   . VAL A 1 153 ? 3.648   -3.647  -0.986  1.00 6.00  ? 153  VAL A C   1 
ATOM   1026 O O   . VAL A 1 153 ? 2.832   -4.428  -1.429  1.00 5.93  ? 153  VAL A O   1 
ATOM   1027 C CB  . VAL A 1 153 ? 3.815   -4.341  1.379   1.00 5.76  ? 153  VAL A CB  1 
ATOM   1028 C CG1 . VAL A 1 153 ? 5.242   -4.846  1.193   1.00 5.75  ? 153  VAL A CG1 1 
ATOM   1029 C CG2 . VAL A 1 153 ? 3.610   -3.979  2.827   1.00 5.72  ? 153  VAL A CG2 1 
ATOM   1030 N N   . VAL A 1 154 ? 4.675   -3.201  -1.696  1.00 6.33  ? 154  VAL A N   1 
ATOM   1031 C CA  . VAL A 1 154 ? 5.003   -3.760  -3.024  1.00 6.60  ? 154  VAL A CA  1 
ATOM   1032 C C   . VAL A 1 154 ? 6.258   -4.639  -2.874  1.00 6.97  ? 154  VAL A C   1 
ATOM   1033 O O   . VAL A 1 154 ? 7.251   -4.223  -2.276  1.00 6.91  ? 154  VAL A O   1 
ATOM   1034 C CB  . VAL A 1 154 ? 5.138   -2.675  -4.145  1.00 6.48  ? 154  VAL A CB  1 
ATOM   1035 C CG1 . VAL A 1 154 ? 6.184   -1.628  -3.826  1.00 6.43  ? 154  VAL A CG1 1 
ATOM   1036 C CG2 . VAL A 1 154 ? 5.457   -3.307  -5.485  1.00 6.56  ? 154  VAL A CG2 1 
ATOM   1037 N N   . ASN A 1 155 ? 6.162   -5.872  -3.370  1.00 7.52  ? 155  ASN A N   1 
ATOM   1038 C CA  . ASN A 1 155 ? 7.257   -6.831  -3.371  1.00 7.98  ? 155  ASN A CA  1 
ATOM   1039 C C   . ASN A 1 155 ? 7.727   -7.008  -4.792  1.00 8.68  ? 155  ASN A C   1 
ATOM   1040 O O   . ASN A 1 155 ? 6.943   -7.375  -5.681  1.00 8.81  ? 155  ASN A O   1 
ATOM   1041 C CB  . ASN A 1 155 ? 6.790   -8.210  -2.882  1.00 7.93  ? 155  ASN A CB  1 
ATOM   1042 C CG  . ASN A 1 155 ? 6.254   -8.190  -1.471  1.00 7.72  ? 155  ASN A CG  1 
ATOM   1043 O OD1 . ASN A 1 155 ? 5.107   -8.527  -1.226  1.00 7.47  ? 155  ASN A OD1 1 
ATOM   1044 N ND2 . ASN A 1 155 ? 7.096   -7.808  -0.538  1.00 7.84  ? 155  ASN A ND2 1 
ATOM   1045 N N   . VAL A 1 156 ? 9.005   -6.752  -5.015  1.00 9.63  ? 156  VAL A N   1 
ATOM   1046 C CA  . VAL A 1 156 ? 9.596   -6.949  -6.329  1.00 10.25 ? 156  VAL A CA  1 
ATOM   1047 C C   . VAL A 1 156 ? 10.308  -8.300  -6.275  1.00 11.19 ? 156  VAL A C   1 
ATOM   1048 O O   . VAL A 1 156 ? 11.282  -8.461  -5.533  1.00 11.22 ? 156  VAL A O   1 
ATOM   1049 C CB  . VAL A 1 156 ? 10.545  -5.801  -6.679  1.00 10.02 ? 156  VAL A CB  1 
ATOM   1050 C CG1 . VAL A 1 156 ? 11.051  -5.937  -8.105  1.00 9.89  ? 156  VAL A CG1 1 
ATOM   1051 C CG2 . VAL A 1 156 ? 9.833   -4.466  -6.491  1.00 9.89  ? 156  VAL A CG2 1 
ATOM   1052 N N   . ARG A 1 157 ? 9.790   -9.256  -7.048  1.00 12.20 ? 157  ARG A N   1 
ATOM   1053 C CA  . ARG A 1 157 ? 10.208  -10.649 -6.998  1.00 13.01 ? 157  ARG A CA  1 
ATOM   1054 C C   . ARG A 1 157 ? 10.326  -11.234 -8.413  1.00 14.06 ? 157  ARG A C   1 
ATOM   1055 O O   . ARG A 1 157 ? 9.570   -10.868 -9.321  1.00 14.04 ? 157  ARG A O   1 
ATOM   1056 C CB  . ARG A 1 157 ? 9.188   -11.459 -6.203  1.00 13.07 ? 157  ARG A CB  1 
ATOM   1057 C CG  . ARG A 1 157 ? 9.021   -11.037 -4.745  1.00 13.32 ? 157  ARG A CG  1 
ATOM   1058 C CD  . ARG A 1 157 ? 10.304  -11.213 -3.924  1.00 13.45 ? 157  ARG A CD  1 
ATOM   1059 N NE  . ARG A 1 157 ? 10.126  -10.900 -2.497  1.00 13.49 ? 157  ARG A NE  1 
ATOM   1060 C CZ  . ARG A 1 157 ? 10.197  -9.681  -1.947  1.00 13.62 ? 157  ARG A CZ  1 
ATOM   1061 N NH1 . ARG A 1 157 ? 10.432  -8.598  -2.671  1.00 13.48 ? 157  ARG A NH1 1 
ATOM   1062 N NH2 . ARG A 1 157 ? 10.018  -9.538  -0.638  1.00 14.09 ? 157  ARG A NH2 1 
ATOM   1063 N N   . ALA A 1 158 ? 11.277  -12.152 -8.583  1.00 15.07 ? 158  ALA A N   1 
ATOM   1064 C CA  . ALA A 1 158 ? 11.541  -12.790 -9.881  1.00 15.75 ? 158  ALA A CA  1 
ATOM   1065 C C   . ALA A 1 158 ? 10.429  -13.748 -10.343 1.00 16.42 ? 158  ALA A C   1 
ATOM   1066 O O   . ALA A 1 158 ? 10.232  -13.928 -11.545 1.00 16.97 ? 158  ALA A O   1 
ATOM   1067 C CB  . ALA A 1 158 ? 12.883  -13.526 -9.833  1.00 15.52 ? 158  ALA A CB  1 
ATOM   1068 N N   . LYS A 1 159 ? 9.716   -14.360 -9.398  1.00 16.85 ? 159  LYS A N   1 
ATOM   1069 C CA  . LYS A 1 159 ? 8.698   -15.380 -9.718  1.00 17.45 ? 159  LYS A CA  1 
ATOM   1070 C C   . LYS A 1 159 ? 7.262   -14.827 -9.820  1.00 16.74 ? 159  LYS A C   1 
ATOM   1071 O O   . LYS A 1 159 ? 6.326   -15.576 -10.146 1.00 16.95 ? 159  LYS A O   1 
ATOM   1072 C CB  . LYS A 1 159 ? 8.739   -16.522 -8.679  1.00 18.43 ? 159  LYS A CB  1 
ATOM   1073 C CG  . LYS A 1 159 ? 8.690   -16.027 -7.239  1.00 19.93 ? 159  LYS A CG  1 
ATOM   1074 C CD  . LYS A 1 159 ? 8.072   -17.017 -6.243  1.00 21.00 ? 159  LYS A CD  1 
ATOM   1075 C CE  . LYS A 1 159 ? 7.948   -16.388 -4.846  1.00 21.52 ? 159  LYS A CE  1 
ATOM   1076 N NZ  . LYS A 1 159 ? 7.464   -14.958 -4.851  1.00 21.61 ? 159  LYS A NZ  1 
ATOM   1077 N N   . GLY A 1 160 ? 7.096   -13.528 -9.547  1.00 15.48 ? 160  GLY A N   1 
ATOM   1078 C CA  . GLY A 1 160 ? 5.773   -12.898 -9.452  1.00 14.20 ? 160  GLY A CA  1 
ATOM   1079 C C   . GLY A 1 160 ? 5.765   -11.741 -8.458  1.00 13.36 ? 160  GLY A C   1 
ATOM   1080 O O   . GLY A 1 160 ? 5.919   -11.965 -7.248  1.00 13.36 ? 160  GLY A O   1 
ATOM   1081 N N   . ASP A 1 161 ? 5.590   -10.512 -8.965  1.00 11.90 ? 161  ASP A N   1 
ATOM   1082 C CA  . ASP A 1 161 ? 5.488   -9.321  -8.123  1.00 11.19 ? 161  ASP A CA  1 
ATOM   1083 C C   . ASP A 1 161 ? 4.175   -9.301  -7.365  1.00 11.02 ? 161  ASP A C   1 
ATOM   1084 O O   . ASP A 1 161 ? 3.204   -9.971  -7.751  1.00 10.78 ? 161  ASP A O   1 
ATOM   1085 C CB  . ASP A 1 161 ? 5.598   -8.034  -8.952  1.00 10.97 ? 161  ASP A CB  1 
ATOM   1086 C CG  . ASP A 1 161 ? 6.937   -7.895  -9.645  1.00 10.87 ? 161  ASP A CG  1 
ATOM   1087 O OD1 . ASP A 1 161 ? 7.970   -8.228  -9.022  1.00 10.70 ? 161  ASP A OD1 1 
ATOM   1088 O OD2 . ASP A 1 161 ? 6.960   -7.451  -10.816 1.00 10.74 ? 161  ASP A OD2 1 
ATOM   1089 N N   . LYS A 1 162 ? 4.137   -8.521  -6.285  1.00 10.75 ? 162  LYS A N   1 
ATOM   1090 C CA  . LYS A 1 162 ? 2.961   -8.500  -5.428  1.00 10.65 ? 162  LYS A CA  1 
ATOM   1091 C C   . LYS A 1 162 ? 2.717   -7.135  -4.824  1.00 10.50 ? 162  LYS A C   1 
ATOM   1092 O O   . LYS A 1 162 ? 3.663   -6.416  -4.484  1.00 10.51 ? 162  LYS A O   1 
ATOM   1093 C CB  . LYS A 1 162 ? 3.091   -9.551  -4.317  1.00 10.79 ? 162  LYS A CB  1 
ATOM   1094 C CG  . LYS A 1 162 ? 3.218   -10.976 -4.859  1.00 10.99 ? 162  LYS A CG  1 
ATOM   1095 C CD  . LYS A 1 162 ? 3.315   -12.020 -3.761  1.00 11.10 ? 162  LYS A CD  1 
ATOM   1096 C CE  . LYS A 1 162 ? 4.705   -12.054 -3.157  1.00 11.09 ? 162  LYS A CE  1 
ATOM   1097 N NZ  . LYS A 1 162 ? 4.666   -12.831 -1.883  1.00 11.22 ? 162  LYS A NZ  1 
ATOM   1098 N N   . ILE A 1 163 ? 1.437   -6.782  -4.708  1.00 10.10 ? 163  ILE A N   1 
ATOM   1099 C CA  . ILE A 1 163 ? 1.031   -5.543  -4.060  1.00 9.92  ? 163  ILE A CA  1 
ATOM   1100 C C   . ILE A 1 163 ? -0.063  -5.907  -3.072  1.00 9.73  ? 163  ILE A C   1 
ATOM   1101 O O   . ILE A 1 163 ? -1.015  -6.617  -3.421  1.00 9.93  ? 163  ILE A O   1 
ATOM   1102 C CB  . ILE A 1 163 ? 0.529   -4.468  -5.069  1.00 9.84  ? 163  ILE A CB  1 
ATOM   1103 C CG1 . ILE A 1 163 ? 1.489   -4.337  -6.255  1.00 9.86  ? 163  ILE A CG1 1 
ATOM   1104 C CG2 . ILE A 1 163 ? 0.405   -3.110  -4.392  1.00 9.74  ? 163  ILE A CG2 1 
ATOM   1105 C CD1 . ILE A 1 163 ? 0.959   -3.487  -7.392  1.00 9.91  ? 163  ILE A CD1 1 
ATOM   1106 N N   . ALA A 1 164 ? 0.080   -5.448  -1.833  1.00 9.29  ? 164  ALA A N   1 
ATOM   1107 C CA  . ALA A 1 164 ? -0.931  -5.697  -0.834  1.00 8.92  ? 164  ALA A CA  1 
ATOM   1108 C C   . ALA A 1 164 ? -1.316  -4.424  -0.124  1.00 8.75  ? 164  ALA A C   1 
ATOM   1109 O O   . ALA A 1 164 ? -0.449  -3.610  0.208   1.00 8.66  ? 164  ALA A O   1 
ATOM   1110 C CB  . ALA A 1 164 ? -0.452  -6.722  0.163   1.00 8.89  ? 164  ALA A CB  1 
ATOM   1111 N N   . ILE A 1 165 ? -2.622  -4.237  0.078   1.00 8.66  ? 165  ILE A N   1 
ATOM   1112 C CA  . ILE A 1 165 ? -3.093  -3.268  1.075   1.00 8.67  ? 165  ILE A CA  1 
ATOM   1113 C C   . ILE A 1 165 ? -3.393  -4.015  2.362   1.00 8.51  ? 165  ILE A C   1 
ATOM   1114 O O   . ILE A 1 165 ? -4.126  -4.991  2.367   1.00 8.44  ? 165  ILE A O   1 
ATOM   1115 C CB  . ILE A 1 165 ? -4.315  -2.435  0.620   1.00 8.69  ? 165  ILE A CB  1 
ATOM   1116 C CG1 . ILE A 1 165 ? -3.948  -1.613  -0.618  1.00 8.69  ? 165  ILE A CG1 1 
ATOM   1117 C CG2 . ILE A 1 165 ? -4.746  -1.482  1.731   1.00 8.62  ? 165  ILE A CG2 1 
ATOM   1118 C CD1 . ILE A 1 165 ? -4.925  -0.481  -0.918  1.00 8.75  ? 165  ILE A CD1 1 
ATOM   1119 N N   . TRP A 1 166 ? -2.778  -3.537  3.436   1.00 8.66  ? 166  TRP A N   1 
ATOM   1120 C CA  . TRP A 1 166 ? -2.884  -4.112  4.770   1.00 8.75  ? 166  TRP A CA  1 
ATOM   1121 C C   . TRP A 1 166 ? -3.945  -3.374  5.579   1.00 9.04  ? 166  TRP A C   1 
ATOM   1122 O O   . TRP A 1 166 ? -3.985  -2.149  5.558   1.00 9.14  ? 166  TRP A O   1 
ATOM   1123 C CB  . TRP A 1 166 ? -1.546  -3.954  5.487   1.00 8.52  ? 166  TRP A CB  1 
ATOM   1124 C CG  . TRP A 1 166 ? -0.472  -4.880  5.009   1.00 8.23  ? 166  TRP A CG  1 
ATOM   1125 C CD1 . TRP A 1 166 ? -0.299  -5.374  3.739   1.00 8.02  ? 166  TRP A CD1 1 
ATOM   1126 C CD2 . TRP A 1 166 ? 0.597   -5.401  5.797   1.00 8.01  ? 166  TRP A CD2 1 
ATOM   1127 N NE1 . TRP A 1 166 ? 0.807   -6.175  3.702   1.00 7.91  ? 166  TRP A NE1 1 
ATOM   1128 C CE2 . TRP A 1 166 ? 1.380   -6.211  4.949   1.00 7.98  ? 166  TRP A CE2 1 
ATOM   1129 C CE3 . TRP A 1 166 ? 0.960   -5.278  7.149   1.00 8.02  ? 166  TRP A CE3 1 
ATOM   1130 C CZ2 . TRP A 1 166 ? 2.512   -6.907  5.410   1.00 7.93  ? 166  TRP A CZ2 1 
ATOM   1131 C CZ3 . TRP A 1 166 ? 2.101   -5.946  7.605   1.00 7.97  ? 166  TRP A CZ3 1 
ATOM   1132 C CH2 . TRP A 1 166 ? 2.858   -6.756  6.731   1.00 8.00  ? 166  TRP A CH2 1 
ATOM   1133 N N   . THR A 1 167 ? -4.791  -4.126  6.283   1.00 9.45  ? 167  THR A N   1 
ATOM   1134 C CA  . THR A 1 167 ? -5.852  -3.559  7.138   1.00 9.77  ? 167  THR A CA  1 
ATOM   1135 C C   . THR A 1 167 ? -5.704  -4.114  8.577   1.00 10.28 ? 167  THR A C   1 
ATOM   1136 O O   . THR A 1 167 ? -4.980  -5.094  8.796   1.00 10.44 ? 167  THR A O   1 
ATOM   1137 C CB  . THR A 1 167 ? -7.275  -3.822  6.556   1.00 9.57  ? 167  THR A CB  1 
ATOM   1138 O OG1 . THR A 1 167 ? -7.733  -5.119  6.932   1.00 9.45  ? 167  THR A OG1 1 
ATOM   1139 C CG2 . THR A 1 167 ? -7.298  -3.727  5.024   1.00 9.55  ? 167  THR A CG2 1 
ATOM   1140 N N   . THR A 1 168 ? -6.394  -3.505  9.539   1.00 10.91 ? 168  THR A N   1 
ATOM   1141 C CA  . THR A 1 168 ? -6.055  -3.665  10.966  1.00 11.84 ? 168  THR A CA  1 
ATOM   1142 C C   . THR A 1 168 ? -6.677  -4.850  11.731  1.00 12.58 ? 168  THR A C   1 
ATOM   1143 O O   . THR A 1 168 ? -6.119  -5.309  12.717  1.00 12.43 ? 168  THR A O   1 
ATOM   1144 C CB  . THR A 1 168 ? -6.349  -2.360  11.755  1.00 11.87 ? 168  THR A CB  1 
ATOM   1145 O OG1 . THR A 1 168 ? -5.555  -2.332  12.945  1.00 11.70 ? 168  THR A OG1 1 
ATOM   1146 C CG2 . THR A 1 168 ? -7.840  -2.223  12.118  1.00 11.91 ? 168  THR A CG2 1 
ATOM   1147 N N   . GLU A 1 169 ? -7.826  -5.324  11.276  1.00 14.32 ? 169  GLU A N   1 
ATOM   1148 C CA  . GLU A 1 169 ? -8.595  -6.341  11.977  1.00 15.70 ? 169  GLU A CA  1 
ATOM   1149 C C   . GLU A 1 169 ? -9.248  -7.237  10.943  1.00 17.18 ? 169  GLU A C   1 
ATOM   1150 O O   . GLU A 1 169 ? -9.978  -6.748  10.096  1.00 18.27 ? 169  GLU A O   1 
ATOM   1151 C CB  . GLU A 1 169 ? -9.667  -5.647  12.816  1.00 16.01 ? 169  GLU A CB  1 
ATOM   1152 C CG  . GLU A 1 169 ? -10.658 -6.563  13.508  1.00 16.20 ? 169  GLU A CG  1 
ATOM   1153 C CD  . GLU A 1 169 ? -9.981  -7.584  14.395  1.00 16.52 ? 169  GLU A CD  1 
ATOM   1154 O OE1 . GLU A 1 169 ? -9.475  -7.189  15.472  1.00 17.12 ? 169  GLU A OE1 1 
ATOM   1155 O OE2 . GLU A 1 169 ? -9.954  -8.777  14.011  1.00 16.24 ? 169  GLU A OE2 1 
ATOM   1156 N N   . CYS A 1 170 ? -8.988  -8.537  11.002  1.00 19.04 ? 170  CYS A N   1 
ATOM   1157 C CA  . CYS A 1 170 ? -9.425  -9.435  9.939   1.00 20.82 ? 170  CYS A CA  1 
ATOM   1158 C C   . CYS A 1 170 ? -10.844 -9.968  10.153  1.00 22.58 ? 170  CYS A C   1 
ATOM   1159 O O   . CYS A 1 170 ? -11.380 -10.660 9.280   1.00 22.71 ? 170  CYS A O   1 
ATOM   1160 C CB  . CYS A 1 170 ? -8.417  -10.578 9.741   1.00 21.05 ? 170  CYS A CB  1 
ATOM   1161 S SG  . CYS A 1 170 ? -8.313  -11.776 11.092  1.00 22.11 ? 170  CYS A SG  1 
ATOM   1162 N N   . GLU A 1 171 ? -11.447 -9.625  11.293  1.00 24.46 ? 171  GLU A N   1 
ATOM   1163 C CA  . GLU A 1 171 ? -12.803 -10.056 11.643  1.00 26.42 ? 171  GLU A CA  1 
ATOM   1164 C C   . GLU A 1 171 ? -13.866 -9.008  11.290  1.00 27.48 ? 171  GLU A C   1 
ATOM   1165 O O   . GLU A 1 171 ? -15.056 -9.321  11.252  1.00 27.25 ? 171  GLU A O   1 
ATOM   1166 C CB  . GLU A 1 171 ? -12.902 -10.358 13.142  1.00 27.98 ? 171  GLU A CB  1 
ATOM   1167 C CG  . GLU A 1 171 ? -11.750 -11.158 13.737  1.00 28.92 ? 171  GLU A CG  1 
ATOM   1168 C CD  . GLU A 1 171 ? -11.916 -12.661 13.627  1.00 31.08 ? 171  GLU A CD  1 
ATOM   1169 O OE1 . GLU A 1 171 ? -12.497 -13.151 12.616  1.00 31.71 ? 171  GLU A OE1 1 
ATOM   1170 O OE2 . GLU A 1 171 ? -11.436 -13.349 14.563  1.00 31.55 ? 171  GLU A OE2 1 
ATOM   1171 N N   . ASN A 1 172 ? -13.444 -7.761  11.066  1.00 28.50 ? 172  ASN A N   1 
ATOM   1172 C CA  . ASN A 1 172 ? -14.350 -6.701  10.599  1.00 28.39 ? 172  ASN A CA  1 
ATOM   1173 C C   . ASN A 1 172 ? -14.830 -6.993  9.185   1.00 26.81 ? 172  ASN A C   1 
ATOM   1174 O O   . ASN A 1 172 ? -14.316 -6.439  8.215   1.00 26.30 ? 172  ASN A O   1 
ATOM   1175 C CB  . ASN A 1 172 ? -13.654 -5.329  10.635  1.00 29.26 ? 172  ASN A CB  1 
ATOM   1176 C CG  . ASN A 1 172 ? -13.427 -4.822  12.047  1.00 30.35 ? 172  ASN A CG  1 
ATOM   1177 O OD1 . ASN A 1 172 ? -14.131 -5.216  12.986  1.00 31.95 ? 172  ASN A OD1 1 
ATOM   1178 N ND2 . ASN A 1 172 ? -12.437 -3.938  12.211  1.00 29.98 ? 172  ASN A ND2 1 
ATOM   1179 N N   . ARG A 1 173 ? -15.815 -7.871  9.071   1.00 26.02 ? 173  ARG A N   1 
ATOM   1180 C CA  . ARG A 1 173 ? -16.264 -8.333  7.764   1.00 26.07 ? 173  ARG A CA  1 
ATOM   1181 C C   . ARG A 1 173 ? -16.669 -7.162  6.851   1.00 25.29 ? 173  ARG A C   1 
ATOM   1182 O O   . ARG A 1 173 ? -16.271 -7.105  5.681   1.00 24.25 ? 173  ARG A O   1 
ATOM   1183 C CB  . ARG A 1 173 ? -17.413 -9.339  7.911   1.00 26.84 ? 173  ARG A CB  1 
ATOM   1184 C CG  . ARG A 1 173 ? -17.704 -10.099 6.625   1.00 28.93 ? 173  ARG A CG  1 
ATOM   1185 C CD  . ARG A 1 173 ? -18.593 -11.319 6.846   1.00 30.70 ? 173  ARG A CD  1 
ATOM   1186 N NE  . ARG A 1 173 ? -18.579 -12.255 5.714   1.00 32.01 ? 173  ARG A NE  1 
ATOM   1187 C CZ  . ARG A 1 173 ? -19.135 -12.023 4.517   1.00 33.23 ? 173  ARG A CZ  1 
ATOM   1188 N NH1 . ARG A 1 173 ? -19.757 -10.874 4.255   1.00 33.08 ? 173  ARG A NH1 1 
ATOM   1189 N NH2 . ARG A 1 173 ? -19.061 -12.950 3.562   1.00 32.99 ? 173  ARG A NH2 1 
ATOM   1190 N N   . GLU A 1 174 ? -17.437 -6.225  7.408   1.00 24.63 ? 174  GLU A N   1 
ATOM   1191 C CA  . GLU A 1 174 ? -17.959 -5.084  6.657   1.00 23.82 ? 174  GLU A CA  1 
ATOM   1192 C C   . GLU A 1 174 ? -16.832 -4.164  6.172   1.00 22.11 ? 174  GLU A C   1 
ATOM   1193 O O   . GLU A 1 174 ? -16.733 -3.867  4.990   1.00 22.14 ? 174  GLU A O   1 
ATOM   1194 C CB  . GLU A 1 174 ? -18.956 -4.286  7.509   1.00 25.09 ? 174  GLU A CB  1 
ATOM   1195 C CG  . GLU A 1 174 ? -20.213 -5.056  7.911   1.00 26.65 ? 174  GLU A CG  1 
ATOM   1196 C CD  . GLU A 1 174 ? -20.110 -5.718  9.288   1.00 28.25 ? 174  GLU A CD  1 
ATOM   1197 O OE1 . GLU A 1 174 ? -20.085 -4.973  10.303  1.00 29.38 ? 174  GLU A OE1 1 
ATOM   1198 O OE2 . GLU A 1 174 ? -20.050 -6.976  9.355   1.00 27.95 ? 174  GLU A OE2 1 
ATOM   1199 N N   . ALA A 1 175 ? -15.986 -3.719  7.092   1.00 20.44 ? 175  ALA A N   1 
ATOM   1200 C CA  . ALA A 1 175 ? -14.823 -2.884  6.753   1.00 19.41 ? 175  ALA A CA  1 
ATOM   1201 C C   . ALA A 1 175 ? -13.889 -3.518  5.701   1.00 18.49 ? 175  ALA A C   1 
ATOM   1202 O O   . ALA A 1 175 ? -13.469 -2.857  4.739   1.00 17.98 ? 175  ALA A O   1 
ATOM   1203 C CB  . ALA A 1 175 ? -14.033 -2.571  8.021   1.00 19.16 ? 175  ALA A CB  1 
ATOM   1204 N N   . VAL A 1 176 ? -13.558 -4.791  5.914   1.00 17.62 ? 176  VAL A N   1 
ATOM   1205 C CA  . VAL A 1 176 ? -12.614 -5.531  5.059   1.00 17.04 ? 176  VAL A CA  1 
ATOM   1206 C C   . VAL A 1 176 ? -13.169 -5.707  3.646   1.00 15.91 ? 176  VAL A C   1 
ATOM   1207 O O   . VAL A 1 176 ? -12.468 -5.512  2.669   1.00 15.82 ? 176  VAL A O   1 
ATOM   1208 C CB  . VAL A 1 176 ? -12.267 -6.911  5.671   1.00 16.93 ? 176  VAL A CB  1 
ATOM   1209 C CG1 . VAL A 1 176 ? -11.527 -7.788  4.667   1.00 16.92 ? 176  VAL A CG1 1 
ATOM   1210 C CG2 . VAL A 1 176 ? -11.439 -6.728  6.935   1.00 16.74 ? 176  VAL A CG2 1 
ATOM   1211 N N   . THR A 1 177 ? -14.436 -6.076  3.565   1.00 14.94 ? 177  THR A N   1 
ATOM   1212 C CA  . THR A 1 177 ? -15.152 -6.183  2.299   1.00 14.23 ? 177  THR A CA  1 
ATOM   1213 C C   . THR A 1 177 ? -15.165 -4.902  1.473   1.00 13.49 ? 177  THR A C   1 
ATOM   1214 O O   . THR A 1 177 ? -14.861 -4.948  0.294   1.00 13.50 ? 177  THR A O   1 
ATOM   1215 C CB  . THR A 1 177 ? -16.603 -6.569  2.586   1.00 14.24 ? 177  THR A CB  1 
ATOM   1216 O OG1 . THR A 1 177 ? -16.589 -7.802  3.308   1.00 14.06 ? 177  THR A OG1 1 
ATOM   1217 C CG2 . THR A 1 177 ? -17.423 -6.703  1.290   1.00 14.27 ? 177  THR A CG2 1 
ATOM   1218 N N   . HIS A 1 178 ? -15.550 -3.782  2.095   1.00 12.60 ? 178  HIS A N   1 
ATOM   1219 C CA  . HIS A 1 178 ? -15.665 -2.475  1.425   1.00 11.86 ? 178  HIS A CA  1 
ATOM   1220 C C   . HIS A 1 178 ? -14.311 -2.055  0.867   1.00 11.82 ? 178  HIS A C   1 
ATOM   1221 O O   . HIS A 1 178 ? -14.213 -1.631  -0.281  1.00 12.08 ? 178  HIS A O   1 
ATOM   1222 C CB  . HIS A 1 178 ? -16.210 -1.422  2.407   1.00 11.62 ? 178  HIS A CB  1 
ATOM   1223 C CG  . HIS A 1 178 ? -16.446 -0.065  1.801   1.00 11.56 ? 178  HIS A CG  1 
ATOM   1224 N ND1 . HIS A 1 178 ? -17.614 0.271   1.145   1.00 11.61 ? 178  HIS A ND1 1 
ATOM   1225 C CD2 . HIS A 1 178 ? -15.680 1.051   1.784   1.00 11.21 ? 178  HIS A CD2 1 
ATOM   1226 C CE1 . HIS A 1 178 ? -17.544 1.524   0.733   1.00 11.15 ? 178  HIS A CE1 1 
ATOM   1227 N NE2 . HIS A 1 178 ? -16.385 2.022   1.116   1.00 10.95 ? 178  HIS A NE2 1 
ATOM   1228 N N   . ILE A 1 179 ? -13.264 -2.201  1.672   1.00 11.75 ? 179  ILE A N   1 
ATOM   1229 C CA  . ILE A 1 179 ? -11.900 -1.863  1.246   1.00 11.67 ? 179  ILE A CA  1 
ATOM   1230 C C   . ILE A 1 179 ? -11.483 -2.629  -0.019  1.00 11.43 ? 179  ILE A C   1 
ATOM   1231 O O   . ILE A 1 179 ? -10.908 -2.065  -0.955  1.00 11.09 ? 179  ILE A O   1 
ATOM   1232 C CB  . ILE A 1 179 ? -10.886 -2.126  2.383   1.00 11.63 ? 179  ILE A CB  1 
ATOM   1233 C CG1 . ILE A 1 179 ? -11.042 -1.054  3.478   1.00 11.64 ? 179  ILE A CG1 1 
ATOM   1234 C CG2 . ILE A 1 179 ? -9.462  -2.124  1.846   1.00 11.65 ? 179  ILE A CG2 1 
ATOM   1235 C CD1 . ILE A 1 179 ? -10.464 -1.426  4.835   1.00 11.55 ? 179  ILE A CD1 1 
ATOM   1236 N N   . GLY A 1 180 ? -11.792 -3.914  -0.036  1.00 11.40 ? 180  GLY A N   1 
ATOM   1237 C CA  . GLY A 1 180 ? -11.499 -4.750  -1.179  1.00 11.52 ? 180  GLY A CA  1 
ATOM   1238 C C   . GLY A 1 180 ? -12.158 -4.246  -2.436  1.00 11.68 ? 180  GLY A C   1 
ATOM   1239 O O   . GLY A 1 180 ? -11.507 -4.150  -3.487  1.00 11.50 ? 180  GLY A O   1 
ATOM   1240 N N   . ARG A 1 181 ? -13.443 -3.918  -2.324  1.00 12.13 ? 181  ARG A N   1 
ATOM   1241 C CA  . ARG A 1 181 ? -14.249 -3.521  -3.486  1.00 12.73 ? 181  ARG A CA  1 
ATOM   1242 C C   . ARG A 1 181 ? -13.814 -2.171  -4.042  1.00 12.51 ? 181  ARG A C   1 
ATOM   1243 O O   . ARG A 1 181 ? -13.653 -2.030  -5.251  1.00 12.46 ? 181  ARG A O   1 
ATOM   1244 C CB  . ARG A 1 181 ? -15.732 -3.542  -3.143  1.00 13.48 ? 181  ARG A CB  1 
ATOM   1245 C CG  . ARG A 1 181 ? -16.142 -4.931  -2.683  1.00 14.27 ? 181  ARG A CG  1 
ATOM   1246 C CD  . ARG A 1 181 ? -17.636 -5.159  -2.610  1.00 15.31 ? 181  ARG A CD  1 
ATOM   1247 N NE  . ARG A 1 181 ? -17.935 -6.513  -3.086  1.00 16.70 ? 181  ARG A NE  1 
ATOM   1248 C CZ  . ARG A 1 181 ? -19.019 -7.218  -2.768  1.00 17.89 ? 181  ARG A CZ  1 
ATOM   1249 N NH1 . ARG A 1 181 ? -19.943 -6.708  -1.951  1.00 19.42 ? 181  ARG A NH1 1 
ATOM   1250 N NH2 . ARG A 1 181 ? -19.177 -8.445  -3.260  1.00 17.49 ? 181  ARG A NH2 1 
ATOM   1251 N N   . VAL A 1 182 ? -13.567 -1.217  -3.140  1.00 12.28 ? 182  VAL A N   1 
ATOM   1252 C CA  . VAL A 1 182 ? -12.966 0.078   -3.471  1.00 12.11 ? 182  VAL A CA  1 
ATOM   1253 C C   . VAL A 1 182 ? -11.665 -0.071  -4.245  1.00 12.34 ? 182  VAL A C   1 
ATOM   1254 O O   . VAL A 1 182 ? -11.423 0.635   -5.220  1.00 12.34 ? 182  VAL A O   1 
ATOM   1255 C CB  . VAL A 1 182 ? -12.658 0.870   -2.179  1.00 12.07 ? 182  VAL A CB  1 
ATOM   1256 C CG1 . VAL A 1 182 ? -11.767 2.080   -2.462  1.00 11.87 ? 182  VAL A CG1 1 
ATOM   1257 C CG2 . VAL A 1 182 ? -13.949 1.317   -1.498  1.00 12.01 ? 182  VAL A CG2 1 
ATOM   1258 N N   . TYR A 1 183 ? -10.832 -1.000  -3.787  1.00 13.05 ? 183  TYR A N   1 
ATOM   1259 C CA  . TYR A 1 183 ? -9.477  -1.183  -4.289  1.00 13.26 ? 183  TYR A CA  1 
ATOM   1260 C C   . TYR A 1 183 ? -9.493  -1.797  -5.692  1.00 14.36 ? 183  TYR A C   1 
ATOM   1261 O O   . TYR A 1 183 ? -8.770  -1.347  -6.573  1.00 14.26 ? 183  TYR A O   1 
ATOM   1262 C CB  . TYR A 1 183 ? -8.691  -2.060  -3.292  1.00 12.75 ? 183  TYR A CB  1 
ATOM   1263 C CG  . TYR A 1 183 ? -7.209  -2.242  -3.573  1.00 12.29 ? 183  TYR A CG  1 
ATOM   1264 C CD1 . TYR A 1 183 ? -6.430  -1.191  -4.033  1.00 12.25 ? 183  TYR A CD1 1 
ATOM   1265 C CD2 . TYR A 1 183 ? -6.584  -3.451  -3.345  1.00 11.95 ? 183  TYR A CD2 1 
ATOM   1266 C CE1 . TYR A 1 183 ? -5.080  -1.342  -4.285  1.00 12.02 ? 183  TYR A CE1 1 
ATOM   1267 C CE2 . TYR A 1 183 ? -5.229  -3.611  -3.592  1.00 11.95 ? 183  TYR A CE2 1 
ATOM   1268 C CZ  . TYR A 1 183 ? -4.478  -2.544  -4.059  1.00 11.91 ? 183  TYR A CZ  1 
ATOM   1269 O OH  . TYR A 1 183 ? -3.123  -2.664  -4.315  1.00 11.86 ? 183  TYR A OH  1 
ATOM   1270 N N   . LYS A 1 184 ? -10.340 -2.806  -5.893  1.00 15.74 ? 184  LYS A N   1 
ATOM   1271 C CA  . LYS A 1 184 ? -10.464 -3.475  -7.189  1.00 16.90 ? 184  LYS A CA  1 
ATOM   1272 C C   . LYS A 1 184 ? -10.983 -2.504  -8.208  1.00 17.93 ? 184  LYS A C   1 
ATOM   1273 O O   . LYS A 1 184 ? -10.463 -2.402  -9.315  1.00 18.45 ? 184  LYS A O   1 
ATOM   1274 C CB  . LYS A 1 184 ? -11.436 -4.654  -7.088  1.00 17.05 ? 184  LYS A CB  1 
ATOM   1275 C CG  . LYS A 1 184 ? -11.533 -5.492  -8.349  1.00 17.03 ? 184  LYS A CG  1 
ATOM   1276 C CD  . LYS A 1 184 ? -12.425 -6.706  -8.137  1.00 17.31 ? 184  LYS A CD  1 
ATOM   1277 C CE  . LYS A 1 184 ? -13.097 -7.167  -9.430  1.00 17.25 ? 184  LYS A CE  1 
ATOM   1278 N NZ  . LYS A 1 184 ? -13.617 -8.559  -9.321  1.00 16.83 ? 184  LYS A NZ  1 
ATOM   1279 N N   . GLU A 1 185 ? -12.037 -1.803  -7.816  1.00 19.44 ? 185  GLU A N   1 
ATOM   1280 C CA  . GLU A 1 185 ? -12.651 -0.773  -8.637  1.00 20.72 ? 185  GLU A CA  1 
ATOM   1281 C C   . GLU A 1 185 ? -11.598 0.249   -9.116  1.00 19.82 ? 185  GLU A C   1 
ATOM   1282 O O   . GLU A 1 185 ? -11.502 0.537   -10.312 1.00 18.86 ? 185  GLU A O   1 
ATOM   1283 C CB  . GLU A 1 185 ? -13.743 -0.081  -7.811  1.00 22.72 ? 185  GLU A CB  1 
ATOM   1284 C CG  . GLU A 1 185 ? -14.617 0.905   -8.574  1.00 25.61 ? 185  GLU A CG  1 
ATOM   1285 C CD  . GLU A 1 185 ? -15.662 0.209   -9.410  1.00 28.42 ? 185  GLU A CD  1 
ATOM   1286 O OE1 . GLU A 1 185 ? -15.622 -1.046  -9.494  1.00 32.21 ? 185  GLU A OE1 1 
ATOM   1287 O OE2 . GLU A 1 185 ? -16.523 0.912   -9.986  1.00 30.68 ? 185  GLU A OE2 1 
ATOM   1288 N N   . ARG A 1 186 ? -10.815 0.771   -8.163  1.00 19.24 ? 186  ARG A N   1 
ATOM   1289 C CA  . ARG A 1 186 ? -9.788  1.794   -8.419  1.00 18.11 ? 186  ARG A CA  1 
ATOM   1290 C C   . ARG A 1 186 ? -8.616  1.305   -9.241  1.00 17.88 ? 186  ARG A C   1 
ATOM   1291 O O   . ARG A 1 186 ? -8.096  2.047   -10.062 1.00 19.01 ? 186  ARG A O   1 
ATOM   1292 C CB  . ARG A 1 186 ? -9.266  2.353   -7.097  1.00 18.20 ? 186  ARG A CB  1 
ATOM   1293 C CG  . ARG A 1 186 ? -10.140 3.445   -6.504  1.00 18.11 ? 186  ARG A CG  1 
ATOM   1294 C CD  . ARG A 1 186 ? -9.963  4.778   -7.225  1.00 18.17 ? 186  ARG A CD  1 
ATOM   1295 N NE  . ARG A 1 186 ? -9.886  5.822   -6.206  1.00 18.41 ? 186  ARG A NE  1 
ATOM   1296 C CZ  . ARG A 1 186 ? -8.838  6.597   -5.942  1.00 17.59 ? 186  ARG A CZ  1 
ATOM   1297 N NH1 . ARG A 1 186 ? -7.720  6.542   -6.658  1.00 17.36 ? 186  ARG A NH1 1 
ATOM   1298 N NH2 . ARG A 1 186 ? -8.931  7.465   -4.946  1.00 17.63 ? 186  ARG A NH2 1 
ATOM   1299 N N   . LEU A 1 187 ? -8.166  0.079   -8.999  1.00 17.58 ? 187  LEU A N   1 
ATOM   1300 C CA  . LEU A 1 187 ? -7.159  -0.551  -9.858  1.00 17.78 ? 187  LEU A CA  1 
ATOM   1301 C C   . LEU A 1 187 ? -7.749  -0.917  -11.237 1.00 18.51 ? 187  LEU A C   1 
ATOM   1302 O O   . LEU A 1 187 ? -7.016  -1.139  -12.206 1.00 18.64 ? 187  LEU A O   1 
ATOM   1303 C CB  . LEU A 1 187 ? -6.560  -1.796  -9.187  1.00 17.19 ? 187  LEU A CB  1 
ATOM   1304 C CG  . LEU A 1 187 ? -5.665  -1.622  -7.956  1.00 16.65 ? 187  LEU A CG  1 
ATOM   1305 C CD1 . LEU A 1 187 ? -5.026  -2.951  -7.601  1.00 16.71 ? 187  LEU A CD1 1 
ATOM   1306 C CD2 . LEU A 1 187 ? -4.580  -0.579  -8.156  1.00 16.52 ? 187  LEU A CD2 1 
ATOM   1307 N N   . GLY A 1 188 ? -9.075  -0.982  -11.318 1.00 19.33 ? 188  GLY A N   1 
ATOM   1308 C CA  . GLY A 1 188 ? -9.775  -1.119  -12.599 1.00 19.98 ? 188  GLY A CA  1 
ATOM   1309 C C   . GLY A 1 188 ? -9.958  -2.557  -13.059 1.00 20.54 ? 188  GLY A C   1 
ATOM   1310 O O   . GLY A 1 188 ? -10.223 -2.805  -14.234 1.00 21.08 ? 188  GLY A O   1 
ATOM   1311 N N   . LEU A 1 189 ? -9.841  -3.505  -12.138 1.00 20.45 ? 189  LEU A N   1 
ATOM   1312 C CA  . LEU A 1 189 ? -10.005 -4.908  -12.484 1.00 20.75 ? 189  LEU A CA  1 
ATOM   1313 C C   . LEU A 1 189 ? -11.476 -5.217  -12.840 1.00 21.34 ? 189  LEU A C   1 
ATOM   1314 O O   . LEU A 1 189 ? -12.397 -4.630  -12.260 1.00 20.92 ? 189  LEU A O   1 
ATOM   1315 C CB  . LEU A 1 189 ? -9.518  -5.792  -11.330 1.00 20.31 ? 189  LEU A CB  1 
ATOM   1316 C CG  . LEU A 1 189 ? -8.043  -5.629  -10.927 1.00 20.23 ? 189  LEU A CG  1 
ATOM   1317 C CD1 . LEU A 1 189 ? -7.729  -6.385  -9.647  1.00 19.99 ? 189  LEU A CD1 1 
ATOM   1318 C CD2 . LEU A 1 189 ? -7.107  -6.076  -12.042 1.00 20.45 ? 189  LEU A CD2 1 
ATOM   1319 N N   . PRO A 1 190 ? -11.698 -6.118  -13.819 1.00 22.48 ? 190  PRO A N   1 
ATOM   1320 C CA  . PRO A 1 190 ? -13.061 -6.572  -14.130 1.00 24.12 ? 190  PRO A CA  1 
ATOM   1321 C C   . PRO A 1 190 ? -13.576 -7.640  -13.132 1.00 25.64 ? 190  PRO A C   1 
ATOM   1322 O O   . PRO A 1 190 ? -12.762 -8.220  -12.391 1.00 26.10 ? 190  PRO A O   1 
ATOM   1323 C CB  . PRO A 1 190 ? -12.931 -7.150  -15.548 1.00 23.99 ? 190  PRO A CB  1 
ATOM   1324 C CG  . PRO A 1 190 ? -11.493 -7.469  -15.729 1.00 23.08 ? 190  PRO A CG  1 
ATOM   1325 C CD  . PRO A 1 190 ? -10.711 -6.582  -14.810 1.00 22.82 ? 190  PRO A CD  1 
ATOM   1326 N N   . PRO A 1 191 ? -14.910 -7.883  -13.100 1.00 25.37 ? 191  PRO A N   1 
ATOM   1327 C CA  . PRO A 1 191 ? -15.504 -8.921  -12.249 1.00 25.76 ? 191  PRO A CA  1 
ATOM   1328 C C   . PRO A 1 191 ? -14.812 -10.283 -12.402 1.00 26.89 ? 191  PRO A C   1 
ATOM   1329 O O   . PRO A 1 191 ? -14.540 -10.955 -11.408 1.00 26.68 ? 191  PRO A O   1 
ATOM   1330 C CB  . PRO A 1 191 ? -16.960 -8.980  -12.737 1.00 25.45 ? 191  PRO A CB  1 
ATOM   1331 C CG  . PRO A 1 191 ? -17.239 -7.598  -13.216 1.00 25.12 ? 191  PRO A CG  1 
ATOM   1332 C CD  . PRO A 1 191 ? -15.947 -7.133  -13.838 1.00 25.43 ? 191  PRO A CD  1 
ATOM   1333 N N   . LYS A 1 192 ? -14.539 -10.670 -13.646 1.00 28.40 ? 192  LYS A N   1 
ATOM   1334 C CA  . LYS A 1 192 ? -13.715 -11.841 -13.968 1.00 30.61 ? 192  LYS A CA  1 
ATOM   1335 C C   . LYS A 1 192 ? -12.639 -12.108 -12.915 1.00 29.79 ? 192  LYS A C   1 
ATOM   1336 O O   . LYS A 1 192 ? -12.563 -13.202 -12.349 1.00 30.04 ? 192  LYS A O   1 
ATOM   1337 C CB  . LYS A 1 192 ? -13.035 -11.610 -15.322 1.00 32.96 ? 192  LYS A CB  1 
ATOM   1338 C CG  . LYS A 1 192 ? -11.971 -12.629 -15.730 1.00 35.58 ? 192  LYS A CG  1 
ATOM   1339 C CD  . LYS A 1 192 ? -10.838 -11.993 -16.544 1.00 36.63 ? 192  LYS A CD  1 
ATOM   1340 C CE  . LYS A 1 192 ? -11.359 -11.162 -17.712 1.00 38.13 ? 192  LYS A CE  1 
ATOM   1341 N NZ  . LYS A 1 192 ? -10.278 -10.800 -18.668 1.00 39.26 ? 192  LYS A NZ  1 
ATOM   1342 N N   . ILE A 1 193 ? -11.800 -11.101 -12.676 1.00 28.78 ? 193  ILE A N   1 
ATOM   1343 C CA  . ILE A 1 193 ? -10.690 -11.231 -11.747 1.00 26.65 ? 193  ILE A CA  1 
ATOM   1344 C C   . ILE A 1 193 ? -11.242 -11.237 -10.329 1.00 25.65 ? 193  ILE A C   1 
ATOM   1345 O O   . ILE A 1 193 ? -12.160 -10.474 -10.000 1.00 25.95 ? 193  ILE A O   1 
ATOM   1346 C CB  . ILE A 1 193 ? -9.668  -10.090 -11.876 1.00 26.47 ? 193  ILE A CB  1 
ATOM   1347 C CG1 . ILE A 1 193 ? -9.140  -9.980  -13.316 1.00 26.42 ? 193  ILE A CG1 1 
ATOM   1348 C CG2 . ILE A 1 193 ? -8.517  -10.298 -10.888 1.00 26.38 ? 193  ILE A CG2 1 
ATOM   1349 C CD1 . ILE A 1 193 ? -8.354  -11.185 -13.803 1.00 26.53 ? 193  ILE A CD1 1 
ATOM   1350 N N   . VAL A 1 194 ? -10.684 -12.121 -9.512  1.00 22.89 ? 194  VAL A N   1 
ATOM   1351 C CA  . VAL A 1 194 ? -11.030 -12.224 -8.123  1.00 21.28 ? 194  VAL A CA  1 
ATOM   1352 C C   . VAL A 1 194 ? -9.731  -12.056 -7.381  1.00 20.41 ? 194  VAL A C   1 
ATOM   1353 O O   . VAL A 1 194 ? -8.688  -12.560 -7.816  1.00 21.01 ? 194  VAL A O   1 
ATOM   1354 C CB  . VAL A 1 194 ? -11.680 -13.588 -7.817  1.00 22.06 ? 194  VAL A CB  1 
ATOM   1355 C CG1 . VAL A 1 194 ? -11.575 -13.945 -6.342  1.00 22.23 ? 194  VAL A CG1 1 
ATOM   1356 C CG2 . VAL A 1 194 ? -13.137 -13.584 -8.269  1.00 22.48 ? 194  VAL A CG2 1 
ATOM   1357 N N   . ILE A 1 195 ? -9.791  -11.332 -6.273  1.00 18.92 ? 195  ILE A N   1 
ATOM   1358 C CA  . ILE A 1 195 ? -8.611  -11.070 -5.458  1.00 17.66 ? 195  ILE A CA  1 
ATOM   1359 C C   . ILE A 1 195 ? -8.833  -11.631 -4.034  1.00 16.43 ? 195  ILE A C   1 
ATOM   1360 O O   . ILE A 1 195 ? -9.961  -11.730 -3.575  1.00 15.52 ? 195  ILE A O   1 
ATOM   1361 C CB  . ILE A 1 195 ? -8.267  -9.555  -5.452  1.00 17.26 ? 195  ILE A CB  1 
ATOM   1362 C CG1 . ILE A 1 195 ? -9.417  -8.724  -4.880  1.00 17.40 ? 195  ILE A CG1 1 
ATOM   1363 C CG2 . ILE A 1 195 ? -7.961  -9.080  -6.860  1.00 16.91 ? 195  ILE A CG2 1 
ATOM   1364 C CD1 . ILE A 1 195 ? -9.012  -7.304  -4.537  1.00 17.78 ? 195  ILE A CD1 1 
ATOM   1365 N N   . GLY A 1 196 ? -7.749  -11.993 -3.353  1.00 15.39 ? 196  GLY A N   1 
ATOM   1366 C CA  . GLY A 1 196 ? -7.828  -12.634 -2.046  1.00 14.66 ? 196  GLY A CA  1 
ATOM   1367 C C   . GLY A 1 196 ? -7.471  -11.706 -0.903  1.00 14.21 ? 196  GLY A C   1 
ATOM   1368 O O   . GLY A 1 196 ? -6.644  -10.803 -1.075  1.00 14.14 ? 196  GLY A O   1 
ATOM   1369 N N   . TYR A 1 197 ? -8.119  -11.916 0.249   1.00 13.45 ? 197  TYR A N   1 
ATOM   1370 C CA  . TYR A 1 197 ? -7.724  -11.301 1.520   1.00 13.09 ? 197  TYR A CA  1 
ATOM   1371 C C   . TYR A 1 197 ? -7.364  -12.424 2.460   1.00 13.44 ? 197  TYR A C   1 
ATOM   1372 O O   . TYR A 1 197 ? -8.108  -13.385 2.597   1.00 13.88 ? 197  TYR A O   1 
ATOM   1373 C CB  . TYR A 1 197 ? -8.872  -10.490 2.144   1.00 12.70 ? 197  TYR A CB  1 
ATOM   1374 C CG  . TYR A 1 197 ? -8.540  -9.803  3.476   1.00 11.86 ? 197  TYR A CG  1 
ATOM   1375 C CD1 . TYR A 1 197 ? -8.544  -10.503 4.664   1.00 11.56 ? 197  TYR A CD1 1 
ATOM   1376 C CD2 . TYR A 1 197 ? -8.256  -8.445  3.530   1.00 11.75 ? 197  TYR A CD2 1 
ATOM   1377 C CE1 . TYR A 1 197 ? -8.264  -9.884  5.871   1.00 11.45 ? 197  TYR A CE1 1 
ATOM   1378 C CE2 . TYR A 1 197 ? -7.971  -7.804  4.733   1.00 11.48 ? 197  TYR A CE2 1 
ATOM   1379 C CZ  . TYR A 1 197 ? -7.973  -8.528  5.907   1.00 11.24 ? 197  TYR A CZ  1 
ATOM   1380 O OH  . TYR A 1 197 ? -7.683  -7.921  7.106   1.00 10.58 ? 197  TYR A OH  1 
ATOM   1381 N N   . GLN A 1 198 ? -6.230  -12.297 3.120   1.00 14.02 ? 198  GLN A N   1 
ATOM   1382 C CA  . GLN A 1 198 ? -5.748  -13.328 3.997   1.00 14.85 ? 198  GLN A CA  1 
ATOM   1383 C C   . GLN A 1 198 ? -5.202  -12.629 5.234   1.00 14.81 ? 198  GLN A C   1 
ATOM   1384 O O   . GLN A 1 198 ? -4.665  -11.525 5.141   1.00 14.69 ? 198  GLN A O   1 
ATOM   1385 C CB  . GLN A 1 198 ? -4.645  -14.131 3.313   1.00 16.56 ? 198  GLN A CB  1 
ATOM   1386 C CG  . GLN A 1 198 ? -4.681  -14.196 1.772   1.00 17.93 ? 198  GLN A CG  1 
ATOM   1387 C CD  . GLN A 1 198 ? -3.314  -14.509 1.170   1.00 20.05 ? 198  GLN A CD  1 
ATOM   1388 O OE1 . GLN A 1 198 ? -2.285  -13.937 1.573   1.00 20.63 ? 198  GLN A OE1 1 
ATOM   1389 N NE2 . GLN A 1 198 ? -3.291  -15.423 0.202   1.00 21.52 ? 198  GLN A NE2 1 
ATOM   1390 N N   . SER A 1 199 ? -5.361  -13.240 6.399   1.00 14.71 ? 199  SER A N   1 
ATOM   1391 C CA  . SER A 1 199 ? -4.857  -12.625 7.623   1.00 14.63 ? 199  SER A CA  1 
ATOM   1392 C C   . SER A 1 199 ? -3.414  -12.985 7.753   1.00 14.56 ? 199  SER A C   1 
ATOM   1393 O O   . SER A 1 199 ? -2.950  -13.955 7.148   1.00 15.21 ? 199  SER A O   1 
ATOM   1394 C CB  . SER A 1 199 ? -5.627  -13.081 8.862   1.00 14.61 ? 199  SER A CB  1 
ATOM   1395 O OG  . SER A 1 199 ? -5.453  -14.461 9.097   1.00 14.58 ? 199  SER A OG  1 
ATOM   1396 N N   . HIS A 1 200 ? -2.697  -12.195 8.534   1.00 14.57 ? 200  HIS A N   1 
ATOM   1397 C CA  . HIS A 1 200 ? -1.286  -12.446 8.764   1.00 14.90 ? 200  HIS A CA  1 
ATOM   1398 C C   . HIS A 1 200 ? -1.090  -13.731 9.596   1.00 15.55 ? 200  HIS A C   1 
ATOM   1399 O O   . HIS A 1 200 ? -0.067  -14.403 9.476   1.00 15.01 ? 200  HIS A O   1 
ATOM   1400 C CB  . HIS A 1 200 ? -0.652  -11.234 9.451   1.00 14.66 ? 200  HIS A CB  1 
ATOM   1401 C CG  . HIS A 1 200 ? -0.803  -9.964  8.684   1.00 14.34 ? 200  HIS A CG  1 
ATOM   1402 N ND1 . HIS A 1 200 ? -0.399  -9.835  7.371   1.00 14.09 ? 200  HIS A ND1 1 
ATOM   1403 C CD2 . HIS A 1 200 ? -1.307  -8.760  9.043   1.00 14.36 ? 200  HIS A CD2 1 
ATOM   1404 C CE1 . HIS A 1 200 ? -0.652  -8.608  6.953   1.00 13.98 ? 200  HIS A CE1 1 
ATOM   1405 N NE2 . HIS A 1 200 ? -1.199  -7.934  7.950   1.00 14.27 ? 200  HIS A NE2 1 
ATOM   1406 N N   . ALA A 1 201 ? -2.080  -14.065 10.421  1.00 16.62 ? 201  ALA A N   1 
ATOM   1407 C CA  . ALA A 1 201 ? -2.080  -15.332 11.165  1.00 18.10 ? 201  ALA A CA  1 
ATOM   1408 C C   . ALA A 1 201 ? -2.109  -16.534 10.220  1.00 19.09 ? 201  ALA A C   1 
ATOM   1409 O O   . ALA A 1 201 ? -1.254  -17.419 10.291  1.00 19.60 ? 201  ALA A O   1 
ATOM   1410 C CB  . ALA A 1 201 ? -3.258  -15.391 12.133  1.00 17.73 ? 201  ALA A CB  1 
ATOM   1411 N N   . ASP A 1 202 ? -3.088  -16.547 9.327   1.00 20.14 ? 202  ASP A N   1 
ATOM   1412 C CA  . ASP A 1 202 ? -3.206  -17.610 8.341   1.00 21.41 ? 202  ASP A CA  1 
ATOM   1413 C C   . ASP A 1 202 ? -1.952  -17.751 7.461   1.00 23.05 ? 202  ASP A C   1 
ATOM   1414 O O   . ASP A 1 202 ? -1.639  -18.850 6.998   1.00 23.91 ? 202  ASP A O   1 
ATOM   1415 C CB  . ASP A 1 202 ? -4.446  -17.372 7.473   1.00 21.40 ? 202  ASP A CB  1 
ATOM   1416 C CG  . ASP A 1 202 ? -5.745  -17.694 8.205   1.00 21.44 ? 202  ASP A CG  1 
ATOM   1417 O OD1 . ASP A 1 202 ? -5.724  -17.811 9.444   1.00 21.39 ? 202  ASP A OD1 1 
ATOM   1418 O OD2 . ASP A 1 202 ? -6.796  -17.836 7.543   1.00 21.86 ? 202  ASP A OD2 1 
ATOM   1419 N N   . THR A 1 203 ? -1.237  -16.649 7.242   1.00 24.40 ? 203  THR A N   1 
ATOM   1420 C CA  . THR A 1 203 ? -0.059  -16.634 6.364   1.00 25.63 ? 203  THR A CA  1 
ATOM   1421 C C   . THR A 1 203 ? 1.217   -17.089 7.096   1.00 26.37 ? 203  THR A C   1 
ATOM   1422 O O   . THR A 1 203 ? 2.032   -17.830 6.542   1.00 25.79 ? 203  THR A O   1 
ATOM   1423 C CB  . THR A 1 203 ? 0.149   -15.226 5.761   1.00 25.77 ? 203  THR A CB  1 
ATOM   1424 O OG1 . THR A 1 203 ? -1.091  -14.746 5.223   1.00 25.92 ? 203  THR A OG1 1 
ATOM   1425 C CG2 . THR A 1 203 ? 1.186   -15.261 4.654   1.00 25.87 ? 203  THR A CG2 1 
ATOM   1426 N N   . ALA A 1 204 ? 1.394   -16.617 8.327   1.00 27.33 ? 204  ALA A N   1 
ATOM   1427 C CA  . ALA A 1 204 ? 2.393   -17.184 9.241   1.00 28.51 ? 204  ALA A CA  1 
ATOM   1428 C C   . ALA A 1 204 ? 2.184   -18.714 9.296   1.00 28.62 ? 204  ALA A C   1 
ATOM   1429 O O   . ALA A 1 204 ? 2.977   -19.474 8.735   1.00 29.23 ? 204  ALA A O   1 
ATOM   1430 C CB  . ALA A 1 204 ? 2.273   -16.548 10.632  1.00 27.73 ? 204  ALA A CB  1 
ATOM   1431 N N   . THR A 1 205 ? 1.105   -19.141 9.949   1.00 28.28 ? 205  THR A N   1 
ATOM   1432 C CA  . THR A 1 205 ? 0.598   -20.510 9.856   1.00 28.55 ? 205  THR A CA  1 
ATOM   1433 C C   . THR A 1 205 ? 0.568   -21.029 8.418   1.00 28.08 ? 205  THR A C   1 
ATOM   1434 O O   . THR A 1 205 ? 0.455   -22.228 8.196   1.00 28.26 ? 205  THR A O   1 
ATOM   1435 C CB  . THR A 1 205 ? -0.842  -20.567 10.407  1.00 27.95 ? 205  THR A CB  1 
ATOM   1436 O OG1 . THR A 1 205 ? -0.824  -20.209 11.792  1.00 27.22 ? 205  THR A OG1 1 
ATOM   1437 C CG2 . THR A 1 205 ? -1.463  -21.953 10.243  1.00 27.68 ? 205  THR A CG2 1 
ATOM   1438 N N   . LYS A 1 212 ? -5.115  -19.876 2.527   1.00 34.08 ? 212  LYS A N   1 
ATOM   1439 C CA  . LYS A 1 212 ? -6.486  -19.669 2.066   1.00 34.72 ? 212  LYS A CA  1 
ATOM   1440 C C   . LYS A 1 212 ? -6.969  -18.221 2.222   1.00 32.68 ? 212  LYS A C   1 
ATOM   1441 O O   . LYS A 1 212 ? -6.389  -17.432 2.968   1.00 32.36 ? 212  LYS A O   1 
ATOM   1442 C CB  . LYS A 1 212 ? -7.452  -20.639 2.768   1.00 36.62 ? 212  LYS A CB  1 
ATOM   1443 C CG  . LYS A 1 212 ? -7.371  -20.643 4.289   1.00 39.18 ? 212  LYS A CG  1 
ATOM   1444 C CD  . LYS A 1 212 ? -8.548  -21.384 4.933   1.00 40.08 ? 212  LYS A CD  1 
ATOM   1445 C CE  . LYS A 1 212 ? -8.487  -21.288 6.463   1.00 40.98 ? 212  LYS A CE  1 
ATOM   1446 N NZ  . LYS A 1 212 ? -9.812  -21.095 7.126   1.00 40.06 ? 212  LYS A NZ  1 
ATOM   1447 N N   . ASN A 1 213 ? -8.026  -17.885 1.490   1.00 31.24 ? 213  ASN A N   1 
ATOM   1448 C CA  . ASN A 1 213 ? -8.606  -16.541 1.506   1.00 29.84 ? 213  ASN A CA  1 
ATOM   1449 C C   . ASN A 1 213 ? -9.821  -16.479 2.437   1.00 28.66 ? 213  ASN A C   1 
ATOM   1450 O O   . ASN A 1 213 ? -10.786 -17.221 2.249   1.00 28.90 ? 213  ASN A O   1 
ATOM   1451 C CB  . ASN A 1 213 ? -9.025  -16.130 0.089   1.00 28.94 ? 213  ASN A CB  1 
ATOM   1452 C CG  . ASN A 1 213 ? -7.853  -16.096 -0.886  1.00 28.24 ? 213  ASN A CG  1 
ATOM   1453 O OD1 . ASN A 1 213 ? -6.791  -15.575 -0.578  1.00 27.80 ? 213  ASN A OD1 1 
ATOM   1454 N ND2 . ASN A 1 213 ? -8.057  -16.629 -2.077  1.00 27.65 ? 213  ASN A ND2 1 
ATOM   1455 N N   . ARG A 1 214 ? -9.758  -15.610 3.441   1.00 26.65 ? 214  ARG A N   1 
ATOM   1456 C CA  . ARG A 1 214 ? -10.917 -15.300 4.281   1.00 26.15 ? 214  ARG A CA  1 
ATOM   1457 C C   . ARG A 1 214 ? -12.044 -14.641 3.470   1.00 24.48 ? 214  ARG A C   1 
ATOM   1458 O O   . ARG A 1 214 ? -13.228 -14.827 3.773   1.00 23.08 ? 214  ARG A O   1 
ATOM   1459 C CB  . ARG A 1 214 ? -10.522 -14.339 5.411   1.00 26.61 ? 214  ARG A CB  1 
ATOM   1460 C CG  . ARG A 1 214 ? -9.572  -14.922 6.439   1.00 27.61 ? 214  ARG A CG  1 
ATOM   1461 C CD  . ARG A 1 214 ? -10.292 -15.903 7.342   1.00 28.04 ? 214  ARG A CD  1 
ATOM   1462 N NE  . ARG A 1 214 ? -9.546  -16.215 8.554   1.00 28.63 ? 214  ARG A NE  1 
ATOM   1463 C CZ  . ARG A 1 214 ? -9.435  -15.407 9.605   1.00 29.21 ? 214  ARG A CZ  1 
ATOM   1464 N NH1 . ARG A 1 214 ? -9.995  -14.199 9.593   1.00 30.21 ? 214  ARG A NH1 1 
ATOM   1465 N NH2 . ARG A 1 214 ? -8.741  -15.804 10.671  1.00 28.07 ? 214  ARG A NH2 1 
ATOM   1466 N N   . PHE A 1 215 ? -11.653 -13.828 2.487   1.00 22.41 ? 215  PHE A N   1 
ATOM   1467 C CA  . PHE A 1 215 ? -12.591 -13.088 1.657   1.00 21.62 ? 215  PHE A CA  1 
ATOM   1468 C C   . PHE A 1 215 ? -12.047 -12.990 0.236   1.00 21.08 ? 215  PHE A C   1 
ATOM   1469 O O   . PHE A 1 215 ? -10.837 -12.965 0.012   1.00 20.39 ? 215  PHE A O   1 
ATOM   1470 C CB  . PHE A 1 215 ? -12.840 -11.662 2.185   1.00 21.35 ? 215  PHE A CB  1 
ATOM   1471 C CG  . PHE A 1 215 ? -13.205 -11.588 3.644   1.00 21.70 ? 215  PHE A CG  1 
ATOM   1472 C CD1 . PHE A 1 215 ? -14.449 -12.019 4.090   1.00 22.35 ? 215  PHE A CD1 1 
ATOM   1473 C CD2 . PHE A 1 215 ? -12.316 -11.064 4.573   1.00 21.19 ? 215  PHE A CD2 1 
ATOM   1474 C CE1 . PHE A 1 215 ? -14.789 -11.943 5.440   1.00 21.98 ? 215  PHE A CE1 1 
ATOM   1475 C CE2 . PHE A 1 215 ? -12.648 -10.986 5.913   1.00 21.42 ? 215  PHE A CE2 1 
ATOM   1476 C CZ  . PHE A 1 215 ? -13.885 -11.423 6.353   1.00 21.50 ? 215  PHE A CZ  1 
ATOM   1477 N N   . VAL A 1 216 ? -12.963 -12.925 -0.718  1.00 21.15 ? 216  VAL A N   1 
ATOM   1478 C CA  . VAL A 1 216 ? -12.609 -12.702 -2.099  1.00 21.97 ? 216  VAL A CA  1 
ATOM   1479 C C   . VAL A 1 216 ? -13.543 -11.649 -2.695  1.00 22.74 ? 216  VAL A C   1 
ATOM   1480 O O   . VAL A 1 216 ? -14.732 -11.591 -2.351  1.00 23.64 ? 216  VAL A O   1 
ATOM   1481 C CB  . VAL A 1 216 ? -12.634 -14.017 -2.903  1.00 22.27 ? 216  VAL A CB  1 
ATOM   1482 C CG1 . VAL A 1 216 ? -11.507 -14.927 -2.427  1.00 22.75 ? 216  VAL A CG1 1 
ATOM   1483 C CG2 . VAL A 1 216 ? -13.981 -14.723 -2.778  1.00 22.49 ? 216  VAL A CG2 1 
ATOM   1484 N N   . VAL A 1 217 ? -12.986 -10.809 -3.563  1.00 22.52 ? 217  VAL A N   1 
ATOM   1485 C CA  . VAL A 1 217 ? -13.710 -9.699  -4.180  1.00 22.84 ? 217  VAL A CA  1 
ATOM   1486 C C   . VAL A 1 217 ? -13.440 -9.741  -5.691  1.00 23.21 ? 217  VAL A C   1 
ATOM   1487 O O   . VAL A 1 217 ? -12.514 -10.428 -6.147  1.00 22.62 ? 217  VAL A O   1 
ATOM   1488 C CB  . VAL A 1 217 ? -13.278 -8.353  -3.528  1.00 23.36 ? 217  VAL A CB  1 
ATOM   1489 C CG1 . VAL A 1 217 ? -13.262 -7.192  -4.514  1.00 23.33 ? 217  VAL A CG1 1 
ATOM   1490 C CG2 . VAL A 1 217 ? -14.175 -8.024  -2.330  1.00 23.88 ? 217  VAL A CG2 1 
ATOM   1491 O OXT . VAL A 1 217 ? -14.134 -9.110  -6.492  1.00 22.50 ? 217  VAL A OXT 1 
ATOM   1492 N N   . LYS B 2 1   ? -11.905 16.490  8.047   1.00 25.76 ? 51   LYS B N   1 
ATOM   1493 C CA  . LYS B 2 1   ? -11.298 15.260  7.440   1.00 26.27 ? 51   LYS B CA  1 
ATOM   1494 C C   . LYS B 2 1   ? -10.970 15.559  5.995   1.00 25.64 ? 51   LYS B C   1 
ATOM   1495 O O   . LYS B 2 1   ? -11.816 16.104  5.273   1.00 25.24 ? 51   LYS B O   1 
ATOM   1496 C CB  . LYS B 2 1   ? -12.251 14.064  7.495   1.00 27.13 ? 51   LYS B CB  1 
ATOM   1497 C CG  . LYS B 2 1   ? -12.584 13.587  8.896   1.00 28.19 ? 51   LYS B CG  1 
ATOM   1498 C CD  . LYS B 2 1   ? -13.262 12.221  8.864   1.00 29.08 ? 51   LYS B CD  1 
ATOM   1499 C CE  . LYS B 2 1   ? -13.622 11.730  10.263  1.00 29.12 ? 51   LYS B CE  1 
ATOM   1500 N NZ  . LYS B 2 1   ? -12.408 11.465  11.083  1.00 29.20 ? 51   LYS B NZ  1 
ATOM   1501 N N   . LYS B 2 2   ? -9.750  15.211  5.583   1.00 23.73 ? 52   LYS B N   1 
ATOM   1502 C CA  . LYS B 2 2   ? -9.271  15.542  4.258   1.00 22.52 ? 52   LYS B CA  1 
ATOM   1503 C C   . LYS B 2 2   ? -9.414  14.344  3.356   1.00 21.65 ? 52   LYS B C   1 
ATOM   1504 O O   . LYS B 2 2   ? -8.855  13.275  3.647   1.00 21.34 ? 52   LYS B O   1 
ATOM   1505 C CB  . LYS B 2 2   ? -7.800  15.955  4.287   1.00 22.69 ? 52   LYS B CB  1 
ATOM   1506 C CG  . LYS B 2 2   ? -7.451  17.062  5.263   1.00 23.27 ? 52   LYS B CG  1 
ATOM   1507 C CD  . LYS B 2 2   ? -8.205  18.355  4.992   1.00 23.97 ? 52   LYS B CD  1 
ATOM   1508 C CE  . LYS B 2 2   ? -7.840  18.959  3.655   1.00 24.12 ? 52   LYS B CE  1 
ATOM   1509 N NZ  . LYS B 2 2   ? -8.310  20.372  3.589   1.00 24.63 ? 52   LYS B NZ  1 
ATOM   1510 N N   . ARG B 2 3   ? -10.161 14.530  2.264   1.00 20.10 ? 53   ARG B N   1 
ATOM   1511 C CA  . ARG B 2 3   ? -10.247 13.539  1.200   1.00 19.27 ? 53   ARG B CA  1 
ATOM   1512 C C   . ARG B 2 3   ? -9.861  14.183  -0.159  1.00 17.86 ? 53   ARG B C   1 
ATOM   1513 O O   . ARG B 2 3   ? -10.195 15.348  -0.411  1.00 18.04 ? 53   ARG B O   1 
ATOM   1514 C CB  . ARG B 2 3   ? -11.651 12.930  1.192   1.00 19.57 ? 53   ARG B CB  1 
ATOM   1515 C CG  . ARG B 2 3   ? -11.861 11.876  0.124   1.00 20.38 ? 53   ARG B CG  1 
ATOM   1516 C CD  . ARG B 2 3   ? -13.216 11.186  0.202   1.00 20.59 ? 53   ARG B CD  1 
ATOM   1517 N NE  . ARG B 2 3   ? -13.240 10.028  -0.698  1.00 20.94 ? 53   ARG B NE  1 
ATOM   1518 C CZ  . ARG B 2 3   ? -14.306 9.272   -0.956  1.00 21.59 ? 53   ARG B CZ  1 
ATOM   1519 N NH1 . ARG B 2 3   ? -15.489 9.533   -0.386  1.00 21.72 ? 53   ARG B NH1 1 
ATOM   1520 N NH2 . ARG B 2 3   ? -14.186 8.243   -1.799  1.00 21.36 ? 53   ARG B NH2 1 
ATOM   1521 N N   . TYR B 2 4   ? -9.115  13.450  -0.995  1.00 15.84 ? 54   TYR B N   1 
ATOM   1522 C CA  . TYR B 2 4   ? -8.773  13.893  -2.367  1.00 14.89 ? 54   TYR B CA  1 
ATOM   1523 C C   . TYR B 2 4   ? -8.971  12.750  -3.371  1.00 14.39 ? 54   TYR B C   1 
ATOM   1524 O O   . TYR B 2 4   ? -8.541  11.621  -3.131  1.00 13.52 ? 54   TYR B O   1 
ATOM   1525 C CB  . TYR B 2 4   ? -7.315  14.339  -2.497  1.00 14.44 ? 54   TYR B CB  1 
ATOM   1526 C CG  . TYR B 2 4   ? -6.861  15.390  -1.520  1.00 14.13 ? 54   TYR B CG  1 
ATOM   1527 C CD1 . TYR B 2 4   ? -6.359  15.033  -0.280  1.00 13.75 ? 54   TYR B CD1 1 
ATOM   1528 C CD2 . TYR B 2 4   ? -6.890  16.739  -1.852  1.00 13.91 ? 54   TYR B CD2 1 
ATOM   1529 C CE1 . TYR B 2 4   ? -5.944  15.992  0.623   1.00 13.55 ? 54   TYR B CE1 1 
ATOM   1530 C CE2 . TYR B 2 4   ? -6.469  17.696  -0.952  1.00 13.75 ? 54   TYR B CE2 1 
ATOM   1531 C CZ  . TYR B 2 4   ? -6.000  17.310  0.279   1.00 13.41 ? 54   TYR B CZ  1 
ATOM   1532 O OH  . TYR B 2 4   ? -5.570  18.250  1.160   1.00 13.38 ? 54   TYR B OH  1 
ATOM   1533 N N   . SER B 2 5   ? -9.579  13.068  -4.508  1.00 13.99 ? 55   SER B N   1 
ATOM   1534 C CA  . SER B 2 5   ? -9.804  12.089  -5.544  1.00 14.15 ? 55   SER B CA  1 
ATOM   1535 C C   . SER B 2 5   ? -8.506  11.842  -6.315  1.00 14.21 ? 55   SER B C   1 
ATOM   1536 O O   . SER B 2 5   ? -7.556  12.626  -6.233  1.00 13.97 ? 55   SER B O   1 
ATOM   1537 C CB  . SER B 2 5   ? -10.928 12.558  -6.491  1.00 14.35 ? 55   SER B CB  1 
ATOM   1538 O OG  . SER B 2 5   ? -10.661 13.844  -7.062  1.00 14.11 ? 55   SER B OG  1 
ATOM   1539 N N   . ARG B 2 6   ? -8.471  10.736  -7.052  1.00 14.03 ? 56   ARG B N   1 
ATOM   1540 C CA  . ARG B 2 6   ? -7.396  10.483  -8.004  1.00 14.21 ? 56   ARG B CA  1 
ATOM   1541 C C   . ARG B 2 6   ? -7.091  11.740  -8.843  1.00 13.65 ? 56   ARG B C   1 
ATOM   1542 O O   . ARG B 2 6   ? -5.977  12.289  -8.768  1.00 13.23 ? 56   ARG B O   1 
ATOM   1543 C CB  . ARG B 2 6   ? -7.797  9.321   -8.916  1.00 14.76 ? 56   ARG B CB  1 
ATOM   1544 C CG  . ARG B 2 6   ? -6.704  8.875   -9.851  1.00 15.55 ? 56   ARG B CG  1 
ATOM   1545 C CD  . ARG B 2 6   ? -7.147  7.789   -10.823 1.00 16.04 ? 56   ARG B CD  1 
ATOM   1546 N NE  . ARG B 2 6   ? -5.964  7.320   -11.533 1.00 16.82 ? 56   ARG B NE  1 
ATOM   1547 C CZ  . ARG B 2 6   ? -5.328  7.993   -12.496 1.00 17.55 ? 56   ARG B CZ  1 
ATOM   1548 N NH1 . ARG B 2 6   ? -5.792  9.165   -12.920 1.00 17.72 ? 56   ARG B NH1 1 
ATOM   1549 N NH2 . ARG B 2 6   ? -4.223  7.478   -13.060 1.00 18.06 ? 56   ARG B NH2 1 
HETATM 1550 C C   . MK8 B 2 7   ? -7.190  14.807  -9.522  1.00 11.53 ? 57   MK8 B C   1 
HETATM 1551 N N   . MK8 B 2 7   ? -7.876  12.480  -9.548  1.00 12.52 ? 57   MK8 B N   1 
HETATM 1552 O O   . MK8 B 2 7   ? -6.251  15.507  -9.983  1.00 11.20 ? 57   MK8 B O   1 
HETATM 1553 C CA  . MK8 B 2 7   ? -7.785  13.692  -10.377 1.00 11.89 ? 57   MK8 B CA  1 
HETATM 1554 C CB  . MK8 B 2 7   ? -9.202  14.029  -10.837 1.00 11.64 ? 57   MK8 B CB  1 
HETATM 1555 C CD  . MK8 B 2 7   ? -9.388  16.604  -11.067 1.00 11.60 ? 57   MK8 B CD  1 
HETATM 1556 C CE  . MK8 B 2 7   ? -9.263  17.719  -12.094 1.00 11.70 ? 57   MK8 B CE  1 
HETATM 1557 C CG  . MK8 B 2 7   ? -9.319  15.243  -11.780 1.00 11.69 ? 57   MK8 B CG  1 
HETATM 1558 C CB1 . MK8 B 2 7   ? -6.863  13.380  -11.561 1.00 11.87 ? 57   MK8 B CB1 1 
ATOM   1559 N N   . GLN B 2 8   ? -7.635  15.080  -8.354  1.00 10.92 ? 58   GLN B N   1 
ATOM   1560 C CA  . GLN B 2 8   ? -7.129  16.124  -7.422  1.00 10.55 ? 58   GLN B CA  1 
ATOM   1561 C C   . GLN B 2 8   ? -5.673  15.919  -7.125  1.00 10.41 ? 58   GLN B C   1 
ATOM   1562 O O   . GLN B 2 8   ? -4.918  16.880  -7.118  1.00 10.15 ? 58   GLN B O   1 
ATOM   1563 C CB  . GLN B 2 8   ? -7.922  16.130  -6.119  1.00 10.31 ? 58   GLN B CB  1 
ATOM   1564 C CG  . GLN B 2 8   ? -9.273  16.799  -6.256  1.00 10.22 ? 58   GLN B CG  1 
ATOM   1565 C CD  . GLN B 2 8   ? -10.102 16.681  -4.995  1.00 10.07 ? 58   GLN B CD  1 
ATOM   1566 O OE1 . GLN B 2 8   ? -10.794 15.674  -4.782  1.00 10.05 ? 58   GLN B OE1 1 
ATOM   1567 N NE2 . GLN B 2 8   ? -10.037 17.697  -4.149  1.00 9.93  ? 58   GLN B NE2 1 
ATOM   1568 N N   . LEU B 2 9   ? -5.295  14.660  -6.893  1.00 10.61 ? 59   LEU B N   1 
ATOM   1569 C CA  . LEU B 2 9   ? -3.946  14.321  -6.492  1.00 10.70 ? 59   LEU B CA  1 
ATOM   1570 C C   . LEU B 2 9   ? -2.959  14.436  -7.639  1.00 10.99 ? 59   LEU B C   1 
ATOM   1571 O O   . LEU B 2 9   ? -1.861  14.930  -7.421  1.00 11.32 ? 59   LEU B O   1 
ATOM   1572 C CB  . LEU B 2 9   ? -3.894  12.932  -5.869  1.00 10.79 ? 59   LEU B CB  1 
ATOM   1573 C CG  . LEU B 2 9   ? -4.546  12.742  -4.494  1.00 10.80 ? 59   LEU B CG  1 
ATOM   1574 C CD1 . LEU B 2 9   ? -4.424  11.283  -4.064  1.00 10.71 ? 59   LEU B CD1 1 
ATOM   1575 C CD2 . LEU B 2 9   ? -3.933  13.655  -3.442  1.00 10.86 ? 59   LEU B CD2 1 
ATOM   1576 N N   . LEU B 2 10  ? -3.330  14.007  -8.848  1.00 11.07 ? 60   LEU B N   1 
ATOM   1577 C CA  . LEU B 2 10  ? -2.460  14.222  -10.017 1.00 11.08 ? 60   LEU B CA  1 
ATOM   1578 C C   . LEU B 2 10  ? -2.357  15.704  -10.395 1.00 11.33 ? 60   LEU B C   1 
ATOM   1579 O O   . LEU B 2 10  ? -1.301  16.118  -10.900 1.00 11.32 ? 60   LEU B O   1 
ATOM   1580 C CB  . LEU B 2 10  ? -2.925  13.442  -11.252 1.00 11.02 ? 60   LEU B CB  1 
ATOM   1581 C CG  . LEU B 2 10  ? -2.898  11.923  -11.227 1.00 11.04 ? 60   LEU B CG  1 
ATOM   1582 C CD1 . LEU B 2 10  ? -3.420  11.410  -12.556 1.00 11.03 ? 60   LEU B CD1 1 
ATOM   1583 C CD2 . LEU B 2 10  ? -1.495  11.389  -10.946 1.00 11.08 ? 60   LEU B CD2 1 
HETATM 1584 C C   . MK8 B 2 11  ? -2.524  18.889  -9.848  1.00 11.66 ? 61   MK8 B C   1 
HETATM 1585 N N   . MK8 B 2 11  ? -3.234  16.641  -10.503 1.00 11.50 ? 61   MK8 B N   1 
HETATM 1586 O O   . MK8 B 2 11  ? -1.798  19.772  -10.413 1.00 12.41 ? 61   MK8 B O   1 
HETATM 1587 C CA  . MK8 B 2 11  ? -3.443  18.085  -10.744 1.00 11.33 ? 61   MK8 B CA  1 
HETATM 1588 C CB  . MK8 B 2 11  ? -4.879  18.459  -10.383 1.00 11.36 ? 61   MK8 B CB  1 
HETATM 1589 C CD  . MK8 B 2 11  ? -7.259  18.830  -11.023 1.00 11.41 ? 61   MK8 B CD  1 
HETATM 1590 C CE  . MK8 B 2 11  ? -8.330  18.691  -12.082 1.00 11.46 ? 61   MK8 B CE  1 
HETATM 1591 C CG  . MK8 B 2 11  ? -5.867  18.512  -11.556 1.00 11.37 ? 61   MK8 B CG  1 
HETATM 1592 C CB1 . MK8 B 2 11  ? -3.101  18.410  -12.203 1.00 11.19 ? 61   MK8 B CB1 1 
ATOM   1593 N N   . LEU B 2 12  ? -2.384  18.710  -8.583  1.00 11.43 ? 62   LEU B N   1 
ATOM   1594 C CA  . LEU B 2 12  ? -1.680  19.237  -7.380  1.00 11.41 ? 62   LEU B CA  1 
ATOM   1595 C C   . LEU B 2 12  ? -0.195  18.823  -7.320  1.00 11.41 ? 62   LEU B C   1 
ATOM   1596 O O   . LEU B 2 12  ? 0.236   17.935  -8.038  1.00 11.85 ? 62   LEU B O   1 
ATOM   1597 C CB  . LEU B 2 12  ? -2.406  18.779  -6.120  1.00 11.44 ? 62   LEU B CB  1 
ATOM   1598 C CG  . LEU B 2 12  ? -3.115  19.771  -5.194  1.00 11.44 ? 62   LEU B CG  1 
ATOM   1599 C CD1 . LEU B 2 12  ? -3.492  21.096  -5.818  1.00 11.25 ? 62   LEU B CD1 1 
ATOM   1600 C CD2 . LEU B 2 12  ? -4.348  19.088  -4.613  1.00 11.51 ? 62   LEU B CD2 1 
HETATM 1601 N N   . NH2 B 2 13  ? 0.464   19.317  -6.318  1.00 11.34 ? 63   NH2 B N   1 
HETATM 1602 O O   . HOH C 3 .   ? -6.836  24.467  -3.707  1.00 10.94 ? 2001 HOH A O   1 
HETATM 1603 O O   . HOH C 3 .   ? -6.052  13.017  2.501   1.00 6.57  ? 2002 HOH A O   1 
HETATM 1604 O O   . HOH C 3 .   ? -3.872  10.699  4.063   1.00 4.94  ? 2003 HOH A O   1 
HETATM 1605 O O   . HOH C 3 .   ? -0.947  10.193  11.241  1.00 17.62 ? 2004 HOH A O   1 
HETATM 1606 O O   . HOH C 3 .   ? 9.630   -1.690  2.501   1.00 20.16 ? 2005 HOH A O   1 
HETATM 1607 O O   . HOH C 3 .   ? 18.871  -6.722  -3.830  1.00 33.25 ? 2006 HOH A O   1 
HETATM 1608 O O   . HOH C 3 .   ? 14.082  -10.350 0.429   1.00 13.44 ? 2007 HOH A O   1 
HETATM 1609 O O   . HOH C 3 .   ? 11.532  13.832  -0.883  1.00 20.65 ? 2008 HOH A O   1 
HETATM 1610 O O   . HOH C 3 .   ? 8.854   7.039   -8.595  1.00 3.82  ? 2009 HOH A O   1 
HETATM 1611 O O   . HOH C 3 .   ? 4.845   3.406   -9.473  1.00 8.64  ? 2010 HOH A O   1 
HETATM 1612 O O   . HOH C 3 .   ? 8.147   4.837   -7.068  1.00 16.76 ? 2011 HOH A O   1 
HETATM 1613 O O   . HOH C 3 .   ? 12.768  4.854   -11.843 1.00 4.56  ? 2012 HOH A O   1 
HETATM 1614 O O   . HOH C 3 .   ? 7.052   2.671   -8.229  1.00 11.57 ? 2013 HOH A O   1 
HETATM 1615 O O   . HOH C 3 .   ? 8.967   -4.988  3.758   1.00 5.69  ? 2014 HOH A O   1 
HETATM 1616 O O   . HOH C 3 .   ? -2.183  -5.086  8.787   1.00 5.85  ? 2015 HOH A O   1 
HETATM 1617 O O   . HOH C 3 .   ? 5.334   -1.237  -14.425 1.00 4.14  ? 2016 HOH A O   1 
HETATM 1618 O O   . HOH C 3 .   ? 2.505   0.136   -15.038 1.00 10.73 ? 2017 HOH A O   1 
HETATM 1619 O O   . HOH C 3 .   ? 7.247   3.664   -4.359  1.00 3.08  ? 2018 HOH A O   1 
HETATM 1620 O O   . HOH C 3 .   ? -15.036 4.918   -1.800  1.00 5.48  ? 2019 HOH A O   1 
HETATM 1621 O O   . HOH C 3 .   ? 2.706   -7.236  -1.500  1.00 11.33 ? 2020 HOH A O   1 
HETATM 1622 O O   . HOH C 3 .   ? 7.726   -13.129 0.973   1.00 15.06 ? 2021 HOH A O   1 
HETATM 1623 O O   . HOH C 3 .   ? -16.282 -3.587  10.359  1.00 25.37 ? 2022 HOH A O   1 
HETATM 1624 O O   . HOH C 3 .   ? -18.868 -2.335  -6.681  1.00 17.59 ? 2023 HOH A O   1 
HETATM 1625 O O   . HOH C 3 .   ? -6.624  -16.152 5.497   1.00 10.38 ? 2024 HOH A O   1 
HETATM 1626 O O   . HOH D 3 .   ? -13.407 9.563   -6.319  0.50 9.99  ? 2001 HOH B O   1 
HETATM 1627 O O   . HOH D 3 .   ? -10.619 18.231  -1.050  1.00 9.85  ? 2002 HOH B O   1 
HETATM 1628 O O   . HOH D 3 .   ? -10.541 11.310  -9.478  1.00 4.17  ? 2003 HOH B O   1 
HETATM 1629 O O   . HOH D 3 .   ? -10.823 9.046   -7.664  1.00 17.27 ? 2004 HOH B O   1 
# 
